data_7K5F
#
_entry.id   7K5F
#
_cell.length_a   129.582
_cell.length_b   194.445
_cell.length_c   203.310
_cell.angle_alpha   90.000
_cell.angle_beta   90.000
_cell.angle_gamma   90.000
#
_symmetry.space_group_name_H-M   'C 2 2 21'
#
loop_
_entity.id
_entity.type
_entity.pdbx_description
1 polymer Ferroxidase
2 non-polymer 'POTASSIUM ION'
3 non-polymer 'PROTOPORPHYRIN IX CONTAINING FE'
4 non-polymer 4-{[(3-chloro-5-hydroxyphenyl)methyl]amino}-1H-isoindole-1,3(2H)-dione
5 water water
#
_entity_poly.entity_id   1
_entity_poly.type   'polypeptide(L)'
_entity_poly.pdbx_seq_one_letter_code
;MKGDKKVIQHLNKILGNELIAINQYFLHSRMWNDWGLKRLGAHEYHESIDEMKHADKLIERILFLEGLPNLQDLGKLLIG
ENTQEMLQCDLNLELKATKDLREAIVHCEQVHDYVSRDLLKDILESEEEHIDYLETQLGLIQKVGLENYLQSHMHEDD
;
_entity_poly.pdbx_strand_id   A,B,C,D,E,F,G,H,I,J,K,L
#
# COMPACT_ATOMS: atom_id res chain seq x y z
N MET A 1 32.91 3.14 -47.03
CA MET A 1 34.13 3.82 -46.52
C MET A 1 35.26 2.81 -46.41
N LYS A 2 36.28 2.93 -47.26
CA LYS A 2 37.31 1.91 -47.33
C LYS A 2 38.06 1.83 -46.01
N GLY A 3 37.99 0.66 -45.35
CA GLY A 3 38.64 0.48 -44.07
C GLY A 3 40.06 -0.08 -44.19
N ASP A 4 40.73 -0.13 -43.05
CA ASP A 4 42.06 -0.71 -42.93
C ASP A 4 41.98 -2.22 -43.17
N LYS A 5 42.89 -2.75 -44.00
CA LYS A 5 42.80 -4.17 -44.36
C LYS A 5 42.93 -5.08 -43.14
N LYS A 6 43.88 -4.80 -42.25
CA LYS A 6 44.07 -5.67 -41.09
C LYS A 6 42.94 -5.49 -40.07
N VAL A 7 42.41 -4.28 -39.93
CA VAL A 7 41.24 -4.11 -39.07
C VAL A 7 40.16 -5.10 -39.50
N ILE A 8 39.90 -5.16 -40.81
CA ILE A 8 38.84 -6.02 -41.35
C ILE A 8 39.17 -7.47 -41.08
N GLN A 9 40.43 -7.85 -41.24
CA GLN A 9 40.83 -9.21 -40.91
C GLN A 9 40.59 -9.50 -39.44
N HIS A 10 40.92 -8.54 -38.56
CA HIS A 10 40.61 -8.69 -37.15
C HIS A 10 39.11 -8.85 -36.93
N LEU A 11 38.30 -8.01 -37.61
CA LEU A 11 36.85 -8.12 -37.47
C LEU A 11 36.33 -9.47 -37.94
N ASN A 12 36.88 -10.00 -39.04
CA ASN A 12 36.43 -11.31 -39.52
C ASN A 12 36.86 -12.40 -38.56
N LYS A 13 38.01 -12.23 -37.88
CA LYS A 13 38.40 -13.23 -36.90
C LYS A 13 37.49 -13.20 -35.67
N ILE A 14 37.11 -12.00 -35.19
CA ILE A 14 36.15 -11.92 -34.09
C ILE A 14 34.81 -12.51 -34.51
N LEU A 15 34.39 -12.22 -35.74
CA LEU A 15 33.16 -12.82 -36.28
C LEU A 15 33.25 -14.35 -36.30
N GLY A 16 34.36 -14.91 -36.76
CA GLY A 16 34.55 -16.36 -36.70
C GLY A 16 34.34 -16.92 -35.30
N ASN A 17 34.90 -16.26 -34.29
CA ASN A 17 34.71 -16.69 -32.90
C ASN A 17 33.24 -16.64 -32.51
N GLU A 18 32.53 -15.60 -32.94
CA GLU A 18 31.12 -15.46 -32.58
C GLU A 18 30.29 -16.52 -33.26
N LEU A 19 30.68 -16.93 -34.47
CA LEU A 19 29.94 -17.97 -35.17
C LEU A 19 30.08 -19.31 -34.47
N ILE A 20 31.28 -19.61 -33.94
CA ILE A 20 31.44 -20.82 -33.15
C ILE A 20 30.53 -20.77 -31.94
N ALA A 21 30.59 -19.65 -31.21
CA ALA A 21 29.85 -19.52 -29.97
C ALA A 21 28.35 -19.64 -30.19
N ILE A 22 27.84 -19.01 -31.26
CA ILE A 22 26.42 -19.16 -31.58
C ILE A 22 26.03 -20.62 -31.60
N ASN A 23 26.77 -21.43 -32.36
CA ASN A 23 26.38 -22.84 -32.53
C ASN A 23 26.63 -23.64 -31.28
N GLN A 24 27.75 -23.38 -30.60
CA GLN A 24 28.06 -24.12 -29.38
C GLN A 24 27.03 -23.85 -28.29
N TYR A 25 26.69 -22.57 -28.09
CA TYR A 25 25.71 -22.24 -27.05
C TYR A 25 24.32 -22.73 -27.44
N PHE A 26 23.97 -22.68 -28.72
CA PHE A 26 22.63 -23.15 -29.10
C PHE A 26 22.50 -24.64 -28.87
N LEU A 27 23.53 -25.40 -29.23
CA LEU A 27 23.48 -26.84 -29.01
C LEU A 27 23.44 -27.15 -27.51
N HIS A 28 24.31 -26.50 -26.71
CA HIS A 28 24.27 -26.72 -25.27
C HIS A 28 22.89 -26.40 -24.69
N SER A 29 22.29 -25.30 -25.14
CA SER A 29 20.94 -24.93 -24.70
C SER A 29 19.96 -26.07 -24.93
N ARG A 30 19.97 -26.60 -26.15
CA ARG A 30 18.97 -27.61 -26.51
C ARG A 30 19.26 -28.93 -25.83
N MET A 31 20.53 -29.25 -25.58
CA MET A 31 20.88 -30.40 -24.77
C MET A 31 20.31 -30.28 -23.36
N TRP A 32 20.52 -29.13 -22.72
CA TRP A 32 20.00 -28.94 -21.39
C TRP A 32 18.49 -29.02 -21.38
N ASN A 33 17.81 -28.43 -22.39
CA ASN A 33 16.35 -28.52 -22.42
C ASN A 33 15.91 -29.98 -22.56
N ASP A 34 16.56 -30.74 -23.46
CA ASP A 34 16.27 -32.16 -23.62
C ASP A 34 16.48 -32.94 -22.32
N TRP A 35 17.47 -32.54 -21.52
CA TRP A 35 17.67 -33.20 -20.22
C TRP A 35 16.72 -32.70 -19.12
N GLY A 36 15.84 -31.75 -19.41
CA GLY A 36 14.95 -31.23 -18.40
C GLY A 36 15.56 -30.17 -17.53
N LEU A 37 16.72 -29.65 -17.90
CA LEU A 37 17.36 -28.55 -17.16
C LEU A 37 17.00 -27.23 -17.84
N LYS A 38 15.74 -26.84 -17.66
CA LYS A 38 15.19 -25.80 -18.53
C LYS A 38 15.71 -24.42 -18.19
N ARG A 39 16.10 -24.18 -16.94
CA ARG A 39 16.66 -22.87 -16.61
C ARG A 39 18.04 -22.69 -17.24
N LEU A 40 18.82 -23.75 -17.26
CA LEU A 40 20.09 -23.70 -18.00
C LEU A 40 19.84 -23.56 -19.50
N GLY A 41 18.91 -24.32 -20.04
CA GLY A 41 18.59 -24.16 -21.46
C GLY A 41 18.20 -22.74 -21.81
N ALA A 42 17.34 -22.14 -21.01
CA ALA A 42 16.87 -20.80 -21.33
C ALA A 42 18.03 -19.82 -21.30
N HIS A 43 18.84 -19.88 -20.25
CA HIS A 43 19.94 -18.95 -20.12
C HIS A 43 20.95 -19.11 -21.24
N GLU A 44 21.26 -20.36 -21.58
CA GLU A 44 22.23 -20.63 -22.64
C GLU A 44 21.69 -20.17 -24.00
N TYR A 45 20.37 -20.25 -24.20
CA TYR A 45 19.75 -19.76 -25.42
C TYR A 45 19.94 -18.25 -25.55
N HIS A 46 19.73 -17.51 -24.48
CA HIS A 46 19.95 -16.06 -24.52
C HIS A 46 21.40 -15.72 -24.75
N GLU A 47 22.33 -16.54 -24.25
CA GLU A 47 23.74 -16.30 -24.57
C GLU A 47 24.00 -16.49 -26.05
N SER A 48 23.35 -17.47 -26.66
CA SER A 48 23.48 -17.70 -28.09
C SER A 48 22.94 -16.50 -28.88
N ILE A 49 21.74 -16.04 -28.51
CA ILE A 49 21.15 -14.87 -29.18
C ILE A 49 22.09 -13.67 -29.11
N ASP A 50 22.72 -13.46 -27.95
CA ASP A 50 23.55 -12.28 -27.81
CA ASP A 50 23.58 -12.30 -27.77
C ASP A 50 24.78 -12.36 -28.72
N GLU A 51 25.37 -13.55 -28.88
CA GLU A 51 26.42 -13.72 -29.87
C GLU A 51 25.90 -13.48 -31.27
N MET A 52 24.65 -13.89 -31.55
CA MET A 52 24.04 -13.60 -32.84
C MET A 52 23.99 -12.09 -33.09
N LYS A 53 23.58 -11.32 -32.09
CA LYS A 53 23.56 -9.87 -32.23
C LYS A 53 24.96 -9.30 -32.42
N HIS A 54 25.94 -9.86 -31.72
CA HIS A 54 27.31 -9.41 -31.93
C HIS A 54 27.76 -9.68 -33.35
N ALA A 55 27.44 -10.88 -33.87
CA ALA A 55 27.86 -11.25 -35.22
C ALA A 55 27.20 -10.34 -36.26
N ASP A 56 25.94 -9.99 -36.05
CA ASP A 56 25.26 -9.04 -36.91
C ASP A 56 26.01 -7.71 -36.95
N LYS A 57 26.34 -7.15 -35.80
CA LYS A 57 27.00 -5.84 -35.80
C LYS A 57 28.36 -5.95 -36.49
N LEU A 58 29.08 -7.05 -36.27
CA LEU A 58 30.37 -7.23 -36.93
C LEU A 58 30.22 -7.32 -38.43
N ILE A 59 29.23 -8.09 -38.90
CA ILE A 59 28.97 -8.17 -40.34
C ILE A 59 28.65 -6.80 -40.89
N GLU A 60 27.85 -6.03 -40.16
CA GLU A 60 27.46 -4.71 -40.65
C GLU A 60 28.66 -3.77 -40.71
N ARG A 61 29.53 -3.81 -39.70
CA ARG A 61 30.74 -3.00 -39.74
C ARG A 61 31.64 -3.41 -40.91
N ILE A 62 31.84 -4.73 -41.11
CA ILE A 62 32.74 -5.16 -42.18
C ILE A 62 32.24 -4.67 -43.54
N LEU A 63 30.94 -4.75 -43.77
CA LEU A 63 30.40 -4.32 -45.05
C LEU A 63 30.55 -2.81 -45.22
N PHE A 64 30.29 -2.04 -44.16
CA PHE A 64 30.48 -0.59 -44.22
C PHE A 64 31.93 -0.25 -44.62
N LEU A 65 32.90 -0.96 -44.04
CA LEU A 65 34.31 -0.76 -44.32
C LEU A 65 34.77 -1.43 -45.62
N GLU A 66 33.84 -1.96 -46.40
CA GLU A 66 34.02 -2.48 -47.77
C GLU A 66 34.82 -3.78 -47.81
N GLY A 67 34.84 -4.50 -46.69
CA GLY A 67 35.35 -5.86 -46.64
C GLY A 67 34.27 -6.90 -46.91
N LEU A 68 34.71 -8.16 -46.88
CA LEU A 68 33.83 -9.30 -47.16
C LEU A 68 33.65 -10.10 -45.88
N PRO A 69 32.44 -10.15 -45.31
CA PRO A 69 32.27 -10.92 -44.07
C PRO A 69 32.40 -12.40 -44.37
N ASN A 70 33.17 -13.09 -43.56
CA ASN A 70 33.44 -14.51 -43.76
C ASN A 70 32.48 -15.28 -42.85
N LEU A 71 31.39 -15.79 -43.43
CA LEU A 71 30.50 -16.68 -42.70
C LEU A 71 30.68 -18.14 -43.12
N GLN A 72 31.70 -18.41 -43.94
CA GLN A 72 31.92 -19.72 -44.52
C GLN A 72 32.76 -20.60 -43.62
N ASP A 73 33.80 -20.04 -43.01
CA ASP A 73 34.76 -20.82 -42.23
C ASP A 73 34.32 -20.86 -40.77
N LEU A 74 34.11 -22.06 -40.27
CA LEU A 74 33.56 -22.30 -38.94
C LEU A 74 34.58 -23.14 -38.18
N GLY A 75 35.14 -22.55 -37.13
CA GLY A 75 36.10 -23.21 -36.28
C GLY A 75 35.46 -24.32 -35.47
N LYS A 76 36.22 -24.81 -34.50
CA LYS A 76 35.92 -26.05 -33.80
C LYS A 76 34.95 -25.77 -32.66
N LEU A 77 33.81 -26.41 -32.68
CA LEU A 77 32.90 -26.32 -31.55
C LEU A 77 33.42 -27.16 -30.38
N LEU A 78 33.29 -26.62 -29.18
CA LEU A 78 33.71 -27.33 -27.97
C LEU A 78 32.42 -27.76 -27.27
N ILE A 79 32.00 -28.99 -27.52
CA ILE A 79 30.73 -29.49 -27.00
C ILE A 79 31.01 -30.39 -25.80
N GLY A 80 30.42 -30.08 -24.65
CA GLY A 80 30.61 -30.93 -23.50
C GLY A 80 29.66 -32.13 -23.50
N GLU A 81 29.94 -33.08 -22.61
CA GLU A 81 29.10 -34.27 -22.49
C GLU A 81 28.25 -34.24 -21.23
N ASN A 82 28.51 -33.31 -20.32
CA ASN A 82 27.69 -33.10 -19.14
C ASN A 82 27.77 -31.62 -18.75
N THR A 83 26.95 -31.23 -17.77
CA THR A 83 26.81 -29.82 -17.44
C THR A 83 28.14 -29.18 -17.11
N GLN A 84 28.94 -29.86 -16.27
CA GLN A 84 30.19 -29.26 -15.84
C GLN A 84 31.12 -29.07 -17.02
N GLU A 85 31.23 -30.08 -17.89
CA GLU A 85 32.05 -29.95 -19.08
C GLU A 85 31.55 -28.87 -20.01
N MET A 86 30.22 -28.77 -20.15
CA MET A 86 29.68 -27.79 -21.08
C MET A 86 29.97 -26.37 -20.64
N LEU A 87 29.82 -26.10 -19.34
CA LEU A 87 30.16 -24.77 -18.81
C LEU A 87 31.65 -24.48 -19.01
N GLN A 88 32.51 -25.46 -18.74
CA GLN A 88 33.94 -25.23 -18.93
C GLN A 88 34.31 -25.03 -20.39
N CYS A 89 33.67 -25.80 -21.29
CA CYS A 89 33.86 -25.57 -22.72
C CYS A 89 33.44 -24.16 -23.14
N ASP A 90 32.30 -23.68 -22.64
CA ASP A 90 31.91 -22.29 -22.91
C ASP A 90 32.99 -21.34 -22.40
N LEU A 91 33.47 -21.58 -21.18
CA LEU A 91 34.46 -20.68 -20.59
C LEU A 91 35.76 -20.70 -21.39
N ASN A 92 36.22 -21.89 -21.81
CA ASN A 92 37.40 -21.94 -22.66
C ASN A 92 37.22 -21.13 -23.94
N LEU A 93 36.06 -21.24 -24.59
CA LEU A 93 35.83 -20.46 -25.80
C LEU A 93 35.82 -18.96 -25.48
N GLU A 94 35.22 -18.57 -24.36
CA GLU A 94 35.19 -17.14 -24.05
C GLU A 94 36.59 -16.60 -23.78
N LEU A 95 37.47 -17.40 -23.17
CA LEU A 95 38.79 -16.86 -22.85
C LEU A 95 39.59 -16.62 -24.12
N LYS A 96 39.44 -17.49 -25.12
CA LYS A 96 40.03 -17.25 -26.43
C LYS A 96 39.42 -16.02 -27.10
N ALA A 97 38.10 -15.88 -26.99
CA ALA A 97 37.44 -14.75 -27.62
C ALA A 97 37.94 -13.42 -27.04
N THR A 98 38.09 -13.35 -25.73
CA THR A 98 38.50 -12.07 -25.16
C THR A 98 39.95 -11.77 -25.51
N LYS A 99 40.80 -12.79 -25.58
CA LYS A 99 42.18 -12.55 -26.02
C LYS A 99 42.20 -11.98 -27.42
N ASP A 100 41.40 -12.54 -28.33
CA ASP A 100 41.35 -12.03 -29.69
C ASP A 100 40.73 -10.63 -29.75
N LEU A 101 39.80 -10.32 -28.86
CA LEU A 101 39.19 -8.99 -28.87
C LEU A 101 40.22 -7.92 -28.47
N ARG A 102 41.02 -8.21 -27.43
CA ARG A 102 42.03 -7.25 -26.99
C ARG A 102 43.03 -6.97 -28.09
N GLU A 103 43.49 -8.00 -28.80
CA GLU A 103 44.48 -7.78 -29.86
C GLU A 103 43.89 -6.96 -30.99
N ALA A 104 42.63 -7.21 -31.34
CA ALA A 104 41.97 -6.40 -32.35
C ALA A 104 41.84 -4.93 -31.90
N ILE A 105 41.54 -4.70 -30.62
CA ILE A 105 41.38 -3.32 -30.15
C ILE A 105 42.71 -2.59 -30.22
N VAL A 106 43.80 -3.27 -29.85
CA VAL A 106 45.13 -2.68 -30.02
C VAL A 106 45.32 -2.20 -31.45
N HIS A 107 44.97 -3.04 -32.44
CA HIS A 107 45.24 -2.63 -33.80
C HIS A 107 44.33 -1.47 -34.23
N CYS A 108 43.05 -1.51 -33.87
CA CYS A 108 42.14 -0.40 -34.19
C CYS A 108 42.65 0.91 -33.63
N GLU A 109 43.16 0.89 -32.40
CA GLU A 109 43.72 2.09 -31.80
C GLU A 109 44.89 2.63 -32.62
N GLN A 110 45.74 1.73 -33.11
CA GLN A 110 46.96 2.14 -33.82
C GLN A 110 46.64 2.80 -35.15
N VAL A 111 45.63 2.33 -35.87
CA VAL A 111 45.30 2.94 -37.15
C VAL A 111 44.14 3.91 -37.02
N HIS A 112 43.73 4.22 -35.79
CA HIS A 112 42.77 5.29 -35.50
C HIS A 112 41.35 4.93 -35.95
N ASP A 113 41.02 3.64 -35.98
CA ASP A 113 39.66 3.22 -36.30
C ASP A 113 38.90 3.17 -34.98
N TYR A 114 38.60 4.34 -34.45
CA TYR A 114 38.00 4.48 -33.11
C TYR A 114 36.60 3.90 -33.06
N VAL A 115 35.84 3.95 -34.13
CA VAL A 115 34.49 3.41 -34.09
C VAL A 115 34.54 1.88 -34.01
N SER A 116 35.45 1.25 -34.76
CA SER A 116 35.62 -0.21 -34.66
C SER A 116 36.04 -0.59 -33.27
N ARG A 117 36.95 0.20 -32.67
CA ARG A 117 37.37 -0.07 -31.32
C ARG A 117 36.17 -0.06 -30.39
N ASP A 118 35.29 0.93 -30.54
CA ASP A 118 34.17 1.06 -29.61
C ASP A 118 33.21 -0.13 -29.76
N LEU A 119 32.98 -0.57 -30.99
CA LEU A 119 32.19 -1.78 -31.19
C LEU A 119 32.82 -2.97 -30.49
N LEU A 120 34.11 -3.16 -30.67
CA LEU A 120 34.77 -4.30 -30.06
C LEU A 120 34.80 -4.19 -28.54
N LYS A 121 34.99 -2.96 -28.02
CA LYS A 121 34.94 -2.77 -26.57
C LYS A 121 33.59 -3.19 -26.01
N ASP A 122 32.49 -2.81 -26.69
CA ASP A 122 31.16 -3.23 -26.27
C ASP A 122 31.03 -4.75 -26.29
N ILE A 123 31.56 -5.40 -27.33
CA ILE A 123 31.48 -6.85 -27.38
C ILE A 123 32.29 -7.44 -26.24
N LEU A 124 33.46 -6.87 -25.96
CA LEU A 124 34.30 -7.35 -24.88
C LEU A 124 33.56 -7.26 -23.55
N GLU A 125 32.81 -6.17 -23.32
CA GLU A 125 32.06 -6.04 -22.08
C GLU A 125 31.03 -7.15 -21.95
N SER A 126 30.33 -7.48 -23.04
N SER A 126 30.33 -7.49 -23.04
CA SER A 126 29.38 -8.60 -22.99
CA SER A 126 29.38 -8.60 -22.99
C SER A 126 30.10 -9.92 -22.72
C SER A 126 30.10 -9.93 -22.74
N GLU A 127 31.24 -10.16 -23.39
CA GLU A 127 31.97 -11.41 -23.17
C GLU A 127 32.51 -11.50 -21.75
N GLU A 128 32.98 -10.39 -21.17
CA GLU A 128 33.40 -10.47 -19.77
C GLU A 128 32.22 -10.80 -18.86
N GLU A 129 31.02 -10.26 -19.15
CA GLU A 129 29.85 -10.65 -18.37
C GLU A 129 29.58 -12.14 -18.49
N HIS A 130 29.73 -12.71 -19.68
CA HIS A 130 29.55 -14.15 -19.85
C HIS A 130 30.60 -14.93 -19.05
N ILE A 131 31.86 -14.50 -19.09
CA ILE A 131 32.88 -15.12 -18.24
C ILE A 131 32.46 -15.10 -16.79
N ASP A 132 31.99 -13.94 -16.31
CA ASP A 132 31.51 -13.84 -14.93
C ASP A 132 30.43 -14.88 -14.65
N TYR A 133 29.43 -14.97 -15.52
CA TYR A 133 28.37 -15.94 -15.31
C TYR A 133 28.93 -17.35 -15.22
N LEU A 134 29.82 -17.71 -16.14
CA LEU A 134 30.34 -19.08 -16.21
C LEU A 134 31.20 -19.43 -14.99
N GLU A 135 32.12 -18.54 -14.59
CA GLU A 135 32.95 -18.81 -13.41
C GLU A 135 32.07 -18.95 -12.16
N THR A 136 31.01 -18.15 -12.09
CA THR A 136 30.09 -18.20 -10.96
C THR A 136 29.37 -19.54 -10.91
N GLN A 137 28.87 -20.02 -12.06
CA GLN A 137 28.21 -21.33 -12.08
C GLN A 137 29.17 -22.43 -11.65
N LEU A 138 30.37 -22.43 -12.24
CA LEU A 138 31.36 -23.43 -11.85
C LEU A 138 31.61 -23.37 -10.35
N GLY A 139 31.67 -22.15 -9.78
CA GLY A 139 31.86 -22.05 -8.35
C GLY A 139 30.67 -22.58 -7.58
N LEU A 140 29.45 -22.32 -8.07
CA LEU A 140 28.27 -22.76 -7.34
C LEU A 140 28.20 -24.28 -7.28
N ILE A 141 28.58 -24.94 -8.35
CA ILE A 141 28.61 -26.41 -8.35
C ILE A 141 29.47 -26.93 -7.21
N GLN A 142 30.64 -26.33 -7.00
CA GLN A 142 31.47 -26.70 -5.84
C GLN A 142 30.78 -26.40 -4.52
N LYS A 143 30.14 -25.22 -4.41
CA LYS A 143 29.55 -24.79 -3.14
C LYS A 143 28.29 -25.58 -2.78
N VAL A 144 27.39 -25.82 -3.73
CA VAL A 144 26.10 -26.45 -3.38
C VAL A 144 26.05 -27.92 -3.75
N GLY A 145 27.04 -28.40 -4.48
CA GLY A 145 27.02 -29.77 -4.98
C GLY A 145 26.32 -29.85 -6.33
N LEU A 146 26.75 -30.82 -7.13
CA LEU A 146 26.24 -30.91 -8.49
C LEU A 146 24.72 -31.16 -8.49
N GLU A 147 24.26 -32.06 -7.61
CA GLU A 147 22.86 -32.45 -7.63
C GLU A 147 21.96 -31.27 -7.28
N ASN A 148 22.33 -30.50 -6.27
CA ASN A 148 21.57 -29.31 -5.95
C ASN A 148 21.68 -28.29 -7.07
N TYR A 149 22.88 -28.14 -7.64
CA TYR A 149 23.01 -27.18 -8.73
C TYR A 149 22.06 -27.53 -9.88
N LEU A 150 22.04 -28.80 -10.28
CA LEU A 150 21.16 -29.23 -11.36
C LEU A 150 19.71 -29.04 -10.97
N GLN A 151 19.35 -29.46 -9.76
CA GLN A 151 18.00 -29.27 -9.24
C GLN A 151 17.52 -27.83 -9.41
N SER A 152 18.39 -26.86 -9.08
CA SER A 152 18.01 -25.47 -9.16
C SER A 152 17.85 -24.98 -10.59
N HIS A 153 18.19 -25.82 -11.57
CA HIS A 153 18.13 -25.42 -12.97
C HIS A 153 17.14 -26.26 -13.76
N MET A 154 16.28 -26.97 -13.04
CA MET A 154 15.23 -27.76 -13.69
C MET A 154 14.12 -26.86 -14.21
N HIS A 155 13.69 -25.91 -13.38
CA HIS A 155 12.51 -25.10 -13.63
C HIS A 155 12.93 -23.66 -13.90
N GLU A 156 12.32 -23.05 -14.92
CA GLU A 156 12.48 -21.60 -15.08
C GLU A 156 11.77 -20.82 -13.97
N MET B 1 37.67 -13.82 -12.93
CA MET B 1 38.65 -13.60 -14.04
C MET B 1 39.87 -12.90 -13.46
N LYS B 2 41.07 -13.45 -13.63
CA LYS B 2 42.23 -12.90 -12.93
C LYS B 2 42.66 -11.62 -13.63
N GLY B 3 42.67 -10.52 -12.88
CA GLY B 3 43.06 -9.23 -13.42
C GLY B 3 44.48 -8.84 -13.02
N ASP B 4 44.98 -7.86 -13.76
CA ASP B 4 46.26 -7.24 -13.49
C ASP B 4 46.33 -6.73 -12.06
N LYS B 5 47.45 -7.05 -11.39
CA LYS B 5 47.60 -6.64 -10.00
C LYS B 5 47.58 -5.12 -9.86
N LYS B 6 48.29 -4.41 -10.74
CA LYS B 6 48.35 -2.95 -10.60
C LYS B 6 47.03 -2.28 -11.02
N VAL B 7 46.29 -2.84 -12.00
CA VAL B 7 44.93 -2.35 -12.25
C VAL B 7 44.12 -2.43 -10.97
N ILE B 8 44.14 -3.59 -10.30
CA ILE B 8 43.34 -3.72 -9.10
C ILE B 8 43.78 -2.70 -8.04
N GLN B 9 45.08 -2.42 -7.96
CA GLN B 9 45.57 -1.44 -7.00
C GLN B 9 45.04 -0.05 -7.34
N HIS B 10 45.05 0.31 -8.61
CA HIS B 10 44.47 1.57 -9.06
C HIS B 10 42.98 1.63 -8.72
N LEU B 11 42.24 0.56 -9.04
CA LEU B 11 40.80 0.56 -8.74
C LEU B 11 40.56 0.74 -7.26
N ASN B 12 41.44 0.19 -6.42
CA ASN B 12 41.27 0.32 -5.00
C ASN B 12 41.63 1.73 -4.54
N LYS B 13 42.53 2.37 -5.28
CA LYS B 13 42.84 3.77 -5.00
C LYS B 13 41.66 4.66 -5.37
N ILE B 14 41.14 4.53 -6.60
CA ILE B 14 39.92 5.22 -6.97
C ILE B 14 38.85 4.95 -5.92
N LEU B 15 38.68 3.67 -5.56
CA LEU B 15 37.69 3.33 -4.55
C LEU B 15 37.90 4.14 -3.29
N GLY B 16 39.15 4.26 -2.85
CA GLY B 16 39.38 4.97 -1.60
C GLY B 16 39.00 6.42 -1.71
N ASN B 17 39.25 7.02 -2.88
CA ASN B 17 38.84 8.39 -3.12
C ASN B 17 37.31 8.52 -3.04
N GLU B 18 36.58 7.60 -3.68
CA GLU B 18 35.12 7.66 -3.64
C GLU B 18 34.61 7.55 -2.20
N LEU B 19 35.26 6.71 -1.39
CA LEU B 19 34.81 6.52 -0.02
C LEU B 19 34.98 7.79 0.81
N ILE B 20 36.03 8.57 0.54
CA ILE B 20 36.14 9.86 1.22
C ILE B 20 35.05 10.81 0.73
N ALA B 21 34.90 10.91 -0.58
CA ALA B 21 33.88 11.77 -1.17
C ALA B 21 32.49 11.49 -0.60
N ILE B 22 32.14 10.21 -0.43
CA ILE B 22 30.83 9.87 0.11
C ILE B 22 30.62 10.55 1.45
N ASN B 23 31.57 10.37 2.36
CA ASN B 23 31.42 10.86 3.72
C ASN B 23 31.49 12.38 3.75
N GLN B 24 32.41 12.94 2.97
CA GLN B 24 32.54 14.39 2.92
C GLN B 24 31.28 15.04 2.35
N TYR B 25 30.81 14.55 1.20
CA TYR B 25 29.61 15.11 0.61
C TYR B 25 28.41 14.86 1.50
N PHE B 26 28.34 13.71 2.16
CA PHE B 26 27.19 13.47 3.01
C PHE B 26 27.19 14.42 4.20
N LEU B 27 28.35 14.57 4.86
CA LEU B 27 28.41 15.45 6.01
C LEU B 27 28.10 16.90 5.61
N HIS B 28 28.66 17.36 4.49
CA HIS B 28 28.35 18.70 4.02
C HIS B 28 26.84 18.86 3.78
N SER B 29 26.20 17.88 3.14
CA SER B 29 24.75 17.96 2.94
C SER B 29 24.00 18.15 4.25
N ARG B 30 24.37 17.37 5.27
CA ARG B 30 23.63 17.46 6.52
C ARG B 30 23.97 18.74 7.27
N MET B 31 25.16 19.28 7.05
CA MET B 31 25.49 20.56 7.65
C MET B 31 24.63 21.65 7.04
N TRP B 32 24.59 21.70 5.71
CA TRP B 32 23.76 22.70 5.04
C TRP B 32 22.30 22.58 5.46
N ASN B 33 21.77 21.36 5.56
CA ASN B 33 20.39 21.20 6.00
C ASN B 33 20.20 21.79 7.39
N ASP B 34 21.10 21.45 8.32
CA ASP B 34 21.02 21.96 9.68
C ASP B 34 21.02 23.48 9.68
N TRP B 35 21.77 24.11 8.78
CA TRP B 35 21.79 25.58 8.69
C TRP B 35 20.61 26.15 7.92
N GLY B 36 19.73 25.31 7.38
CA GLY B 36 18.60 25.79 6.62
C GLY B 36 18.92 26.15 5.20
N LEU B 37 20.07 25.73 4.67
CA LEU B 37 20.36 25.89 3.25
C LEU B 37 19.98 24.59 2.51
N LYS B 38 18.66 24.36 2.46
CA LYS B 38 18.13 23.06 2.05
C LYS B 38 18.39 22.75 0.58
N ARG B 39 18.48 23.76 -0.29
CA ARG B 39 18.75 23.44 -1.69
C ARG B 39 20.19 22.96 -1.89
N LEU B 40 21.14 23.54 -1.16
CA LEU B 40 22.50 23.00 -1.13
C LEU B 40 22.54 21.64 -0.45
N GLY B 41 21.79 21.47 0.64
CA GLY B 41 21.74 20.18 1.29
C GLY B 41 21.26 19.08 0.36
N ALA B 42 20.20 19.35 -0.43
CA ALA B 42 19.66 18.34 -1.36
C ALA B 42 20.65 18.02 -2.47
N HIS B 43 21.19 19.04 -3.12
CA HIS B 43 22.13 18.80 -4.21
C HIS B 43 23.37 18.04 -3.73
N GLU B 44 23.84 18.35 -2.51
CA GLU B 44 25.03 17.69 -1.98
C GLU B 44 24.74 16.24 -1.60
N TYR B 45 23.50 15.98 -1.16
CA TYR B 45 23.09 14.61 -0.92
C TYR B 45 23.11 13.80 -2.22
N HIS B 46 22.68 14.41 -3.33
CA HIS B 46 22.69 13.66 -4.58
C HIS B 46 24.10 13.45 -5.10
N GLU B 47 25.00 14.41 -4.84
CA GLU B 47 26.41 14.17 -5.09
C GLU B 47 26.95 12.99 -4.25
N SER B 48 26.52 12.88 -3.00
CA SER B 48 26.97 11.78 -2.16
C SER B 48 26.44 10.43 -2.68
N ILE B 49 25.17 10.39 -3.06
CA ILE B 49 24.58 9.19 -3.63
C ILE B 49 25.34 8.76 -4.87
N ASP B 50 25.64 9.72 -5.75
CA ASP B 50 26.33 9.36 -6.97
CA ASP B 50 26.36 9.41 -6.98
C ASP B 50 27.71 8.76 -6.70
N GLU B 51 28.41 9.21 -5.65
CA GLU B 51 29.69 8.59 -5.33
C GLU B 51 29.49 7.19 -4.77
N MET B 52 28.44 7.00 -3.98
CA MET B 52 28.09 5.68 -3.49
C MET B 52 27.90 4.69 -4.64
N LYS B 53 27.23 5.14 -5.71
CA LYS B 53 27.02 4.29 -6.88
C LYS B 53 28.33 3.94 -7.59
N HIS B 54 29.23 4.92 -7.72
CA HIS B 54 30.55 4.67 -8.29
C HIS B 54 31.33 3.66 -7.43
N ALA B 55 31.33 3.84 -6.11
CA ALA B 55 32.02 2.90 -5.26
C ALA B 55 31.49 1.50 -5.46
N ASP B 56 30.16 1.35 -5.49
CA ASP B 56 29.55 0.05 -5.71
C ASP B 56 30.11 -0.60 -6.97
N LYS B 57 30.17 0.15 -8.07
CA LYS B 57 30.67 -0.42 -9.32
C LYS B 57 32.15 -0.80 -9.22
N LEU B 58 32.97 0.02 -8.55
CA LEU B 58 34.37 -0.34 -8.36
C LEU B 58 34.51 -1.60 -7.55
N ILE B 59 33.75 -1.70 -6.47
CA ILE B 59 33.78 -2.91 -5.65
C ILE B 59 33.45 -4.13 -6.49
N GLU B 60 32.41 -4.01 -7.31
CA GLU B 60 31.98 -5.14 -8.12
C GLU B 60 33.06 -5.54 -9.12
N ARG B 61 33.68 -4.54 -9.76
CA ARG B 61 34.73 -4.83 -10.73
C ARG B 61 35.95 -5.46 -10.06
N ILE B 62 36.34 -4.99 -8.87
CA ILE B 62 37.49 -5.56 -8.19
C ILE B 62 37.23 -7.02 -7.83
N LEU B 63 36.03 -7.32 -7.33
CA LEU B 63 35.69 -8.68 -6.98
C LEU B 63 35.64 -9.57 -8.23
N PHE B 64 35.18 -9.05 -9.36
CA PHE B 64 35.19 -9.83 -10.58
C PHE B 64 36.60 -10.18 -11.02
N LEU B 65 37.54 -9.26 -10.78
CA LEU B 65 38.94 -9.47 -11.14
C LEU B 65 39.71 -10.21 -10.04
N GLU B 66 39.00 -10.70 -9.03
CA GLU B 66 39.58 -11.51 -7.97
C GLU B 66 40.54 -10.71 -7.09
N GLY B 67 40.30 -9.39 -6.93
CA GLY B 67 40.95 -8.62 -5.91
C GLY B 67 40.08 -8.48 -4.68
N LEU B 68 40.67 -7.88 -3.65
CA LEU B 68 40.00 -7.65 -2.38
C LEU B 68 39.67 -6.17 -2.31
N PRO B 69 38.40 -5.78 -2.35
CA PRO B 69 38.09 -4.35 -2.25
C PRO B 69 38.46 -3.84 -0.86
N ASN B 70 39.16 -2.71 -0.84
CA ASN B 70 39.62 -2.09 0.40
C ASN B 70 38.59 -1.07 0.86
N LEU B 71 37.72 -1.46 1.77
CA LEU B 71 36.81 -0.50 2.36
C LEU B 71 37.26 -0.05 3.73
N GLN B 72 38.45 -0.47 4.15
CA GLN B 72 38.89 -0.23 5.52
C GLN B 72 39.69 1.05 5.67
N ASP B 73 40.46 1.41 4.65
CA ASP B 73 41.35 2.55 4.70
C ASP B 73 40.59 3.78 4.22
N LEU B 74 40.34 4.70 5.14
CA LEU B 74 39.63 5.93 4.85
C LEU B 74 40.62 7.08 4.98
N GLY B 75 40.93 7.72 3.86
CA GLY B 75 41.73 8.92 3.83
C GLY B 75 41.03 10.14 4.43
N LYS B 76 41.67 11.28 4.26
CA LYS B 76 41.33 12.48 5.03
C LYS B 76 40.12 13.17 4.40
N LEU B 77 39.10 13.42 5.20
CA LEU B 77 37.97 14.23 4.76
C LEU B 77 38.32 15.71 4.79
N LEU B 78 37.94 16.44 3.73
CA LEU B 78 38.11 17.89 3.67
C LEU B 78 36.75 18.54 3.96
N ILE B 79 36.55 18.91 5.21
CA ILE B 79 35.29 19.44 5.71
C ILE B 79 35.46 20.94 5.92
N GLY B 80 34.65 21.72 5.25
CA GLY B 80 34.71 23.17 5.43
C GLY B 80 33.92 23.64 6.62
N GLU B 81 34.09 24.92 6.97
CA GLU B 81 33.38 25.48 8.10
C GLU B 81 32.35 26.53 7.69
N ASN B 82 32.34 26.94 6.44
CA ASN B 82 31.27 27.74 5.87
C ASN B 82 31.06 27.28 4.44
N THR B 83 30.00 27.83 3.81
CA THR B 83 29.58 27.34 2.50
C THR B 83 30.70 27.45 1.48
N GLN B 84 31.36 28.61 1.43
CA GLN B 84 32.42 28.80 0.46
C GLN B 84 33.53 27.76 0.66
N GLU B 85 33.86 27.47 1.90
CA GLU B 85 34.93 26.52 2.18
C GLU B 85 34.54 25.10 1.77
N MET B 86 33.28 24.74 2.05
CA MET B 86 32.81 23.39 1.73
C MET B 86 32.89 23.12 0.24
N LEU B 87 32.39 24.06 -0.55
CA LEU B 87 32.44 23.94 -2.01
C LEU B 87 33.87 23.83 -2.49
N GLN B 88 34.75 24.66 -1.94
CA GLN B 88 36.16 24.60 -2.29
C GLN B 88 36.77 23.26 -1.85
N CYS B 89 36.39 22.77 -0.67
CA CYS B 89 36.89 21.48 -0.24
C CYS B 89 36.45 20.37 -1.20
N ASP B 90 35.18 20.39 -1.62
CA ASP B 90 34.72 19.39 -2.59
C ASP B 90 35.52 19.51 -3.88
N LEU B 91 35.73 20.74 -4.36
CA LEU B 91 36.47 20.94 -5.59
C LEU B 91 37.90 20.39 -5.46
N ASN B 92 38.58 20.68 -4.35
CA ASN B 92 39.93 20.16 -4.15
C ASN B 92 39.93 18.63 -4.19
N LEU B 93 38.96 18.00 -3.51
CA LEU B 93 38.85 16.55 -3.53
C LEU B 93 38.68 16.04 -4.95
N GLU B 94 37.74 16.62 -5.72
CA GLU B 94 37.47 16.19 -7.09
C GLU B 94 38.67 16.37 -7.99
N LEU B 95 39.51 17.34 -7.69
CA LEU B 95 40.66 17.59 -8.57
C LEU B 95 41.73 16.53 -8.35
N LYS B 96 41.87 16.06 -7.12
CA LYS B 96 42.71 14.90 -6.87
C LYS B 96 42.11 13.66 -7.51
N ALA B 97 40.81 13.44 -7.33
CA ALA B 97 40.18 12.21 -7.84
C ALA B 97 40.35 12.08 -9.35
N THR B 98 40.20 13.18 -10.10
CA THR B 98 40.34 13.11 -11.54
C THR B 98 41.79 12.86 -11.96
N LYS B 99 42.76 13.38 -11.20
CA LYS B 99 44.14 13.05 -11.54
C LYS B 99 44.40 11.56 -11.35
N ASP B 100 43.91 10.99 -10.24
CA ASP B 100 44.11 9.57 -10.00
C ASP B 100 43.38 8.72 -11.02
N LEU B 101 42.22 9.20 -11.51
CA LEU B 101 41.48 8.49 -12.54
C LEU B 101 42.26 8.43 -13.84
N ARG B 102 42.86 9.56 -14.25
CA ARG B 102 43.59 9.57 -15.52
C ARG B 102 44.80 8.64 -15.46
N GLU B 103 45.47 8.62 -14.31
CA GLU B 103 46.60 7.72 -14.14
C GLU B 103 46.17 6.27 -14.23
N ALA B 104 45.07 5.94 -13.53
CA ALA B 104 44.52 4.58 -13.58
C ALA B 104 44.11 4.20 -14.99
N ILE B 105 43.53 5.15 -15.75
CA ILE B 105 43.16 4.86 -17.13
C ILE B 105 44.41 4.60 -17.97
N VAL B 106 45.47 5.40 -17.76
CA VAL B 106 46.74 5.15 -18.46
C VAL B 106 47.13 3.69 -18.31
N HIS B 107 47.16 3.21 -17.06
CA HIS B 107 47.61 1.86 -16.81
C HIS B 107 46.66 0.84 -17.43
N CYS B 108 45.35 1.01 -17.23
CA CYS B 108 44.38 0.12 -17.87
C CYS B 108 44.64 -0.01 -19.36
N GLU B 109 44.92 1.10 -20.03
CA GLU B 109 45.12 1.02 -21.47
C GLU B 109 46.38 0.22 -21.80
N GLN B 110 47.44 0.42 -21.01
CA GLN B 110 48.71 -0.26 -21.28
C GLN B 110 48.55 -1.78 -21.20
N VAL B 111 47.84 -2.28 -20.18
CA VAL B 111 47.71 -3.72 -19.99
C VAL B 111 46.47 -4.28 -20.67
N HIS B 112 45.78 -3.47 -21.47
CA HIS B 112 44.66 -3.89 -22.33
C HIS B 112 43.40 -4.25 -21.55
N ASP B 113 43.24 -3.74 -20.35
CA ASP B 113 42.00 -3.92 -19.59
C ASP B 113 41.01 -2.82 -19.98
N TYR B 114 40.46 -2.99 -21.20
CA TYR B 114 39.61 -1.96 -21.76
C TYR B 114 38.27 -1.82 -21.05
N VAL B 115 37.79 -2.86 -20.36
CA VAL B 115 36.53 -2.71 -19.64
C VAL B 115 36.72 -1.88 -18.37
N SER B 116 37.81 -2.14 -17.64
CA SER B 116 38.12 -1.30 -16.48
C SER B 116 38.29 0.14 -16.91
N ARG B 117 38.94 0.36 -18.06
CA ARG B 117 39.10 1.71 -18.58
C ARG B 117 37.74 2.37 -18.83
N ASP B 118 36.88 1.69 -19.59
CA ASP B 118 35.55 2.22 -19.86
C ASP B 118 34.83 2.61 -18.58
N LEU B 119 34.92 1.76 -17.55
CA LEU B 119 34.27 2.11 -16.29
C LEU B 119 34.91 3.35 -15.68
N LEU B 120 36.23 3.43 -15.70
CA LEU B 120 36.89 4.60 -15.12
C LEU B 120 36.55 5.86 -15.92
N LYS B 121 36.43 5.72 -17.24
CA LYS B 121 36.07 6.88 -18.06
C LYS B 121 34.68 7.39 -17.70
N ASP B 122 33.72 6.50 -17.48
CA ASP B 122 32.37 6.93 -17.11
C ASP B 122 32.39 7.61 -15.74
N ILE B 123 33.15 7.06 -14.79
CA ILE B 123 33.28 7.70 -13.49
C ILE B 123 33.93 9.06 -13.64
N LEU B 124 34.93 9.17 -14.51
CA LEU B 124 35.60 10.45 -14.77
C LEU B 124 34.62 11.47 -15.34
N GLU B 125 33.74 11.06 -16.26
CA GLU B 125 32.73 11.97 -16.78
C GLU B 125 31.87 12.53 -15.67
N SER B 126 31.46 11.67 -14.72
N SER B 126 31.48 11.68 -14.72
CA SER B 126 30.68 12.14 -13.58
CA SER B 126 30.67 12.17 -13.59
C SER B 126 31.47 13.13 -12.72
C SER B 126 31.47 13.14 -12.72
N GLU B 127 32.76 12.87 -12.50
CA GLU B 127 33.53 13.76 -11.63
C GLU B 127 33.74 15.12 -12.27
N GLU B 128 33.98 15.15 -13.59
CA GLU B 128 34.11 16.43 -14.30
C GLU B 128 32.79 17.21 -14.28
N GLU B 129 31.67 16.51 -14.32
CA GLU B 129 30.39 17.20 -14.20
C GLU B 129 30.25 17.81 -12.81
N HIS B 130 30.73 17.10 -11.78
CA HIS B 130 30.71 17.64 -10.43
C HIS B 130 31.65 18.84 -10.29
N ILE B 131 32.79 18.80 -10.98
CA ILE B 131 33.70 19.95 -11.03
C ILE B 131 33.02 21.12 -11.72
N ASP B 132 32.31 20.87 -12.80
CA ASP B 132 31.60 21.96 -13.47
C ASP B 132 30.63 22.63 -12.51
N TYR B 133 29.89 21.82 -11.74
CA TYR B 133 28.94 22.35 -10.77
C TYR B 133 29.64 23.23 -9.74
N LEU B 134 30.74 22.73 -9.16
CA LEU B 134 31.41 23.42 -8.06
C LEU B 134 32.05 24.73 -8.51
N GLU B 135 32.76 24.71 -9.64
CA GLU B 135 33.29 25.95 -10.19
C GLU B 135 32.17 26.94 -10.44
N THR B 136 31.06 26.47 -11.02
CA THR B 136 29.95 27.36 -11.32
C THR B 136 29.40 28.00 -10.05
N GLN B 137 29.32 27.24 -8.96
CA GLN B 137 28.83 27.80 -7.72
C GLN B 137 29.78 28.86 -7.16
N LEU B 138 31.09 28.60 -7.23
CA LEU B 138 32.08 29.53 -6.70
C LEU B 138 32.07 30.82 -7.50
N GLY B 139 31.87 30.70 -8.82
CA GLY B 139 31.69 31.88 -9.65
C GLY B 139 30.41 32.64 -9.35
N LEU B 140 29.33 31.92 -9.00
CA LEU B 140 28.08 32.62 -8.67
C LEU B 140 28.21 33.39 -7.37
N ILE B 141 28.96 32.85 -6.41
CA ILE B 141 29.21 33.60 -5.19
C ILE B 141 29.82 34.97 -5.52
N GLN B 142 30.73 35.02 -6.50
CA GLN B 142 31.35 36.28 -6.92
C GLN B 142 30.36 37.19 -7.63
N LYS B 143 29.57 36.62 -8.54
CA LYS B 143 28.76 37.43 -9.45
C LYS B 143 27.56 38.05 -8.73
N VAL B 144 26.93 37.31 -7.82
CA VAL B 144 25.70 37.76 -7.16
C VAL B 144 25.93 38.12 -5.69
N GLY B 145 27.07 37.77 -5.12
CA GLY B 145 27.40 38.04 -3.73
C GLY B 145 26.98 36.91 -2.83
N LEU B 146 27.67 36.81 -1.68
CA LEU B 146 27.46 35.65 -0.81
C LEU B 146 26.07 35.63 -0.22
N GLU B 147 25.59 36.78 0.25
CA GLU B 147 24.29 36.80 0.92
C GLU B 147 23.18 36.41 -0.04
N ASN B 148 23.21 36.94 -1.27
CA ASN B 148 22.27 36.50 -2.29
C ASN B 148 22.46 35.04 -2.65
N TYR B 149 23.70 34.59 -2.74
CA TYR B 149 23.93 33.21 -3.09
C TYR B 149 23.32 32.28 -2.04
N LEU B 150 23.58 32.57 -0.75
CA LEU B 150 23.01 31.74 0.32
C LEU B 150 21.50 31.82 0.35
N GLN B 151 20.95 33.00 0.08
CA GLN B 151 19.49 33.18 0.07
C GLN B 151 18.83 32.31 -0.99
N SER B 152 19.44 32.27 -2.18
CA SER B 152 18.97 31.44 -3.27
C SER B 152 19.04 29.94 -2.97
N HIS B 153 19.69 29.53 -1.88
CA HIS B 153 19.83 28.11 -1.58
C HIS B 153 19.14 27.74 -0.27
N MET B 154 18.28 28.60 0.25
CA MET B 154 17.53 28.27 1.45
C MET B 154 16.44 27.24 1.17
N HIS B 155 15.66 27.47 0.12
CA HIS B 155 14.48 26.68 -0.21
C HIS B 155 14.72 25.84 -1.46
N GLU B 156 14.26 24.60 -1.44
CA GLU B 156 14.48 23.73 -2.60
C GLU B 156 13.75 24.17 -3.88
N MET C 1 -9.54 6.57 35.19
CA MET C 1 -8.49 5.83 35.95
C MET C 1 -7.77 6.81 36.89
N LYS C 2 -7.79 6.58 38.20
CA LYS C 2 -7.26 7.60 39.11
C LYS C 2 -5.77 7.79 38.88
N GLY C 3 -5.37 8.94 38.33
CA GLY C 3 -3.97 9.22 38.14
C GLY C 3 -3.27 9.80 39.38
N ASP C 4 -1.94 9.87 39.27
CA ASP C 4 -1.10 10.49 40.29
C ASP C 4 -1.29 12.01 40.32
N LYS C 5 -1.60 12.54 41.51
CA LYS C 5 -1.95 13.96 41.61
C LYS C 5 -0.85 14.84 41.03
N LYS C 6 0.41 14.50 41.26
CA LYS C 6 1.50 15.34 40.78
C LYS C 6 1.76 15.18 39.27
N VAL C 7 1.45 14.00 38.71
CA VAL C 7 1.42 13.84 37.26
C VAL C 7 0.43 14.82 36.65
N ILE C 8 -0.78 14.87 37.21
CA ILE C 8 -1.83 15.77 36.69
C ILE C 8 -1.39 17.22 36.81
N GLN C 9 -0.69 17.57 37.90
CA GLN C 9 -0.20 18.94 38.03
C GLN C 9 0.82 19.25 36.98
N HIS C 10 1.71 18.28 36.70
CA HIS C 10 2.70 18.45 35.65
C HIS C 10 2.02 18.60 34.28
N LEU C 11 1.05 17.75 33.99
CA LEU C 11 0.32 17.86 32.71
C LEU C 11 -0.35 19.23 32.59
N ASN C 12 -0.98 19.71 33.66
CA ASN C 12 -1.56 21.06 33.62
C ASN C 12 -0.49 22.12 33.41
N LYS C 13 0.70 21.90 33.96
CA LYS C 13 1.76 22.86 33.72
C LYS C 13 2.17 22.85 32.26
N ILE C 14 2.30 21.66 31.67
CA ILE C 14 2.62 21.58 30.26
C ILE C 14 1.49 22.17 29.43
N LEU C 15 0.25 21.85 29.79
CA LEU C 15 -0.91 22.44 29.10
C LEU C 15 -0.86 23.96 29.16
N GLY C 16 -0.51 24.51 30.32
CA GLY C 16 -0.47 25.95 30.44
C GLY C 16 0.58 26.57 29.55
N ASN C 17 1.70 25.87 29.34
CA ASN C 17 2.70 26.34 28.39
C ASN C 17 2.17 26.27 26.95
N GLU C 18 1.44 25.19 26.63
CA GLU C 18 0.92 25.08 25.27
C GLU C 18 -0.11 26.19 25.01
N LEU C 19 -0.93 26.51 26.01
CA LEU C 19 -1.93 27.57 25.84
C LEU C 19 -1.29 28.92 25.60
N ILE C 20 -0.19 29.22 26.30
CA ILE C 20 0.58 30.42 25.99
C ILE C 20 1.03 30.41 24.54
N ALA C 21 1.67 29.30 24.13
CA ALA C 21 2.26 29.24 22.80
C ALA C 21 1.20 29.32 21.69
N ILE C 22 0.05 28.69 21.90
CA ILE C 22 -1.04 28.80 20.91
C ILE C 22 -1.28 30.27 20.58
N ASN C 23 -1.56 31.08 21.62
CA ASN C 23 -1.86 32.49 21.40
C ASN C 23 -0.67 33.26 20.85
N GLN C 24 0.53 33.01 21.40
CA GLN C 24 1.70 33.78 20.97
C GLN C 24 2.02 33.53 19.50
N TYR C 25 2.03 32.26 19.10
CA TYR C 25 2.30 31.94 17.70
C TYR C 25 1.17 32.42 16.81
N PHE C 26 -0.08 32.28 17.26
CA PHE C 26 -1.18 32.75 16.41
C PHE C 26 -1.04 34.25 16.16
N LEU C 27 -0.80 35.02 17.23
CA LEU C 27 -0.64 36.47 17.05
C LEU C 27 0.56 36.78 16.17
N HIS C 28 1.69 36.10 16.42
CA HIS C 28 2.86 36.34 15.56
C HIS C 28 2.53 36.03 14.11
N SER C 29 1.77 34.97 13.87
CA SER C 29 1.43 34.61 12.50
C SER C 29 0.63 35.70 11.83
N ARG C 30 -0.36 36.19 12.53
CA ARG C 30 -1.24 37.23 11.98
C ARG C 30 -0.47 38.54 11.80
N MET C 31 0.45 38.84 12.69
CA MET C 31 1.26 40.04 12.49
C MET C 31 2.05 39.92 11.20
N TRP C 32 2.73 38.79 11.01
CA TRP C 32 3.52 38.60 9.80
C TRP C 32 2.67 38.66 8.54
N ASN C 33 1.47 38.07 8.58
CA ASN C 33 0.57 38.21 7.42
C ASN C 33 0.20 39.67 7.19
N ASP C 34 -0.12 40.39 8.27
CA ASP C 34 -0.45 41.81 8.10
C ASP C 34 0.70 42.59 7.50
N TRP C 35 1.95 42.23 7.82
CA TRP C 35 3.11 42.91 7.23
C TRP C 35 3.47 42.39 5.85
N GLY C 36 2.78 41.37 5.34
CA GLY C 36 3.08 40.85 4.01
C GLY C 36 4.18 39.82 4.01
N LEU C 37 4.56 39.32 5.19
CA LEU C 37 5.55 38.24 5.31
C LEU C 37 4.78 36.92 5.41
N LYS C 38 4.13 36.57 4.30
CA LYS C 38 3.14 35.49 4.34
C LYS C 38 3.77 34.13 4.53
N ARG C 39 5.03 33.94 4.12
CA ARG C 39 5.64 32.63 4.37
C ARG C 39 5.87 32.42 5.86
N LEU C 40 6.30 33.48 6.58
CA LEU C 40 6.43 33.37 8.03
C LEU C 40 5.07 33.17 8.66
N GLY C 41 4.06 33.90 8.17
CA GLY C 41 2.75 33.82 8.80
C GLY C 41 2.14 32.43 8.69
N ALA C 42 2.25 31.82 7.51
CA ALA C 42 1.74 30.46 7.33
C ALA C 42 2.50 29.45 8.17
N HIS C 43 3.83 29.53 8.19
CA HIS C 43 4.58 28.64 9.06
C HIS C 43 4.19 28.82 10.51
N GLU C 44 4.08 30.07 10.96
CA GLU C 44 3.81 30.30 12.37
C GLU C 44 2.40 29.83 12.70
N TYR C 45 1.48 29.95 11.74
CA TYR C 45 0.15 29.40 11.90
C TYR C 45 0.20 27.91 12.12
N HIS C 46 0.97 27.20 11.30
CA HIS C 46 1.09 25.75 11.50
C HIS C 46 1.71 25.42 12.85
N GLU C 47 2.65 26.25 13.34
CA GLU C 47 3.16 26.01 14.70
C GLU C 47 2.04 26.17 15.71
N SER C 48 1.20 27.20 15.54
CA SER C 48 0.12 27.42 16.48
C SER C 48 -0.83 26.22 16.51
N ILE C 49 -1.26 25.75 15.34
CA ILE C 49 -2.10 24.55 15.25
C ILE C 49 -1.44 23.35 15.94
N ASP C 50 -0.16 23.13 15.69
CA ASP C 50 0.52 22.00 16.33
CA ASP C 50 0.56 22.03 16.34
C ASP C 50 0.42 22.10 17.85
N GLU C 51 0.56 23.32 18.40
CA GLU C 51 0.42 23.46 19.85
C GLU C 51 -1.02 23.18 20.27
N MET C 52 -2.00 23.62 19.47
CA MET C 52 -3.40 23.27 19.74
C MET C 52 -3.61 21.76 19.85
N LYS C 53 -3.02 21.01 18.92
CA LYS C 53 -3.17 19.56 18.99
C LYS C 53 -2.51 18.98 20.23
N HIS C 54 -1.35 19.50 20.64
CA HIS C 54 -0.75 19.03 21.89
C HIS C 54 -1.66 19.36 23.06
N ALA C 55 -2.23 20.58 23.08
CA ALA C 55 -3.12 20.92 24.18
C ALA C 55 -4.30 19.98 24.25
N ASP C 56 -4.84 19.60 23.10
CA ASP C 56 -5.96 18.63 23.07
C ASP C 56 -5.57 17.32 23.75
N LYS C 57 -4.46 16.74 23.33
CA LYS C 57 -4.06 15.45 23.90
C LYS C 57 -3.81 15.56 25.40
N LEU C 58 -3.25 16.68 25.84
CA LEU C 58 -3.05 16.86 27.28
C LEU C 58 -4.37 16.93 28.03
N ILE C 59 -5.32 17.68 27.48
CA ILE C 59 -6.62 17.80 28.12
C ILE C 59 -7.28 16.44 28.24
N GLU C 60 -7.20 15.66 27.17
CA GLU C 60 -7.79 14.34 27.14
C GLU C 60 -7.14 13.41 28.16
N ARG C 61 -5.82 13.45 28.24
CA ARG C 61 -5.12 12.61 29.21
C ARG C 61 -5.49 13.01 30.64
N ILE C 62 -5.48 14.32 30.92
CA ILE C 62 -5.84 14.78 32.26
C ILE C 62 -7.22 14.27 32.65
N LEU C 63 -8.19 14.34 31.73
CA LEU C 63 -9.54 13.90 32.09
C LEU C 63 -9.60 12.40 32.27
N PHE C 64 -8.90 11.65 31.42
CA PHE C 64 -8.82 10.21 31.64
C PHE C 64 -8.32 9.92 33.05
N LEU C 65 -7.31 10.65 33.49
CA LEU C 65 -6.72 10.47 34.81
C LEU C 65 -7.53 11.14 35.92
N GLU C 66 -8.76 11.59 35.61
CA GLU C 66 -9.70 12.12 36.60
C GLU C 66 -9.20 13.42 37.24
N GLY C 67 -8.38 14.17 36.51
CA GLY C 67 -8.02 15.51 36.91
C GLY C 67 -8.88 16.55 36.22
N LEU C 68 -8.70 17.80 36.67
CA LEU C 68 -9.35 18.96 36.08
C LEU C 68 -8.37 19.71 35.21
N PRO C 69 -8.54 19.71 33.88
CA PRO C 69 -7.65 20.50 33.03
C PRO C 69 -7.86 21.98 33.29
N ASN C 70 -6.77 22.72 33.31
CA ASN C 70 -6.82 24.12 33.69
C ASN C 70 -6.59 24.95 32.43
N LEU C 71 -7.68 25.44 31.85
CA LEU C 71 -7.59 26.35 30.71
C LEU C 71 -7.82 27.80 31.13
N GLN C 72 -7.86 28.07 32.43
CA GLN C 72 -8.15 29.41 32.95
C GLN C 72 -6.91 30.29 33.12
N ASP C 73 -5.74 29.74 33.45
CA ASP C 73 -4.66 30.51 34.07
C ASP C 73 -3.54 30.81 33.09
N LEU C 74 -3.86 31.63 32.10
CA LEU C 74 -2.92 31.95 31.02
C LEU C 74 -1.70 32.74 31.52
N GLY C 75 -0.51 32.21 31.26
CA GLY C 75 0.71 32.92 31.56
C GLY C 75 1.04 33.99 30.56
N LYS C 76 2.22 34.56 30.71
CA LYS C 76 2.61 35.76 29.98
C LYS C 76 3.03 35.43 28.56
N LEU C 77 2.39 36.10 27.59
CA LEU C 77 2.78 35.98 26.20
C LEU C 77 4.01 36.84 25.93
N LEU C 78 4.94 36.28 25.19
CA LEU C 78 6.15 36.96 24.76
C LEU C 78 5.92 37.39 23.32
N ILE C 79 5.51 38.65 23.13
CA ILE C 79 5.19 39.21 21.82
C ILE C 79 6.32 40.12 21.39
N GLY C 80 6.90 39.88 20.21
CA GLY C 80 7.93 40.77 19.70
C GLY C 80 7.34 41.95 18.93
N GLU C 81 8.23 42.87 18.55
CA GLU C 81 7.85 44.02 17.75
C GLU C 81 8.47 44.02 16.36
N ASN C 82 9.37 43.07 16.09
CA ASN C 82 9.92 42.88 14.78
C ASN C 82 10.25 41.39 14.62
N THR C 83 10.58 41.00 13.40
CA THR C 83 10.73 39.58 13.10
C THR C 83 11.81 38.94 13.96
N GLN C 84 12.98 39.59 14.05
CA GLN C 84 14.07 39.08 14.87
C GLN C 84 13.61 38.83 16.29
N GLU C 85 12.91 39.80 16.87
CA GLU C 85 12.47 39.68 18.25
C GLU C 85 11.38 38.64 18.43
N MET C 86 10.46 38.54 17.46
CA MET C 86 9.41 37.52 17.53
C MET C 86 10.01 36.11 17.50
N LEU C 87 10.95 35.88 16.59
CA LEU C 87 11.65 34.59 16.55
C LEU C 87 12.33 34.30 17.88
N GLN C 88 12.98 35.29 18.49
CA GLN C 88 13.65 35.07 19.76
C GLN C 88 12.64 34.87 20.89
N CYS C 89 11.48 35.54 20.83
CA CYS C 89 10.45 35.29 21.84
C CYS C 89 9.90 33.87 21.73
N ASP C 90 9.67 33.39 20.50
CA ASP C 90 9.27 32.01 20.31
C ASP C 90 10.33 31.06 20.88
N LEU C 91 11.60 31.32 20.58
CA LEU C 91 12.67 30.45 21.05
C LEU C 91 12.73 30.44 22.57
N ASN C 92 12.59 31.61 23.21
CA ASN C 92 12.62 31.68 24.67
C ASN C 92 11.48 30.87 25.27
N LEU C 93 10.26 31.00 24.71
CA LEU C 93 9.14 30.20 25.21
C LEU C 93 9.42 28.70 25.03
N GLU C 94 10.01 28.31 23.89
CA GLU C 94 10.25 26.88 23.64
C GLU C 94 11.30 26.30 24.62
N LEU C 95 12.31 27.07 24.99
CA LEU C 95 13.27 26.57 26.00
C LEU C 95 12.61 26.35 27.34
N LYS C 96 11.75 27.28 27.77
CA LYS C 96 10.99 27.03 28.98
C LYS C 96 10.16 25.77 28.83
N ALA C 97 9.54 25.57 27.66
CA ALA C 97 8.65 24.43 27.47
C ALA C 97 9.40 23.11 27.61
N THR C 98 10.56 23.00 26.97
CA THR C 98 11.29 21.73 26.99
C THR C 98 11.86 21.44 28.39
N LYS C 99 12.31 22.48 29.10
CA LYS C 99 12.70 22.27 30.50
C LYS C 99 11.54 21.66 31.28
N ASP C 100 10.35 22.26 31.16
CA ASP C 100 9.23 21.74 31.92
C ASP C 100 8.84 20.33 31.47
N LEU C 101 8.97 20.05 30.16
CA LEU C 101 8.67 18.70 29.68
C LEU C 101 9.61 17.66 30.31
N ARG C 102 10.91 17.94 30.31
CA ARG C 102 11.88 17.01 30.91
C ARG C 102 11.50 16.68 32.35
N GLU C 103 11.13 17.71 33.13
CA GLU C 103 10.82 17.48 34.54
C GLU C 103 9.55 16.69 34.71
N ALA C 104 8.57 16.91 33.84
CA ALA C 104 7.35 16.12 33.94
C ALA C 104 7.63 14.66 33.58
N ILE C 105 8.50 14.42 32.61
CA ILE C 105 8.79 13.04 32.21
C ILE C 105 9.49 12.30 33.35
N VAL C 106 10.51 12.93 33.94
CA VAL C 106 11.16 12.41 35.15
C VAL C 106 10.11 11.92 36.11
N HIS C 107 9.13 12.76 36.42
CA HIS C 107 8.14 12.38 37.43
C HIS C 107 7.23 11.25 36.93
N CYS C 108 6.77 11.32 35.68
CA CYS C 108 5.99 10.20 35.15
C CYS C 108 6.75 8.90 35.32
N GLU C 109 8.04 8.90 34.98
CA GLU C 109 8.84 7.68 35.11
C GLU C 109 8.86 7.20 36.55
N GLN C 110 9.06 8.12 37.49
CA GLN C 110 9.17 7.75 38.91
C GLN C 110 7.90 7.07 39.41
N VAL C 111 6.73 7.54 38.99
CA VAL C 111 5.49 6.92 39.45
C VAL C 111 4.98 5.86 38.47
N HIS C 112 5.76 5.54 37.43
CA HIS C 112 5.45 4.45 36.49
C HIS C 112 4.29 4.77 35.56
N ASP C 113 3.99 6.05 35.35
CA ASP C 113 2.97 6.46 34.38
C ASP C 113 3.65 6.52 33.01
N TYR C 114 3.89 5.34 32.45
CA TYR C 114 4.67 5.29 31.24
C TYR C 114 3.89 5.81 30.04
N VAL C 115 2.56 5.71 30.07
CA VAL C 115 1.75 6.28 28.98
C VAL C 115 1.82 7.81 28.99
N SER C 116 1.67 8.45 30.16
CA SER C 116 1.86 9.90 30.18
C SER C 116 3.25 10.26 29.71
N ARG C 117 4.26 9.48 30.14
CA ARG C 117 5.62 9.75 29.68
C ARG C 117 5.70 9.73 28.15
N ASP C 118 5.06 8.73 27.51
CA ASP C 118 5.14 8.56 26.06
C ASP C 118 4.49 9.74 25.33
N LEU C 119 3.36 10.20 25.84
CA LEU C 119 2.77 11.44 25.32
C LEU C 119 3.72 12.63 25.43
N LEU C 120 4.34 12.80 26.60
CA LEU C 120 5.15 14.01 26.80
C LEU C 120 6.40 13.93 25.96
N LYS C 121 6.93 12.72 25.78
CA LYS C 121 8.08 12.55 24.91
C LYS C 121 7.74 12.94 23.49
N ASP C 122 6.54 12.58 23.02
CA ASP C 122 6.14 12.97 21.66
C ASP C 122 6.01 14.49 21.54
N ILE C 123 5.42 15.12 22.56
CA ILE C 123 5.37 16.59 22.57
C ILE C 123 6.78 17.16 22.59
N LEU C 124 7.67 16.56 23.39
CA LEU C 124 9.05 17.02 23.44
C LEU C 124 9.73 16.94 22.09
N GLU C 125 9.52 15.83 21.36
CA GLU C 125 10.06 15.75 20.01
C GLU C 125 9.54 16.89 19.14
N SER C 126 8.24 17.20 19.23
N SER C 126 8.25 17.19 19.22
CA SER C 126 7.71 18.31 18.43
CA SER C 126 7.69 18.32 18.46
C SER C 126 8.33 19.64 18.84
C SER C 126 8.37 19.62 18.84
N GLU C 127 8.49 19.88 20.14
CA GLU C 127 9.07 21.14 20.59
C GLU C 127 10.54 21.25 20.22
N GLU C 128 11.29 20.14 20.20
CA GLU C 128 12.67 20.25 19.75
C GLU C 128 12.76 20.54 18.26
N GLU C 129 11.88 19.94 17.45
CA GLU C 129 11.86 20.33 16.05
C GLU C 129 11.56 21.83 15.90
N HIS C 130 10.69 22.37 16.74
CA HIS C 130 10.41 23.81 16.68
C HIS C 130 11.65 24.63 17.07
N ILE C 131 12.40 24.19 18.08
CA ILE C 131 13.65 24.86 18.41
C ILE C 131 14.61 24.84 17.23
N ASP C 132 14.81 23.68 16.59
CA ASP C 132 15.66 23.63 15.40
C ASP C 132 15.21 24.66 14.34
N TYR C 133 13.90 24.74 14.09
CA TYR C 133 13.40 25.72 13.14
C TYR C 133 13.81 27.14 13.56
N LEU C 134 13.52 27.49 14.82
CA LEU C 134 13.79 28.86 15.29
C LEU C 134 15.27 29.18 15.25
N GLU C 135 16.12 28.29 15.78
CA GLU C 135 17.57 28.52 15.75
C GLU C 135 18.06 28.70 14.33
N THR C 136 17.50 27.91 13.41
CA THR C 136 17.89 27.99 12.02
C THR C 136 17.52 29.33 11.39
N GLN C 137 16.32 29.85 11.67
CA GLN C 137 15.93 31.14 11.12
C GLN C 137 16.84 32.27 11.63
N LEU C 138 17.12 32.24 12.93
CA LEU C 138 18.00 33.25 13.51
C LEU C 138 19.39 33.16 12.90
N GLY C 139 19.84 31.94 12.60
CA GLY C 139 21.12 31.80 11.91
C GLY C 139 21.08 32.27 10.47
N LEU C 140 19.97 32.02 9.77
CA LEU C 140 19.89 32.51 8.39
C LEU C 140 19.88 34.03 8.35
N ILE C 141 19.22 34.67 9.31
CA ILE C 141 19.24 36.13 9.30
C ILE C 141 20.69 36.63 9.27
N GLN C 142 21.59 36.00 10.04
CA GLN C 142 23.01 36.37 10.04
C GLN C 142 23.69 36.08 8.71
N LYS C 143 23.34 34.94 8.08
CA LYS C 143 24.08 34.51 6.90
C LYS C 143 23.62 35.24 5.64
N VAL C 144 22.32 35.52 5.52
CA VAL C 144 21.81 36.11 4.29
C VAL C 144 21.50 37.60 4.48
N GLY C 145 21.48 38.09 5.70
CA GLY C 145 21.10 39.46 5.98
C GLY C 145 19.61 39.55 6.25
N LEU C 146 19.23 40.54 7.07
CA LEU C 146 17.84 40.65 7.51
C LEU C 146 16.93 40.96 6.34
N GLU C 147 17.38 41.85 5.45
CA GLU C 147 16.54 42.24 4.32
C GLU C 147 16.29 41.07 3.37
N ASN C 148 17.34 40.29 3.09
CA ASN C 148 17.14 39.10 2.26
C ASN C 148 16.26 38.09 2.96
N TYR C 149 16.46 37.90 4.26
CA TYR C 149 15.66 36.91 4.98
C TYR C 149 14.19 37.27 4.90
N LEU C 150 13.88 38.56 5.03
CA LEU C 150 12.50 38.98 4.97
C LEU C 150 11.96 38.84 3.57
N GLN C 151 12.78 39.17 2.57
CA GLN C 151 12.36 39.07 1.19
C GLN C 151 12.01 37.64 0.84
N SER C 152 12.80 36.68 1.32
CA SER C 152 12.53 35.27 1.09
C SER C 152 11.30 34.77 1.82
N HIS C 153 10.72 35.58 2.72
CA HIS C 153 9.51 35.17 3.44
C HIS C 153 8.29 36.00 3.07
N MET C 154 8.35 36.74 1.95
CA MET C 154 7.21 37.52 1.49
C MET C 154 6.11 36.65 0.88
N HIS C 155 6.50 35.67 0.06
CA HIS C 155 5.57 34.89 -0.73
C HIS C 155 5.60 33.44 -0.29
N GLU C 156 4.43 32.79 -0.32
CA GLU C 156 4.31 31.43 0.20
C GLU C 156 4.89 30.35 -0.71
N MET D 1 -39.77 -40.93 -8.63
CA MET D 1 -39.14 -42.07 -7.86
C MET D 1 -40.08 -42.40 -6.70
N LYS D 2 -40.47 -43.65 -6.53
CA LYS D 2 -41.57 -43.95 -5.59
C LYS D 2 -41.02 -43.87 -4.16
N GLY D 3 -41.52 -42.89 -3.40
CA GLY D 3 -41.08 -42.74 -2.02
C GLY D 3 -41.84 -43.61 -1.03
N ASP D 4 -41.27 -43.68 0.17
CA ASP D 4 -41.88 -44.35 1.30
C ASP D 4 -43.16 -43.64 1.73
N LYS D 5 -44.26 -44.39 1.81
CA LYS D 5 -45.55 -43.79 2.10
C LYS D 5 -45.49 -42.95 3.37
N LYS D 6 -44.87 -43.49 4.42
CA LYS D 6 -44.85 -42.73 5.67
C LYS D 6 -43.89 -41.54 5.59
N VAL D 7 -42.78 -41.64 4.87
CA VAL D 7 -41.93 -40.46 4.68
C VAL D 7 -42.75 -39.32 4.07
N ILE D 8 -43.56 -39.63 3.05
CA ILE D 8 -44.37 -38.60 2.39
C ILE D 8 -45.39 -38.02 3.36
N GLN D 9 -45.99 -38.86 4.21
CA GLN D 9 -46.89 -38.34 5.23
C GLN D 9 -46.15 -37.42 6.20
N HIS D 10 -44.91 -37.78 6.55
CA HIS D 10 -44.13 -36.86 7.38
C HIS D 10 -43.87 -35.56 6.62
N LEU D 11 -43.45 -35.65 5.36
CA LEU D 11 -43.19 -34.44 4.59
C LEU D 11 -44.43 -33.56 4.50
N ASN D 12 -45.61 -34.16 4.31
CA ASN D 12 -46.81 -33.35 4.27
C ASN D 12 -47.11 -32.71 5.61
N LYS D 13 -46.78 -33.39 6.72
CA LYS D 13 -47.02 -32.78 8.03
C LYS D 13 -46.12 -31.59 8.23
N ILE D 14 -44.85 -31.70 7.81
CA ILE D 14 -43.93 -30.57 7.89
C ILE D 14 -44.42 -29.43 7.00
N LEU D 15 -44.81 -29.75 5.76
CA LEU D 15 -45.38 -28.75 4.86
C LEU D 15 -46.58 -28.04 5.50
N GLY D 16 -47.46 -28.81 6.13
CA GLY D 16 -48.60 -28.21 6.81
C GLY D 16 -48.16 -27.20 7.87
N ASN D 17 -47.13 -27.53 8.64
CA ASN D 17 -46.59 -26.56 9.58
C ASN D 17 -46.08 -25.32 8.88
N GLU D 18 -45.37 -25.46 7.76
CA GLU D 18 -44.83 -24.30 7.08
C GLU D 18 -45.95 -23.39 6.58
N LEU D 19 -47.04 -24.00 6.11
CA LEU D 19 -48.14 -23.23 5.55
C LEU D 19 -48.81 -22.39 6.63
N ILE D 20 -48.91 -22.93 7.83
CA ILE D 20 -49.38 -22.15 8.97
C ILE D 20 -48.44 -20.98 9.24
N ALA D 21 -47.14 -21.25 9.31
CA ALA D 21 -46.19 -20.22 9.69
C ALA D 21 -46.13 -19.10 8.64
N ILE D 22 -46.14 -19.46 7.35
CA ILE D 22 -46.25 -18.45 6.28
C ILE D 22 -47.33 -17.44 6.59
N ASN D 23 -48.58 -17.91 6.77
CA ASN D 23 -49.68 -16.98 6.99
C ASN D 23 -49.55 -16.24 8.32
N GLN D 24 -49.18 -16.95 9.38
CA GLN D 24 -49.06 -16.36 10.69
C GLN D 24 -48.01 -15.26 10.69
N TYR D 25 -46.83 -15.53 10.12
CA TYR D 25 -45.78 -14.54 10.10
C TYR D 25 -46.15 -13.39 9.17
N PHE D 26 -46.82 -13.69 8.06
CA PHE D 26 -47.17 -12.61 7.15
C PHE D 26 -48.19 -11.67 7.80
N LEU D 27 -49.17 -12.23 8.49
CA LEU D 27 -50.14 -11.38 9.18
C LEU D 27 -49.48 -10.58 10.28
N HIS D 28 -48.62 -11.22 11.10
CA HIS D 28 -47.90 -10.48 12.14
C HIS D 28 -47.06 -9.37 11.55
N SER D 29 -46.35 -9.66 10.45
CA SER D 29 -45.61 -8.61 9.75
C SER D 29 -46.49 -7.41 9.44
N ARG D 30 -47.64 -7.66 8.81
CA ARG D 30 -48.45 -6.55 8.33
C ARG D 30 -49.16 -5.85 9.50
N MET D 31 -49.44 -6.59 10.58
CA MET D 31 -49.90 -5.95 11.80
C MET D 31 -48.86 -4.99 12.34
N TRP D 32 -47.61 -5.44 12.46
CA TRP D 32 -46.55 -4.60 12.99
C TRP D 32 -46.33 -3.37 12.12
N ASN D 33 -46.39 -3.54 10.78
CA ASN D 33 -46.27 -2.37 9.89
C ASN D 33 -47.41 -1.39 10.12
N ASP D 34 -48.63 -1.91 10.20
CA ASP D 34 -49.79 -1.07 10.47
C ASP D 34 -49.61 -0.28 11.77
N TRP D 35 -48.95 -0.86 12.79
CA TRP D 35 -48.77 -0.18 14.06
C TRP D 35 -47.58 0.76 14.07
N GLY D 36 -46.83 0.83 12.97
CA GLY D 36 -45.65 1.67 12.89
C GLY D 36 -44.39 1.06 13.44
N LEU D 37 -44.40 -0.24 13.71
CA LEU D 37 -43.20 -0.94 14.17
C LEU D 37 -42.49 -1.59 12.98
N LYS D 38 -41.91 -0.72 12.14
CA LYS D 38 -41.56 -1.17 10.79
C LYS D 38 -40.39 -2.14 10.81
N ARG D 39 -39.53 -2.03 11.81
CA ARG D 39 -38.40 -2.95 11.84
C ARG D 39 -38.87 -4.35 12.19
N LEU D 40 -39.83 -4.47 13.11
CA LEU D 40 -40.42 -5.78 13.33
C LEU D 40 -41.14 -6.25 12.09
N GLY D 41 -41.86 -5.35 11.42
CA GLY D 41 -42.64 -5.77 10.28
C GLY D 41 -41.76 -6.36 9.18
N ALA D 42 -40.58 -5.75 8.98
CA ALA D 42 -39.70 -6.17 7.90
C ALA D 42 -39.05 -7.50 8.25
N HIS D 43 -38.63 -7.63 9.50
CA HIS D 43 -38.00 -8.87 9.90
C HIS D 43 -38.99 -10.03 9.82
N GLU D 44 -40.24 -9.83 10.28
CA GLU D 44 -41.26 -10.87 10.24
C GLU D 44 -41.62 -11.24 8.81
N TYR D 45 -41.65 -10.25 7.92
CA TYR D 45 -41.82 -10.52 6.51
C TYR D 45 -40.72 -11.44 5.97
N HIS D 46 -39.47 -11.20 6.35
CA HIS D 46 -38.42 -12.09 5.86
C HIS D 46 -38.56 -13.49 6.47
N GLU D 47 -39.03 -13.59 7.71
CA GLU D 47 -39.34 -14.91 8.26
C GLU D 47 -40.41 -15.60 7.45
N SER D 48 -41.43 -14.87 7.02
CA SER D 48 -42.49 -15.46 6.20
C SER D 48 -41.94 -15.98 4.87
N ILE D 49 -41.12 -15.18 4.20
CA ILE D 49 -40.55 -15.60 2.91
C ILE D 49 -39.71 -16.86 3.08
N ASP D 50 -38.91 -16.92 4.16
CA ASP D 50 -38.12 -18.12 4.43
C ASP D 50 -38.99 -19.37 4.54
N GLU D 51 -40.14 -19.26 5.21
CA GLU D 51 -41.06 -20.38 5.33
C GLU D 51 -41.65 -20.72 3.98
N MET D 52 -41.88 -19.71 3.15
CA MET D 52 -42.33 -19.94 1.79
C MET D 52 -41.31 -20.75 1.01
N LYS D 53 -40.03 -20.42 1.17
CA LYS D 53 -38.97 -21.19 0.50
C LYS D 53 -38.90 -22.64 0.96
N HIS D 54 -39.02 -22.90 2.28
CA HIS D 54 -39.06 -24.28 2.74
C HIS D 54 -40.28 -25.03 2.20
N ALA D 55 -41.45 -24.39 2.21
CA ALA D 55 -42.62 -25.03 1.64
C ALA D 55 -42.38 -25.41 0.19
N ASP D 56 -41.77 -24.51 -0.59
CA ASP D 56 -41.45 -24.82 -1.99
C ASP D 56 -40.58 -26.09 -2.08
N LYS D 57 -39.54 -26.17 -1.26
CA LYS D 57 -38.66 -27.33 -1.33
C LYS D 57 -39.40 -28.61 -0.93
N LEU D 58 -40.27 -28.52 0.05
CA LEU D 58 -41.01 -29.72 0.48
C LEU D 58 -41.97 -30.19 -0.59
N ILE D 59 -42.70 -29.25 -1.19
CA ILE D 59 -43.58 -29.53 -2.31
C ILE D 59 -42.83 -30.22 -3.42
N GLU D 60 -41.65 -29.69 -3.77
CA GLU D 60 -40.85 -30.29 -4.83
C GLU D 60 -40.43 -31.71 -4.46
N ARG D 61 -39.97 -31.93 -3.22
CA ARG D 61 -39.58 -33.28 -2.81
C ARG D 61 -40.75 -34.25 -2.86
N ILE D 62 -41.89 -33.85 -2.32
CA ILE D 62 -43.07 -34.71 -2.33
C ILE D 62 -43.45 -35.11 -3.75
N LEU D 63 -43.46 -34.15 -4.69
CA LEU D 63 -43.77 -34.50 -6.08
C LEU D 63 -42.72 -35.44 -6.67
N PHE D 64 -41.44 -35.19 -6.38
CA PHE D 64 -40.41 -36.10 -6.88
C PHE D 64 -40.66 -37.52 -6.38
N LEU D 65 -41.12 -37.65 -5.14
CA LEU D 65 -41.38 -38.94 -4.53
C LEU D 65 -42.74 -39.50 -4.92
N GLU D 66 -43.48 -38.79 -5.79
CA GLU D 66 -44.74 -39.25 -6.35
C GLU D 66 -45.87 -39.28 -5.32
N GLY D 67 -45.83 -38.35 -4.37
CA GLY D 67 -46.95 -38.07 -3.50
C GLY D 67 -47.67 -36.79 -3.88
N LEU D 68 -48.77 -36.52 -3.17
CA LEU D 68 -49.57 -35.32 -3.42
C LEU D 68 -49.27 -34.33 -2.31
N PRO D 69 -48.67 -33.17 -2.61
CA PRO D 69 -48.44 -32.17 -1.56
C PRO D 69 -49.78 -31.58 -1.12
N ASN D 70 -50.01 -31.59 0.18
CA ASN D 70 -51.27 -31.13 0.75
C ASN D 70 -51.18 -29.62 1.02
N LEU D 71 -51.76 -28.82 0.14
CA LEU D 71 -51.88 -27.40 0.39
C LEU D 71 -53.30 -26.98 0.71
N GLN D 72 -54.17 -27.94 1.00
CA GLN D 72 -55.59 -27.68 1.26
C GLN D 72 -55.91 -27.53 2.74
N ASP D 73 -55.21 -28.30 3.60
CA ASP D 73 -55.58 -28.47 5.00
C ASP D 73 -54.74 -27.57 5.91
N LEU D 74 -55.14 -26.31 6.01
CA LEU D 74 -54.41 -25.33 6.82
C LEU D 74 -54.79 -25.45 8.29
N GLY D 75 -53.79 -25.68 9.14
CA GLY D 75 -54.01 -25.76 10.57
C GLY D 75 -54.28 -24.39 11.18
N LYS D 76 -54.22 -24.36 12.51
CA LYS D 76 -54.66 -23.21 13.29
C LYS D 76 -53.53 -22.19 13.40
N LEU D 77 -53.80 -20.97 12.95
CA LEU D 77 -52.86 -19.87 13.14
C LEU D 77 -52.88 -19.41 14.60
N LEU D 78 -51.70 -19.06 15.10
CA LEU D 78 -51.55 -18.45 16.41
C LEU D 78 -51.29 -16.96 16.17
N ILE D 79 -52.31 -16.13 16.31
CA ILE D 79 -52.17 -14.70 16.12
C ILE D 79 -52.16 -14.00 17.47
N GLY D 80 -51.14 -13.21 17.72
CA GLY D 80 -51.10 -12.45 18.95
C GLY D 80 -51.91 -11.17 18.86
N GLU D 81 -52.16 -10.56 20.02
CA GLU D 81 -52.86 -9.28 20.08
C GLU D 81 -51.95 -8.14 20.50
N ASN D 82 -50.68 -8.41 20.75
CA ASN D 82 -49.68 -7.40 21.01
C ASN D 82 -48.32 -8.03 20.72
N THR D 83 -47.27 -7.21 20.76
CA THR D 83 -45.96 -7.63 20.27
C THR D 83 -45.43 -8.84 21.03
N GLN D 84 -45.49 -8.80 22.37
CA GLN D 84 -45.02 -9.91 23.18
C GLN D 84 -45.75 -11.21 22.87
N GLU D 85 -47.08 -11.15 22.73
CA GLU D 85 -47.84 -12.36 22.41
C GLU D 85 -47.52 -12.83 21.01
N MET D 86 -47.34 -11.91 20.07
CA MET D 86 -47.09 -12.34 18.70
C MET D 86 -45.77 -13.08 18.63
N LEU D 87 -44.75 -12.54 19.27
CA LEU D 87 -43.46 -13.22 19.32
C LEU D 87 -43.59 -14.58 20.01
N GLN D 88 -44.39 -14.65 21.08
CA GLN D 88 -44.57 -15.92 21.79
C GLN D 88 -45.39 -16.90 20.94
N CYS D 89 -46.37 -16.40 20.18
CA CYS D 89 -47.10 -17.27 19.27
C CYS D 89 -46.17 -17.87 18.21
N ASP D 90 -45.26 -17.05 17.67
CA ASP D 90 -44.32 -17.59 16.71
C ASP D 90 -43.43 -18.64 17.39
N LEU D 91 -43.01 -18.38 18.63
CA LEU D 91 -42.13 -19.33 19.30
C LEU D 91 -42.85 -20.66 19.54
N ASN D 92 -44.11 -20.59 20.00
CA ASN D 92 -44.86 -21.82 20.20
C ASN D 92 -44.97 -22.61 18.90
N LEU D 93 -45.35 -21.96 17.80
CA LEU D 93 -45.39 -22.61 16.51
C LEU D 93 -44.05 -23.25 16.17
N GLU D 94 -42.95 -22.55 16.45
CA GLU D 94 -41.64 -23.08 16.06
C GLU D 94 -41.27 -24.32 16.88
N LEU D 95 -41.63 -24.34 18.17
CA LEU D 95 -41.33 -25.51 18.98
C LEU D 95 -42.12 -26.73 18.51
N LYS D 96 -43.39 -26.56 18.14
CA LYS D 96 -44.12 -27.67 17.54
C LYS D 96 -43.45 -28.12 16.25
N ALA D 97 -43.04 -27.17 15.40
CA ALA D 97 -42.47 -27.53 14.10
C ALA D 97 -41.19 -28.34 14.25
N THR D 98 -40.33 -27.96 15.19
CA THR D 98 -39.06 -28.67 15.33
C THR D 98 -39.27 -30.07 15.88
N LYS D 99 -40.18 -30.21 16.86
CA LYS D 99 -40.58 -31.54 17.30
C LYS D 99 -40.96 -32.40 16.11
N ASP D 100 -41.81 -31.88 15.23
CA ASP D 100 -42.25 -32.66 14.08
C ASP D 100 -41.11 -32.95 13.12
N LEU D 101 -40.21 -31.98 12.92
CA LEU D 101 -39.04 -32.26 12.07
C LEU D 101 -38.21 -33.43 12.63
N ARG D 102 -37.90 -33.40 13.92
CA ARG D 102 -37.13 -34.48 14.53
C ARG D 102 -37.77 -35.83 14.26
N GLU D 103 -39.07 -35.95 14.53
CA GLU D 103 -39.77 -37.20 14.28
C GLU D 103 -39.68 -37.61 12.81
N ALA D 104 -39.87 -36.66 11.89
CA ALA D 104 -39.77 -37.01 10.48
C ALA D 104 -38.37 -37.52 10.15
N ILE D 105 -37.34 -36.86 10.68
CA ILE D 105 -35.97 -37.27 10.38
C ILE D 105 -35.72 -38.69 10.89
N VAL D 106 -36.20 -39.00 12.10
CA VAL D 106 -36.07 -40.35 12.64
C VAL D 106 -36.54 -41.39 11.62
N HIS D 107 -37.73 -41.18 11.05
CA HIS D 107 -38.28 -42.16 10.13
C HIS D 107 -37.53 -42.16 8.80
N CYS D 108 -37.13 -40.99 8.30
CA CYS D 108 -36.29 -40.95 7.11
C CYS D 108 -35.03 -41.78 7.31
N GLU D 109 -34.39 -41.64 8.48
CA GLU D 109 -33.18 -42.42 8.75
C GLU D 109 -33.49 -43.92 8.73
N GLN D 110 -34.63 -44.32 9.33
CA GLN D 110 -34.97 -45.74 9.44
C GLN D 110 -35.22 -46.38 8.08
N VAL D 111 -35.82 -45.67 7.12
CA VAL D 111 -36.13 -46.25 5.82
C VAL D 111 -35.08 -45.88 4.76
N HIS D 112 -33.97 -45.27 5.16
CA HIS D 112 -32.80 -44.99 4.31
C HIS D 112 -33.09 -43.90 3.26
N ASP D 113 -34.04 -43.02 3.54
CA ASP D 113 -34.29 -41.85 2.70
C ASP D 113 -33.40 -40.70 3.18
N TYR D 114 -32.12 -40.81 2.84
CA TYR D 114 -31.13 -39.89 3.35
C TYR D 114 -31.24 -38.49 2.74
N VAL D 115 -31.67 -38.40 1.50
CA VAL D 115 -31.84 -37.08 0.88
C VAL D 115 -32.98 -36.34 1.55
N SER D 116 -34.12 -37.01 1.78
CA SER D 116 -35.18 -36.35 2.53
C SER D 116 -34.69 -35.93 3.92
N ARG D 117 -33.93 -36.79 4.60
CA ARG D 117 -33.37 -36.40 5.90
C ARG D 117 -32.54 -35.12 5.79
N ASP D 118 -31.70 -35.02 4.75
CA ASP D 118 -30.83 -33.86 4.56
C ASP D 118 -31.66 -32.60 4.40
N LEU D 119 -32.70 -32.67 3.56
CA LEU D 119 -33.56 -31.51 3.36
C LEU D 119 -34.20 -31.09 4.68
N LEU D 120 -34.67 -32.06 5.48
CA LEU D 120 -35.32 -31.72 6.74
C LEU D 120 -34.34 -31.15 7.74
N LYS D 121 -33.10 -31.67 7.72
CA LYS D 121 -32.07 -31.14 8.59
C LYS D 121 -31.77 -29.68 8.28
N ASP D 122 -31.67 -29.35 6.98
CA ASP D 122 -31.49 -27.96 6.59
C ASP D 122 -32.67 -27.10 7.07
N ILE D 123 -33.90 -27.58 6.91
CA ILE D 123 -35.04 -26.84 7.41
C ILE D 123 -34.99 -26.71 8.93
N LEU D 124 -34.58 -27.78 9.62
CA LEU D 124 -34.48 -27.74 11.07
C LEU D 124 -33.49 -26.67 11.54
N GLU D 125 -32.38 -26.54 10.81
CA GLU D 125 -31.37 -25.52 11.11
C GLU D 125 -31.97 -24.11 10.98
N SER D 126 -32.75 -23.89 9.93
N SER D 126 -32.72 -23.86 9.92
CA SER D 126 -33.41 -22.60 9.75
CA SER D 126 -33.38 -22.56 9.81
C SER D 126 -34.42 -22.32 10.86
C SER D 126 -34.33 -22.33 10.98
N GLU D 127 -35.12 -23.35 11.32
CA GLU D 127 -36.10 -23.16 12.39
C GLU D 127 -35.41 -22.90 13.73
N GLU D 128 -34.29 -23.57 14.02
CA GLU D 128 -33.60 -23.30 15.28
C GLU D 128 -33.06 -21.88 15.30
N GLU D 129 -32.56 -21.40 14.16
CA GLU D 129 -32.18 -19.98 14.05
C GLU D 129 -33.37 -19.06 14.32
N HIS D 130 -34.56 -19.42 13.83
CA HIS D 130 -35.72 -18.61 14.14
C HIS D 130 -36.06 -18.65 15.63
N ILE D 131 -35.99 -19.82 16.25
CA ILE D 131 -36.16 -19.91 17.70
C ILE D 131 -35.14 -19.05 18.45
N ASP D 132 -33.87 -19.07 18.03
CA ASP D 132 -32.88 -18.20 18.65
C ASP D 132 -33.30 -16.74 18.55
N TYR D 133 -33.75 -16.32 17.38
CA TYR D 133 -34.19 -14.95 17.19
C TYR D 133 -35.32 -14.61 18.17
N LEU D 134 -36.36 -15.45 18.21
CA LEU D 134 -37.54 -15.16 19.03
C LEU D 134 -37.17 -15.13 20.52
N GLU D 135 -36.48 -16.16 21.00
CA GLU D 135 -36.07 -16.16 22.40
C GLU D 135 -35.27 -14.91 22.73
N THR D 136 -34.49 -14.43 21.78
CA THR D 136 -33.65 -13.26 22.05
C THR D 136 -34.51 -12.00 22.15
N GLN D 137 -35.50 -11.86 21.28
CA GLN D 137 -36.39 -10.72 21.33
C GLN D 137 -37.15 -10.69 22.65
N LEU D 138 -37.70 -11.83 23.06
CA LEU D 138 -38.44 -11.91 24.31
C LEU D 138 -37.54 -11.59 25.50
N GLY D 139 -36.28 -12.03 25.43
CA GLY D 139 -35.34 -11.67 26.46
C GLY D 139 -34.98 -10.19 26.47
N LEU D 140 -34.89 -9.59 25.27
CA LEU D 140 -34.62 -8.15 25.17
C LEU D 140 -35.77 -7.31 25.75
N ILE D 141 -37.02 -7.75 25.55
CA ILE D 141 -38.16 -7.04 26.14
C ILE D 141 -37.97 -6.93 27.64
N GLN D 142 -37.50 -8.01 28.27
CA GLN D 142 -37.22 -8.01 29.71
C GLN D 142 -36.05 -7.12 30.06
N LYS D 143 -34.98 -7.15 29.25
CA LYS D 143 -33.79 -6.41 29.62
C LYS D 143 -33.94 -4.90 29.41
N VAL D 144 -34.55 -4.48 28.30
CA VAL D 144 -34.64 -3.05 27.98
C VAL D 144 -36.01 -2.46 28.33
N GLY D 145 -36.97 -3.30 28.67
CA GLY D 145 -38.33 -2.84 28.92
C GLY D 145 -39.12 -2.76 27.63
N LEU D 146 -40.44 -2.93 27.74
CA LEU D 146 -41.25 -3.04 26.55
C LEU D 146 -41.29 -1.74 25.75
N GLU D 147 -41.33 -0.59 26.44
CA GLU D 147 -41.41 0.69 25.71
C GLU D 147 -40.15 0.95 24.89
N ASN D 148 -38.99 0.71 25.48
CA ASN D 148 -37.72 0.81 24.75
C ASN D 148 -37.64 -0.22 23.62
N TYR D 149 -38.06 -1.46 23.87
CA TYR D 149 -37.97 -2.48 22.83
C TYR D 149 -38.79 -2.07 21.61
N LEU D 150 -40.02 -1.59 21.84
CA LEU D 150 -40.86 -1.18 20.73
C LEU D 150 -40.28 0.04 20.04
N GLN D 151 -39.81 1.01 20.82
CA GLN D 151 -39.15 2.18 20.25
C GLN D 151 -38.08 1.77 19.26
N SER D 152 -37.26 0.79 19.65
CA SER D 152 -36.13 0.34 18.85
C SER D 152 -36.55 -0.36 17.58
N HIS D 153 -37.85 -0.66 17.40
CA HIS D 153 -38.34 -1.36 16.22
C HIS D 153 -39.34 -0.51 15.43
N MET D 154 -39.37 0.80 15.70
CA MET D 154 -40.22 1.70 14.92
C MET D 154 -39.66 1.90 13.52
N HIS D 155 -38.37 2.21 13.43
CA HIS D 155 -37.70 2.60 12.20
C HIS D 155 -36.79 1.48 11.70
N GLU D 156 -36.69 1.38 10.37
CA GLU D 156 -35.80 0.40 9.75
C GLU D 156 -34.34 0.88 9.64
N MET E 1 20.74 23.60 19.44
CA MET E 1 20.40 23.45 20.87
C MET E 1 21.61 22.78 21.51
N LYS E 2 22.20 23.37 22.55
CA LYS E 2 23.45 22.84 23.07
C LYS E 2 23.20 21.49 23.75
N GLY E 3 23.78 20.43 23.20
CA GLY E 3 23.64 19.12 23.80
C GLY E 3 24.70 18.83 24.86
N ASP E 4 24.39 17.83 25.68
CA ASP E 4 25.32 17.27 26.65
C ASP E 4 26.54 16.66 25.97
N LYS E 5 27.73 17.04 26.43
CA LYS E 5 28.95 16.63 25.73
C LYS E 5 29.08 15.11 25.65
N LYS E 6 28.69 14.41 26.72
CA LYS E 6 28.86 12.97 26.75
C LYS E 6 27.77 12.24 25.99
N VAL E 7 26.53 12.77 25.99
CA VAL E 7 25.55 12.27 25.04
C VAL E 7 26.14 12.26 23.65
N ILE E 8 26.73 13.37 23.25
CA ILE E 8 27.24 13.48 21.90
C ILE E 8 28.38 12.49 21.66
N GLN E 9 29.19 12.25 22.68
CA GLN E 9 30.24 11.26 22.56
C GLN E 9 29.63 9.89 22.30
N HIS E 10 28.61 9.51 23.09
CA HIS E 10 27.92 8.24 22.88
C HIS E 10 27.36 8.18 21.46
N LEU E 11 26.67 9.24 21.03
CA LEU E 11 26.11 9.25 19.67
C LEU E 11 27.18 9.07 18.62
N ASN E 12 28.34 9.71 18.81
CA ASN E 12 29.41 9.54 17.83
C ASN E 12 29.94 8.10 17.85
N LYS E 13 29.84 7.43 18.99
CA LYS E 13 30.30 6.07 19.10
C LYS E 13 29.34 5.13 18.38
N ILE E 14 28.05 5.31 18.63
CA ILE E 14 27.05 4.59 17.86
C ILE E 14 27.25 4.83 16.37
N LEU E 15 27.38 6.10 15.97
CA LEU E 15 27.61 6.37 14.56
C LEU E 15 28.83 5.63 14.04
N GLY E 16 29.91 5.60 14.83
CA GLY E 16 31.09 4.89 14.38
C GLY E 16 30.81 3.42 14.10
N ASN E 17 29.97 2.80 14.94
CA ASN E 17 29.58 1.41 14.73
C ASN E 17 28.72 1.28 13.46
N GLU E 18 27.80 2.23 13.21
CA GLU E 18 26.99 2.18 12.00
C GLU E 18 27.87 2.29 10.75
N LEU E 19 28.91 3.13 10.82
CA LEU E 19 29.79 3.32 9.68
C LEU E 19 30.56 2.06 9.35
N ILE E 20 30.96 1.31 10.38
CA ILE E 20 31.59 0.01 10.16
C ILE E 20 30.60 -0.92 9.48
N ALA E 21 29.40 -1.01 10.05
CA ALA E 21 28.37 -1.89 9.53
C ALA E 21 28.05 -1.58 8.07
N ILE E 22 27.91 -0.30 7.72
CA ILE E 22 27.65 0.07 6.34
C ILE E 22 28.65 -0.61 5.41
N ASN E 23 29.93 -0.45 5.68
CA ASN E 23 30.94 -0.98 4.77
C ASN E 23 31.02 -2.49 4.82
N GLN E 24 30.92 -3.09 6.02
CA GLN E 24 31.00 -4.52 6.16
C GLN E 24 29.84 -5.20 5.45
N TYR E 25 28.63 -4.71 5.67
CA TYR E 25 27.46 -5.30 5.01
C TYR E 25 27.51 -5.06 3.51
N PHE E 26 27.95 -3.87 3.08
CA PHE E 26 28.02 -3.65 1.65
C PHE E 26 29.01 -4.59 0.99
N LEU E 27 30.19 -4.76 1.58
CA LEU E 27 31.17 -5.65 0.97
C LEU E 27 30.67 -7.09 0.98
N HIS E 28 30.13 -7.54 2.11
CA HIS E 28 29.58 -8.89 2.15
C HIS E 28 28.51 -9.08 1.08
N SER E 29 27.64 -8.08 0.89
CA SER E 29 26.59 -8.16 -0.11
C SER E 29 27.18 -8.40 -1.49
N ARG E 30 28.20 -7.60 -1.83
CA ARG E 30 28.78 -7.68 -3.16
C ARG E 30 29.61 -8.96 -3.32
N MET E 31 30.17 -9.49 -2.24
CA MET E 31 30.88 -10.76 -2.33
C MET E 31 29.89 -11.86 -2.67
N TRP E 32 28.77 -11.87 -1.96
CA TRP E 32 27.76 -12.89 -2.18
C TRP E 32 27.20 -12.83 -3.59
N ASN E 33 26.98 -11.60 -4.12
CA ASN E 33 26.56 -11.45 -5.50
C ASN E 33 27.59 -12.02 -6.45
N ASP E 34 28.87 -11.68 -6.24
CA ASP E 34 29.94 -12.23 -7.05
C ASP E 34 29.90 -13.76 -7.08
N TRP E 35 29.58 -14.39 -5.94
CA TRP E 35 29.52 -15.86 -5.85
C TRP E 35 28.21 -16.45 -6.35
N GLY E 36 27.29 -15.62 -6.86
CA GLY E 36 26.03 -16.15 -7.35
C GLY E 36 25.02 -16.39 -6.28
N LEU E 37 25.26 -15.92 -5.07
CA LEU E 37 24.30 -16.08 -3.98
C LEU E 37 23.45 -14.82 -3.88
N LYS E 38 22.66 -14.56 -4.94
CA LYS E 38 22.05 -13.25 -5.10
C LYS E 38 21.00 -12.93 -4.06
N ARG E 39 20.32 -13.94 -3.52
CA ARG E 39 19.34 -13.64 -2.49
C ARG E 39 20.04 -13.15 -1.22
N LEU E 40 21.15 -13.81 -0.82
CA LEU E 40 21.96 -13.30 0.29
C LEU E 40 22.47 -11.91 -0.04
N GLY E 41 22.95 -11.72 -1.26
CA GLY E 41 23.49 -10.43 -1.63
C GLY E 41 22.44 -9.34 -1.54
N ALA E 42 21.20 -9.63 -1.97
CA ALA E 42 20.15 -8.61 -1.93
C ALA E 42 19.78 -8.28 -0.50
N HIS E 43 19.63 -9.31 0.34
CA HIS E 43 19.25 -9.06 1.72
C HIS E 43 20.35 -8.29 2.44
N GLU E 44 21.61 -8.61 2.15
CA GLU E 44 22.71 -7.94 2.84
C GLU E 44 22.85 -6.50 2.36
N TYR E 45 22.60 -6.26 1.07
CA TYR E 45 22.48 -4.89 0.58
C TYR E 45 21.47 -4.10 1.39
N HIS E 46 20.30 -4.68 1.65
CA HIS E 46 19.26 -3.93 2.36
C HIS E 46 19.66 -3.68 3.82
N GLU E 47 20.35 -4.63 4.46
CA GLU E 47 20.91 -4.35 5.78
C GLU E 47 21.85 -3.16 5.74
N SER E 48 22.73 -3.12 4.73
CA SER E 48 23.63 -1.99 4.57
C SER E 48 22.84 -0.68 4.47
N ILE E 49 21.79 -0.67 3.65
CA ILE E 49 20.99 0.53 3.48
C ILE E 49 20.39 0.97 4.79
N ASP E 50 19.90 0.00 5.57
CA ASP E 50 19.30 0.35 6.84
CA ASP E 50 19.31 0.32 6.84
C ASP E 50 20.31 1.05 7.74
N GLU E 51 21.57 0.60 7.72
CA GLU E 51 22.60 1.21 8.56
C GLU E 51 22.95 2.60 8.04
N MET E 52 22.92 2.78 6.72
CA MET E 52 23.08 4.11 6.15
C MET E 52 22.01 5.07 6.66
N LYS E 53 20.78 4.59 6.82
CA LYS E 53 19.72 5.48 7.28
C LYS E 53 19.87 5.82 8.75
N HIS E 54 20.23 4.83 9.57
CA HIS E 54 20.57 5.10 10.97
C HIS E 54 21.71 6.11 11.08
N ALA E 55 22.76 5.91 10.29
CA ALA E 55 23.87 6.87 10.36
C ALA E 55 23.37 8.26 10.03
N ASP E 56 22.53 8.37 9.00
CA ASP E 56 21.97 9.66 8.64
C ASP E 56 21.28 10.30 9.84
N LYS E 57 20.43 9.55 10.52
CA LYS E 57 19.69 10.13 11.63
C LYS E 57 20.60 10.51 12.79
N LEU E 58 21.64 9.72 13.08
CA LEU E 58 22.62 10.09 14.11
C LEU E 58 23.36 11.37 13.71
N ILE E 59 23.80 11.46 12.47
CA ILE E 59 24.50 12.66 12.02
C ILE E 59 23.62 13.89 12.24
N GLU E 60 22.34 13.76 11.89
CA GLU E 60 21.43 14.90 12.01
C GLU E 60 21.21 15.28 13.47
N ARG E 61 21.09 14.29 14.35
CA ARG E 61 20.90 14.59 15.77
C ARG E 61 22.14 15.28 16.35
N ILE E 62 23.32 14.81 15.98
CA ILE E 62 24.55 15.37 16.51
C ILE E 62 24.72 16.83 16.08
N LEU E 63 24.43 17.14 14.81
CA LEU E 63 24.54 18.53 14.35
C LEU E 63 23.52 19.42 15.03
N PHE E 64 22.30 18.91 15.24
CA PHE E 64 21.30 19.70 15.96
C PHE E 64 21.77 20.02 17.37
N LEU E 65 22.49 19.09 17.99
CA LEU E 65 23.02 19.23 19.34
C LEU E 65 24.34 20.00 19.36
N GLU E 66 24.74 20.54 18.21
CA GLU E 66 25.90 21.40 18.07
C GLU E 66 27.20 20.65 18.29
N GLY E 67 27.17 19.32 18.10
CA GLY E 67 28.36 18.52 18.04
C GLY E 67 28.88 18.37 16.63
N LEU E 68 30.05 17.76 16.53
CA LEU E 68 30.64 17.43 15.24
C LEU E 68 30.48 15.94 15.01
N PRO E 69 29.76 15.50 13.98
CA PRO E 69 29.67 14.05 13.69
C PRO E 69 30.99 13.51 13.16
N ASN E 70 31.49 12.45 13.80
CA ASN E 70 32.78 11.86 13.40
C ASN E 70 32.54 10.80 12.31
N LEU E 71 32.82 11.17 11.05
CA LEU E 71 32.82 10.25 9.92
C LEU E 71 34.23 9.94 9.43
N GLN E 72 35.25 10.40 10.15
CA GLN E 72 36.64 10.21 9.74
C GLN E 72 37.24 8.93 10.30
N ASP E 73 36.86 8.54 11.51
CA ASP E 73 37.44 7.39 12.18
C ASP E 73 36.59 6.16 11.86
N LEU E 74 37.21 5.19 11.23
CA LEU E 74 36.55 3.95 10.85
C LEU E 74 37.21 2.83 11.63
N GLY E 75 36.44 2.16 12.48
CA GLY E 75 36.90 1.00 13.19
C GLY E 75 37.08 -0.19 12.26
N LYS E 76 37.35 -1.34 12.88
CA LYS E 76 37.76 -2.53 12.14
C LYS E 76 36.55 -3.23 11.52
N LEU E 77 36.59 -3.41 10.21
CA LEU E 77 35.61 -4.26 9.55
C LEU E 77 35.88 -5.75 9.83
N LEU E 78 34.83 -6.51 10.09
CA LEU E 78 34.92 -7.95 10.29
C LEU E 78 34.41 -8.64 9.02
N ILE E 79 35.33 -9.01 8.14
CA ILE E 79 34.98 -9.59 6.83
C ILE E 79 35.20 -11.10 6.86
N GLY E 80 34.13 -11.86 6.65
CA GLY E 80 34.31 -13.30 6.54
C GLY E 80 34.92 -13.76 5.19
N GLU E 81 35.33 -15.04 5.13
CA GLU E 81 35.84 -15.63 3.89
C GLU E 81 34.92 -16.69 3.31
N ASN E 82 33.86 -17.06 4.01
CA ASN E 82 32.78 -17.87 3.45
C ASN E 82 31.48 -17.37 4.07
N THR E 83 30.35 -17.93 3.61
CA THR E 83 29.03 -17.48 4.08
C THR E 83 28.90 -17.61 5.59
N GLN E 84 29.32 -18.76 6.12
CA GLN E 84 29.21 -18.98 7.56
C GLN E 84 29.91 -17.86 8.32
N GLU E 85 31.16 -17.58 7.95
CA GLU E 85 31.95 -16.57 8.62
C GLU E 85 31.35 -15.17 8.44
N MET E 86 30.85 -14.88 7.25
CA MET E 86 30.32 -13.54 7.01
C MET E 86 29.15 -13.27 7.92
N LEU E 87 28.23 -14.24 8.02
CA LEU E 87 27.08 -14.11 8.91
C LEU E 87 27.52 -13.96 10.35
N GLN E 88 28.48 -14.77 10.79
CA GLN E 88 28.94 -14.67 12.17
C GLN E 88 29.65 -13.34 12.43
N CYS E 89 30.40 -12.83 11.45
CA CYS E 89 31.04 -11.52 11.60
C CYS E 89 30.01 -10.41 11.74
N ASP E 90 28.90 -10.52 11.01
CA ASP E 90 27.81 -9.55 11.14
C ASP E 90 27.19 -9.62 12.53
N LEU E 91 26.95 -10.84 13.01
CA LEU E 91 26.35 -11.01 14.33
C LEU E 91 27.28 -10.51 15.43
N ASN E 92 28.58 -10.78 15.33
CA ASN E 92 29.53 -10.26 16.30
C ASN E 92 29.49 -8.74 16.33
N LEU E 93 29.53 -8.11 15.15
CA LEU E 93 29.46 -6.65 15.10
C LEU E 93 28.12 -6.14 15.67
N GLU E 94 27.01 -6.84 15.40
CA GLU E 94 25.74 -6.38 15.95
C GLU E 94 25.72 -6.48 17.47
N LEU E 95 26.40 -7.47 18.03
CA LEU E 95 26.35 -7.65 19.49
C LEU E 95 27.14 -6.56 20.19
N LYS E 96 28.25 -6.11 19.60
CA LYS E 96 28.92 -4.93 20.14
C LYS E 96 28.04 -3.69 19.97
N ALA E 97 27.37 -3.56 18.81
CA ALA E 97 26.52 -2.41 18.56
C ALA E 97 25.43 -2.30 19.62
N THR E 98 24.79 -3.40 19.96
CA THR E 98 23.68 -3.26 20.86
C THR E 98 24.19 -3.03 22.28
N LYS E 99 25.39 -3.51 22.62
CA LYS E 99 25.97 -3.16 23.91
C LYS E 99 26.16 -1.66 23.99
N ASP E 100 26.78 -1.08 22.96
CA ASP E 100 27.02 0.34 22.94
C ASP E 100 25.71 1.12 22.97
N LEU E 101 24.72 0.66 22.21
CA LEU E 101 23.42 1.33 22.23
C LEU E 101 22.86 1.37 23.64
N ARG E 102 22.97 0.26 24.37
CA ARG E 102 22.36 0.18 25.68
C ARG E 102 23.02 1.16 26.65
N GLU E 103 24.35 1.31 26.53
CA GLU E 103 25.07 2.21 27.41
C GLU E 103 24.79 3.67 27.07
N ALA E 104 24.59 3.99 25.78
CA ALA E 104 24.24 5.32 25.35
C ALA E 104 22.86 5.71 25.87
N ILE E 105 21.95 4.74 25.89
CA ILE E 105 20.60 4.99 26.37
C ILE E 105 20.61 5.27 27.87
N VAL E 106 21.41 4.50 28.62
CA VAL E 106 21.54 4.75 30.04
C VAL E 106 21.93 6.20 30.29
N HIS E 107 22.92 6.69 29.55
CA HIS E 107 23.37 8.06 29.83
C HIS E 107 22.30 9.06 29.41
N CYS E 108 21.76 8.90 28.19
CA CYS E 108 20.67 9.76 27.72
C CYS E 108 19.59 9.88 28.77
N GLU E 109 19.24 8.75 29.38
CA GLU E 109 18.20 8.78 30.40
C GLU E 109 18.65 9.62 31.60
N GLN E 110 19.94 9.51 31.97
CA GLN E 110 20.39 10.19 33.20
C GLN E 110 20.40 11.70 33.03
N VAL E 111 20.73 12.18 31.83
CA VAL E 111 20.83 13.62 31.59
C VAL E 111 19.56 14.20 30.95
N HIS E 112 18.49 13.40 30.86
CA HIS E 112 17.17 13.85 30.42
C HIS E 112 17.10 14.19 28.92
N ASP E 113 17.97 13.58 28.11
CA ASP E 113 17.92 13.79 26.67
C ASP E 113 17.01 12.71 26.10
N TYR E 114 15.72 12.87 26.39
CA TYR E 114 14.77 11.81 26.10
C TYR E 114 14.54 11.63 24.61
N VAL E 115 14.74 12.68 23.80
CA VAL E 115 14.61 12.53 22.34
C VAL E 115 15.78 11.71 21.79
N SER E 116 17.00 11.95 22.27
CA SER E 116 18.11 11.11 21.85
C SER E 116 17.85 9.66 22.24
N ARG E 117 17.31 9.44 23.43
CA ARG E 117 17.03 8.09 23.86
C ARG E 117 16.05 7.39 22.90
N ASP E 118 14.97 8.10 22.53
CA ASP E 118 13.98 7.53 21.62
C ASP E 118 14.61 7.15 20.29
N LEU E 119 15.48 8.02 19.77
CA LEU E 119 16.16 7.69 18.53
C LEU E 119 16.99 6.42 18.67
N LEU E 120 17.78 6.35 19.73
CA LEU E 120 18.65 5.20 19.96
C LEU E 120 17.82 3.94 20.15
N LYS E 121 16.69 4.05 20.83
CA LYS E 121 15.83 2.88 21.05
C LYS E 121 15.28 2.36 19.72
N ASP E 122 14.82 3.26 18.85
CA ASP E 122 14.43 2.84 17.50
C ASP E 122 15.59 2.14 16.78
N ILE E 123 16.80 2.69 16.87
CA ILE E 123 17.93 2.03 16.23
C ILE E 123 18.16 0.65 16.87
N LEU E 124 18.06 0.56 18.20
CA LEU E 124 18.22 -0.72 18.89
C LEU E 124 17.19 -1.75 18.43
N GLU E 125 15.95 -1.32 18.19
CA GLU E 125 14.96 -2.26 17.68
C GLU E 125 15.38 -2.79 16.30
N SER E 126 15.88 -1.92 15.42
CA SER E 126 16.37 -2.38 14.12
CA SER E 126 16.36 -2.39 14.13
C SER E 126 17.54 -3.35 14.29
N GLU E 127 18.48 -3.02 15.16
CA GLU E 127 19.62 -3.94 15.33
C GLU E 127 19.20 -5.28 15.93
N GLU E 128 18.25 -5.29 16.87
CA GLU E 128 17.77 -6.57 17.38
C GLU E 128 17.04 -7.38 16.29
N GLU E 129 16.39 -6.70 15.34
CA GLU E 129 15.80 -7.42 14.21
C GLU E 129 16.87 -8.03 13.32
N HIS E 130 17.97 -7.31 13.11
CA HIS E 130 19.08 -7.88 12.35
C HIS E 130 19.71 -9.07 13.07
N ILE E 131 19.84 -9.00 14.39
CA ILE E 131 20.35 -10.13 15.16
C ILE E 131 19.44 -11.34 15.00
N ASP E 132 18.14 -11.11 15.07
CA ASP E 132 17.18 -12.20 14.86
C ASP E 132 17.40 -12.84 13.48
N TYR E 133 17.51 -12.00 12.43
CA TYR E 133 17.80 -12.53 11.10
C TYR E 133 19.06 -13.38 11.10
N LEU E 134 20.16 -12.81 11.59
CA LEU E 134 21.45 -13.49 11.53
C LEU E 134 21.42 -14.81 12.32
N GLU E 135 20.88 -14.77 13.52
CA GLU E 135 20.78 -15.98 14.34
C GLU E 135 19.96 -17.05 13.63
N THR E 136 18.84 -16.64 13.02
CA THR E 136 18.00 -17.55 12.27
C THR E 136 18.76 -18.16 11.10
N GLN E 137 19.56 -17.36 10.39
CA GLN E 137 20.29 -17.89 9.25
C GLN E 137 21.29 -18.94 9.71
N LEU E 138 22.00 -18.68 10.80
CA LEU E 138 22.95 -19.66 11.29
C LEU E 138 22.22 -20.91 11.74
N GLY E 139 21.02 -20.74 12.30
CA GLY E 139 20.22 -21.89 12.67
C GLY E 139 19.78 -22.69 11.45
N LEU E 140 19.43 -21.99 10.36
CA LEU E 140 18.97 -22.70 9.17
C LEU E 140 20.10 -23.46 8.51
N ILE E 141 21.30 -22.88 8.50
CA ILE E 141 22.46 -23.59 7.98
C ILE E 141 22.59 -24.95 8.67
N GLN E 142 22.27 -25.00 9.97
CA GLN E 142 22.26 -26.28 10.67
C GLN E 142 21.08 -27.16 10.27
N LYS E 143 19.87 -26.58 10.19
CA LYS E 143 18.69 -27.42 10.01
C LYS E 143 18.54 -27.96 8.58
N VAL E 144 18.87 -27.16 7.56
CA VAL E 144 18.73 -27.61 6.18
C VAL E 144 20.07 -28.07 5.61
N GLY E 145 21.18 -27.81 6.30
CA GLY E 145 22.49 -28.16 5.79
C GLY E 145 23.06 -27.05 4.93
N LEU E 146 24.39 -26.99 4.89
CA LEU E 146 25.00 -25.86 4.22
C LEU E 146 24.67 -25.84 2.73
N GLU E 147 24.74 -27.01 2.06
CA GLU E 147 24.51 -27.03 0.61
C GLU E 147 23.12 -26.55 0.27
N ASN E 148 22.10 -27.00 1.03
CA ASN E 148 20.74 -26.53 0.79
C ASN E 148 20.61 -25.05 1.12
N TYR E 149 21.21 -24.63 2.22
CA TYR E 149 21.12 -23.23 2.60
C TYR E 149 21.63 -22.34 1.48
N LEU E 150 22.82 -22.66 0.96
CA LEU E 150 23.37 -21.86 -0.11
C LEU E 150 22.54 -21.98 -1.38
N GLN E 151 22.04 -23.19 -1.67
CA GLN E 151 21.16 -23.37 -2.83
C GLN E 151 19.95 -22.46 -2.74
N SER E 152 19.34 -22.40 -1.57
CA SER E 152 18.17 -21.58 -1.39
C SER E 152 18.47 -20.09 -1.51
N HIS E 153 19.74 -19.68 -1.63
CA HIS E 153 20.07 -18.25 -1.71
C HIS E 153 20.74 -17.89 -3.03
N MET E 154 20.66 -18.79 -4.02
CA MET E 154 21.23 -18.48 -5.33
C MET E 154 20.37 -17.48 -6.08
N HIS E 155 19.06 -17.63 -6.01
CA HIS E 155 18.13 -16.84 -6.82
C HIS E 155 17.28 -15.97 -5.93
N GLU E 156 17.10 -14.72 -6.35
CA GLU E 156 16.23 -13.78 -5.67
C GLU E 156 14.74 -14.14 -5.79
N MET F 1 18.72 -14.55 20.76
CA MET F 1 19.51 -13.64 21.63
C MET F 1 19.15 -13.97 23.07
N LYS F 2 20.15 -14.24 23.90
CA LYS F 2 19.89 -14.67 25.27
C LYS F 2 19.31 -13.51 26.06
N GLY F 3 18.13 -13.73 26.62
CA GLY F 3 17.45 -12.70 27.38
C GLY F 3 17.64 -12.86 28.88
N ASP F 4 17.32 -11.80 29.60
CA ASP F 4 17.37 -11.81 31.05
C ASP F 4 16.29 -12.75 31.59
N LYS F 5 16.69 -13.66 32.48
CA LYS F 5 15.76 -14.70 32.94
C LYS F 5 14.52 -14.11 33.59
N LYS F 6 14.66 -13.01 34.35
CA LYS F 6 13.48 -12.46 35.02
C LYS F 6 12.61 -11.65 34.05
N VAL F 7 13.20 -11.00 33.06
CA VAL F 7 12.37 -10.39 32.01
C VAL F 7 11.47 -11.45 31.39
N ILE F 8 12.06 -12.61 31.04
CA ILE F 8 11.27 -13.65 30.40
C ILE F 8 10.17 -14.13 31.33
N GLN F 9 10.46 -14.23 32.63
CA GLN F 9 9.39 -14.54 33.58
C GLN F 9 8.32 -13.44 33.59
N HIS F 10 8.74 -12.17 33.53
CA HIS F 10 7.75 -11.09 33.44
C HIS F 10 6.94 -11.20 32.14
N LEU F 11 7.62 -11.46 31.02
CA LEU F 11 6.89 -11.58 29.75
C LEU F 11 5.87 -12.69 29.83
N ASN F 12 6.22 -13.81 30.45
CA ASN F 12 5.28 -14.91 30.55
C ASN F 12 4.14 -14.60 31.48
N LYS F 13 4.40 -13.81 32.53
CA LYS F 13 3.30 -13.34 33.36
C LYS F 13 2.34 -12.46 32.57
N ILE F 14 2.86 -11.50 31.79
CA ILE F 14 1.96 -10.67 31.00
C ILE F 14 1.21 -11.53 29.98
N LEU F 15 1.92 -12.46 29.35
CA LEU F 15 1.26 -13.38 28.42
C LEU F 15 0.12 -14.11 29.10
N GLY F 16 0.33 -14.54 30.34
CA GLY F 16 -0.73 -15.28 31.02
C GLY F 16 -1.95 -14.42 31.27
N ASN F 17 -1.74 -13.13 31.53
CA ASN F 17 -2.85 -12.21 31.66
C ASN F 17 -3.60 -12.03 30.34
N GLU F 18 -2.87 -11.81 29.25
CA GLU F 18 -3.48 -11.71 27.93
C GLU F 18 -4.30 -12.96 27.60
N LEU F 19 -3.77 -14.14 27.90
CA LEU F 19 -4.48 -15.39 27.61
C LEU F 19 -5.77 -15.50 28.40
N ILE F 20 -5.77 -15.05 29.66
CA ILE F 20 -7.01 -14.95 30.41
C ILE F 20 -7.97 -14.00 29.68
N ALA F 21 -7.47 -12.81 29.32
CA ALA F 21 -8.31 -11.78 28.73
C ALA F 21 -8.93 -12.25 27.42
N ILE F 22 -8.16 -12.96 26.60
CA ILE F 22 -8.67 -13.48 25.34
C ILE F 22 -9.95 -14.26 25.57
N ASN F 23 -9.91 -15.22 26.49
CA ASN F 23 -11.06 -16.12 26.71
C ASN F 23 -12.21 -15.40 27.40
N GLN F 24 -11.91 -14.57 28.40
CA GLN F 24 -12.97 -13.86 29.11
C GLN F 24 -13.72 -12.91 28.15
N TYR F 25 -12.98 -12.18 27.33
CA TYR F 25 -13.65 -11.25 26.41
C TYR F 25 -14.39 -12.00 25.31
N PHE F 26 -13.80 -13.11 24.84
CA PHE F 26 -14.46 -13.87 23.79
C PHE F 26 -15.78 -14.42 24.28
N LEU F 27 -15.79 -14.97 25.49
CA LEU F 27 -17.03 -15.51 26.03
C LEU F 27 -18.05 -14.40 26.28
N HIS F 28 -17.59 -13.29 26.84
CA HIS F 28 -18.47 -12.14 27.06
C HIS F 28 -19.06 -11.63 25.75
N SER F 29 -18.22 -11.50 24.72
CA SER F 29 -18.74 -11.18 23.37
C SER F 29 -19.87 -12.10 22.97
N ARG F 30 -19.64 -13.40 23.09
CA ARG F 30 -20.62 -14.34 22.59
C ARG F 30 -21.83 -14.41 23.49
N MET F 31 -21.66 -14.13 24.79
CA MET F 31 -22.85 -14.03 25.64
C MET F 31 -23.71 -12.84 25.20
N TRP F 32 -23.07 -11.70 24.99
CA TRP F 32 -23.81 -10.53 24.57
C TRP F 32 -24.51 -10.74 23.23
N ASN F 33 -23.83 -11.41 22.27
CA ASN F 33 -24.49 -11.71 20.99
C ASN F 33 -25.72 -12.60 21.21
N ASP F 34 -25.58 -13.66 22.00
CA ASP F 34 -26.72 -14.53 22.29
C ASP F 34 -27.88 -13.77 22.91
N TRP F 35 -27.59 -12.73 23.72
CA TRP F 35 -28.63 -11.90 24.35
C TRP F 35 -29.18 -10.82 23.43
N GLY F 36 -28.67 -10.71 22.22
CA GLY F 36 -29.18 -9.68 21.32
C GLY F 36 -28.55 -8.33 21.53
N LEU F 37 -27.49 -8.26 22.31
CA LEU F 37 -26.79 -6.99 22.51
C LEU F 37 -25.57 -6.96 21.59
N LYS F 38 -25.86 -6.80 20.29
CA LYS F 38 -24.87 -7.09 19.26
C LYS F 38 -23.80 -6.01 19.20
N ARG F 39 -24.10 -4.78 19.63
CA ARG F 39 -23.06 -3.76 19.64
C ARG F 39 -22.02 -4.03 20.71
N LEU F 40 -22.46 -4.44 21.91
CA LEU F 40 -21.51 -4.90 22.93
C LEU F 40 -20.75 -6.13 22.45
N GLY F 41 -21.45 -7.07 21.83
CA GLY F 41 -20.79 -8.29 21.41
C GLY F 41 -19.69 -8.01 20.40
N ALA F 42 -19.98 -7.12 19.44
CA ALA F 42 -18.98 -6.83 18.41
C ALA F 42 -17.81 -6.09 18.99
N HIS F 43 -18.07 -5.15 19.90
CA HIS F 43 -16.97 -4.42 20.49
C HIS F 43 -16.11 -5.34 21.38
N GLU F 44 -16.76 -6.22 22.15
CA GLU F 44 -16.02 -7.13 23.00
C GLU F 44 -15.24 -8.15 22.18
N TYR F 45 -15.77 -8.53 21.01
CA TYR F 45 -15.02 -9.38 20.09
C TYR F 45 -13.72 -8.72 19.68
N HIS F 46 -13.76 -7.44 19.34
CA HIS F 46 -12.56 -6.76 18.90
C HIS F 46 -11.59 -6.57 20.05
N GLU F 47 -12.09 -6.45 21.29
CA GLU F 47 -11.19 -6.42 22.44
C GLU F 47 -10.45 -7.76 22.55
N SER F 48 -11.16 -8.88 22.35
CA SER F 48 -10.52 -10.19 22.39
C SER F 48 -9.43 -10.31 21.32
N ILE F 49 -9.74 -9.90 20.10
CA ILE F 49 -8.75 -9.93 19.03
C ILE F 49 -7.52 -9.11 19.39
N ASP F 50 -7.72 -7.92 19.95
CA ASP F 50 -6.57 -7.10 20.31
CA ASP F 50 -6.59 -7.09 20.34
C ASP F 50 -5.68 -7.84 21.30
N GLU F 51 -6.28 -8.57 22.25
CA GLU F 51 -5.50 -9.32 23.23
C GLU F 51 -4.78 -10.48 22.57
N MET F 52 -5.45 -11.12 21.61
CA MET F 52 -4.79 -12.15 20.82
C MET F 52 -3.54 -11.62 20.16
N LYS F 53 -3.65 -10.44 19.58
CA LYS F 53 -2.48 -9.84 18.92
C LYS F 53 -1.36 -9.54 19.92
N HIS F 54 -1.70 -9.03 21.12
CA HIS F 54 -0.66 -8.79 22.13
C HIS F 54 0.02 -10.11 22.53
N ALA F 55 -0.77 -11.15 22.75
CA ALA F 55 -0.21 -12.44 23.10
C ALA F 55 0.73 -12.93 22.00
N ASP F 56 0.38 -12.70 20.74
CA ASP F 56 1.25 -13.10 19.63
C ASP F 56 2.59 -12.39 19.76
N LYS F 57 2.57 -11.09 19.98
CA LYS F 57 3.83 -10.38 20.06
C LYS F 57 4.65 -10.81 21.25
N LEU F 58 3.99 -11.18 22.35
CA LEU F 58 4.71 -11.60 23.55
C LEU F 58 5.35 -12.95 23.34
N ILE F 59 4.57 -13.90 22.80
CA ILE F 59 5.11 -15.19 22.39
C ILE F 59 6.31 -15.00 21.48
N GLU F 60 6.19 -14.11 20.49
CA GLU F 60 7.29 -13.93 19.55
C GLU F 60 8.53 -13.38 20.26
N ARG F 61 8.34 -12.44 21.18
CA ARG F 61 9.49 -11.87 21.88
C ARG F 61 10.17 -12.90 22.77
N ILE F 62 9.39 -13.67 23.52
CA ILE F 62 9.94 -14.69 24.40
C ILE F 62 10.81 -15.65 23.62
N LEU F 63 10.37 -16.07 22.43
CA LEU F 63 11.12 -17.04 21.67
C LEU F 63 12.41 -16.45 21.13
N PHE F 64 12.36 -15.20 20.68
CA PHE F 64 13.59 -14.51 20.28
C PHE F 64 14.61 -14.44 21.43
N LEU F 65 14.14 -14.17 22.65
CA LEU F 65 15.00 -14.14 23.82
C LEU F 65 15.30 -15.54 24.35
N GLU F 66 14.95 -16.58 23.59
CA GLU F 66 15.29 -17.97 23.87
C GLU F 66 14.64 -18.49 25.13
N GLY F 67 13.46 -17.99 25.44
CA GLY F 67 12.64 -18.52 26.51
C GLY F 67 11.53 -19.40 25.98
N LEU F 68 10.77 -19.97 26.91
CA LEU F 68 9.67 -20.88 26.58
C LEU F 68 8.35 -20.20 26.88
N PRO F 69 7.54 -19.86 25.87
CA PRO F 69 6.24 -19.24 26.15
C PRO F 69 5.33 -20.25 26.83
N ASN F 70 4.69 -19.81 27.92
CA ASN F 70 3.81 -20.68 28.69
C ASN F 70 2.38 -20.40 28.26
N LEU F 71 1.85 -21.25 27.38
CA LEU F 71 0.43 -21.23 27.00
C LEU F 71 -0.37 -22.28 27.74
N GLN F 72 0.23 -22.94 28.73
CA GLN F 72 -0.38 -24.06 29.43
C GLN F 72 -1.19 -23.60 30.65
N ASP F 73 -0.62 -22.70 31.43
CA ASP F 73 -1.22 -22.29 32.69
C ASP F 73 -2.20 -21.16 32.38
N LEU F 74 -3.46 -21.41 32.65
CA LEU F 74 -4.51 -20.41 32.43
C LEU F 74 -5.05 -20.01 33.79
N GLY F 75 -4.95 -18.73 34.11
CA GLY F 75 -5.49 -18.19 35.35
C GLY F 75 -7.01 -18.18 35.36
N LYS F 76 -7.55 -17.57 36.41
CA LYS F 76 -8.99 -17.57 36.64
C LYS F 76 -9.66 -16.54 35.72
N LEU F 77 -10.68 -16.99 34.99
CA LEU F 77 -11.53 -16.10 34.21
C LEU F 77 -12.55 -15.43 35.10
N LEU F 78 -12.71 -14.12 34.94
CA LEU F 78 -13.74 -13.36 35.66
C LEU F 78 -14.93 -13.21 34.73
N ILE F 79 -15.93 -14.09 34.86
CA ILE F 79 -17.07 -14.14 33.96
C ILE F 79 -18.27 -13.55 34.66
N GLY F 80 -18.74 -12.40 34.16
CA GLY F 80 -19.97 -11.82 34.66
C GLY F 80 -21.20 -12.56 34.16
N GLU F 81 -22.32 -12.31 34.83
CA GLU F 81 -23.60 -12.89 34.44
C GLU F 81 -24.61 -11.84 34.00
N ASN F 82 -24.24 -10.57 34.00
CA ASN F 82 -25.05 -9.54 33.40
C ASN F 82 -24.12 -8.45 32.90
N THR F 83 -24.69 -7.53 32.12
CA THR F 83 -23.87 -6.56 31.41
C THR F 83 -23.02 -5.75 32.36
N GLN F 84 -23.62 -5.22 33.44
CA GLN F 84 -22.85 -4.40 34.36
C GLN F 84 -21.73 -5.21 35.02
N GLU F 85 -22.04 -6.43 35.42
CA GLU F 85 -21.02 -7.30 36.02
C GLU F 85 -19.91 -7.65 35.03
N MET F 86 -20.28 -7.95 33.78
CA MET F 86 -19.26 -8.32 32.81
C MET F 86 -18.28 -7.20 32.61
N LEU F 87 -18.79 -5.99 32.45
CA LEU F 87 -17.90 -4.85 32.27
C LEU F 87 -16.98 -4.66 33.47
N GLN F 88 -17.52 -4.82 34.69
CA GLN F 88 -16.72 -4.68 35.90
C GLN F 88 -15.66 -5.79 35.98
N CYS F 89 -16.01 -7.00 35.55
CA CYS F 89 -15.01 -8.08 35.53
C CYS F 89 -13.90 -7.78 34.53
N ASP F 90 -14.24 -7.25 33.35
CA ASP F 90 -13.22 -6.82 32.41
C ASP F 90 -12.33 -5.73 33.02
N LEU F 91 -12.95 -4.74 33.65
CA LEU F 91 -12.21 -3.66 34.28
C LEU F 91 -11.28 -4.21 35.37
N ASN F 92 -11.80 -5.07 36.24
CA ASN F 92 -10.97 -5.67 37.26
C ASN F 92 -9.76 -6.37 36.65
N LEU F 93 -9.99 -7.18 35.61
CA LEU F 93 -8.89 -7.87 34.95
C LEU F 93 -7.88 -6.88 34.39
N GLU F 94 -8.35 -5.80 33.78
CA GLU F 94 -7.44 -4.84 33.15
C GLU F 94 -6.58 -4.13 34.18
N LEU F 95 -7.16 -3.83 35.34
CA LEU F 95 -6.39 -3.17 36.39
C LEU F 95 -5.31 -4.10 36.94
N LYS F 96 -5.63 -5.38 37.12
CA LYS F 96 -4.56 -6.33 37.46
C LYS F 96 -3.50 -6.34 36.36
N ALA F 97 -3.94 -6.36 35.09
CA ALA F 97 -2.99 -6.46 33.99
C ALA F 97 -2.06 -5.26 33.90
N THR F 98 -2.59 -4.06 34.12
CA THR F 98 -1.73 -2.88 34.02
C THR F 98 -0.76 -2.79 35.21
N LYS F 99 -1.18 -3.24 36.38
CA LYS F 99 -0.25 -3.38 37.51
C LYS F 99 0.94 -4.24 37.13
N ASP F 100 0.67 -5.41 36.54
CA ASP F 100 1.76 -6.29 36.14
C ASP F 100 2.63 -5.69 35.05
N LEU F 101 2.02 -4.99 34.09
CA LEU F 101 2.84 -4.39 33.03
C LEU F 101 3.78 -3.35 33.60
N ARG F 102 3.31 -2.57 34.57
CA ARG F 102 4.19 -1.57 35.15
C ARG F 102 5.37 -2.25 35.84
N GLU F 103 5.11 -3.30 36.62
CA GLU F 103 6.21 -4.00 37.30
C GLU F 103 7.17 -4.62 36.29
N ALA F 104 6.64 -5.15 35.19
CA ALA F 104 7.53 -5.74 34.19
C ALA F 104 8.38 -4.66 33.54
N ILE F 105 7.80 -3.49 33.31
CA ILE F 105 8.56 -2.45 32.63
C ILE F 105 9.71 -1.98 33.51
N VAL F 106 9.45 -1.82 34.81
CA VAL F 106 10.50 -1.43 35.74
C VAL F 106 11.70 -2.34 35.59
N HIS F 107 11.46 -3.66 35.59
CA HIS F 107 12.58 -4.58 35.51
C HIS F 107 13.29 -4.53 34.16
N CYS F 108 12.56 -4.42 33.04
CA CYS F 108 13.25 -4.25 31.75
C CYS F 108 14.17 -3.04 31.79
N GLU F 109 13.70 -1.94 32.39
CA GLU F 109 14.54 -0.76 32.45
C GLU F 109 15.80 -1.06 33.25
N GLN F 110 15.63 -1.73 34.38
CA GLN F 110 16.76 -2.02 35.27
C GLN F 110 17.84 -2.80 34.53
N VAL F 111 17.45 -3.82 33.78
CA VAL F 111 18.42 -4.68 33.10
C VAL F 111 18.68 -4.24 31.66
N HIS F 112 18.16 -3.07 31.26
CA HIS F 112 18.46 -2.45 29.98
C HIS F 112 17.82 -3.17 28.79
N ASP F 113 16.72 -3.90 29.02
CA ASP F 113 16.01 -4.53 27.91
C ASP F 113 14.98 -3.52 27.39
N TYR F 114 15.48 -2.58 26.61
CA TYR F 114 14.66 -1.43 26.23
C TYR F 114 13.70 -1.76 25.08
N VAL F 115 13.99 -2.77 24.28
CA VAL F 115 13.02 -3.23 23.28
C VAL F 115 11.85 -3.91 23.95
N SER F 116 12.14 -4.79 24.91
CA SER F 116 11.04 -5.41 25.65
C SER F 116 10.20 -4.37 26.38
N ARG F 117 10.84 -3.35 26.96
CA ARG F 117 10.07 -2.29 27.60
C ARG F 117 9.14 -1.61 26.60
N ASP F 118 9.66 -1.32 25.41
CA ASP F 118 8.86 -0.60 24.41
C ASP F 118 7.67 -1.43 23.98
N LEU F 119 7.87 -2.73 23.73
CA LEU F 119 6.73 -3.62 23.50
C LEU F 119 5.72 -3.51 24.61
N LEU F 120 6.19 -3.53 25.86
CA LEU F 120 5.25 -3.56 26.97
C LEU F 120 4.55 -2.22 27.12
N LYS F 121 5.26 -1.13 26.83
CA LYS F 121 4.64 0.18 26.83
C LYS F 121 3.50 0.25 25.80
N ASP F 122 3.72 -0.28 24.60
CA ASP F 122 2.66 -0.31 23.59
C ASP F 122 1.44 -1.09 24.09
N ILE F 123 1.68 -2.27 24.69
CA ILE F 123 0.59 -3.05 25.24
C ILE F 123 -0.13 -2.27 26.33
N LEU F 124 0.62 -1.56 27.16
CA LEU F 124 0.03 -0.79 28.26
C LEU F 124 -0.87 0.34 27.73
N GLU F 125 -0.46 0.97 26.63
CA GLU F 125 -1.32 1.98 26.01
C GLU F 125 -2.63 1.38 25.57
N SER F 126 -2.60 0.19 24.98
N SER F 126 -2.60 0.19 24.98
CA SER F 126 -3.83 -0.47 24.57
CA SER F 126 -3.83 -0.48 24.57
C SER F 126 -4.70 -0.84 25.76
C SER F 126 -4.69 -0.82 25.77
N GLU F 127 -4.10 -1.32 26.85
CA GLU F 127 -4.90 -1.70 28.01
C GLU F 127 -5.50 -0.46 28.68
N GLU F 128 -4.76 0.63 28.72
CA GLU F 128 -5.33 1.85 29.26
C GLU F 128 -6.42 2.43 28.35
N GLU F 129 -6.33 2.23 27.04
CA GLU F 129 -7.48 2.54 26.18
C GLU F 129 -8.67 1.68 26.53
N HIS F 130 -8.43 0.40 26.87
CA HIS F 130 -9.56 -0.47 27.22
C HIS F 130 -10.16 -0.06 28.56
N ILE F 131 -9.31 0.33 29.51
CA ILE F 131 -9.83 0.84 30.79
C ILE F 131 -10.70 2.06 30.53
N ASP F 132 -10.25 2.97 29.66
CA ASP F 132 -11.05 4.16 29.38
C ASP F 132 -12.42 3.78 28.82
N TYR F 133 -12.45 2.84 27.87
CA TYR F 133 -13.72 2.36 27.36
C TYR F 133 -14.59 1.80 28.48
N LEU F 134 -14.03 0.93 29.32
CA LEU F 134 -14.86 0.28 30.34
C LEU F 134 -15.40 1.28 31.35
N GLU F 135 -14.54 2.14 31.86
CA GLU F 135 -14.98 3.16 32.81
C GLU F 135 -16.05 4.05 32.19
N THR F 136 -15.92 4.37 30.92
CA THR F 136 -16.93 5.17 30.24
C THR F 136 -18.25 4.41 30.13
N GLN F 137 -18.22 3.12 29.80
CA GLN F 137 -19.47 2.36 29.73
C GLN F 137 -20.18 2.33 31.07
N LEU F 138 -19.44 2.08 32.13
CA LEU F 138 -20.04 2.04 33.45
C LEU F 138 -20.61 3.39 33.85
N GLY F 139 -19.86 4.46 33.56
CA GLY F 139 -20.42 5.79 33.75
C GLY F 139 -21.69 6.01 32.95
N LEU F 140 -21.70 5.59 31.68
CA LEU F 140 -22.90 5.78 30.87
C LEU F 140 -24.08 5.06 31.48
N ILE F 141 -23.84 3.87 32.04
CA ILE F 141 -24.94 3.14 32.66
C ILE F 141 -25.59 3.99 33.74
N GLN F 142 -24.77 4.76 34.47
CA GLN F 142 -25.32 5.58 35.54
C GLN F 142 -26.04 6.81 34.98
N LYS F 143 -25.51 7.41 33.92
CA LYS F 143 -26.10 8.63 33.37
C LYS F 143 -27.39 8.38 32.59
N VAL F 144 -27.44 7.33 31.76
CA VAL F 144 -28.63 7.09 30.94
C VAL F 144 -29.52 6.00 31.49
N GLY F 145 -29.11 5.30 32.54
CA GLY F 145 -29.91 4.22 33.08
C GLY F 145 -29.67 2.92 32.32
N LEU F 146 -29.80 1.80 33.02
CA LEU F 146 -29.41 0.51 32.44
C LEU F 146 -30.25 0.16 31.23
N GLU F 147 -31.57 0.30 31.33
CA GLU F 147 -32.45 -0.04 30.21
C GLU F 147 -32.09 0.71 28.93
N ASN F 148 -31.89 2.03 29.02
CA ASN F 148 -31.43 2.78 27.85
C ASN F 148 -30.04 2.34 27.40
N TYR F 149 -29.13 2.07 28.35
CA TYR F 149 -27.78 1.71 27.95
C TYR F 149 -27.82 0.46 27.09
N LEU F 150 -28.60 -0.53 27.51
CA LEU F 150 -28.70 -1.80 26.80
C LEU F 150 -29.38 -1.60 25.47
N GLN F 151 -30.48 -0.82 25.47
CA GLN F 151 -31.18 -0.47 24.22
C GLN F 151 -30.22 0.04 23.17
N SER F 152 -29.30 0.92 23.57
CA SER F 152 -28.36 1.52 22.66
C SER F 152 -27.28 0.55 22.21
N HIS F 153 -27.25 -0.65 22.76
CA HIS F 153 -26.29 -1.66 22.36
C HIS F 153 -26.93 -2.89 21.72
N MET F 154 -28.21 -2.82 21.37
CA MET F 154 -28.84 -3.94 20.68
C MET F 154 -28.35 -4.05 19.24
N HIS F 155 -28.27 -2.93 18.55
CA HIS F 155 -27.94 -2.83 17.14
C HIS F 155 -26.52 -2.30 16.94
N GLU F 156 -25.82 -2.81 15.93
CA GLU F 156 -24.47 -2.32 15.61
C GLU F 156 -24.44 -0.96 14.91
N MET G 1 -37.45 51.98 -10.80
CA MET G 1 -37.97 52.39 -9.47
C MET G 1 -37.38 53.76 -9.12
N LYS G 2 -38.21 54.76 -8.84
CA LYS G 2 -37.69 56.13 -8.70
C LYS G 2 -36.84 56.23 -7.44
N GLY G 3 -35.55 56.46 -7.63
CA GLY G 3 -34.66 56.59 -6.49
C GLY G 3 -34.57 58.02 -5.99
N ASP G 4 -33.96 58.15 -4.82
CA ASP G 4 -33.70 59.45 -4.22
C ASP G 4 -32.66 60.21 -5.05
N LYS G 5 -32.93 61.48 -5.35
CA LYS G 5 -32.01 62.26 -6.18
C LYS G 5 -30.61 62.34 -5.58
N LYS G 6 -30.51 62.56 -4.26
CA LYS G 6 -29.19 62.69 -3.66
C LYS G 6 -28.48 61.33 -3.56
N VAL G 7 -29.21 60.23 -3.39
CA VAL G 7 -28.58 58.91 -3.50
C VAL G 7 -27.96 58.76 -4.87
N ILE G 8 -28.71 59.13 -5.91
CA ILE G 8 -28.20 58.99 -7.27
C ILE G 8 -26.95 59.86 -7.45
N GLN G 9 -26.99 61.09 -6.92
CA GLN G 9 -25.79 61.93 -6.95
C GLN G 9 -24.61 61.27 -6.26
N HIS G 10 -24.84 60.69 -5.07
CA HIS G 10 -23.73 60.00 -4.40
C HIS G 10 -23.22 58.85 -5.25
N LEU G 11 -24.14 58.07 -5.84
CA LEU G 11 -23.70 56.91 -6.61
C LEU G 11 -22.87 57.36 -7.80
N ASN G 12 -23.25 58.46 -8.44
CA ASN G 12 -22.44 59.01 -9.52
C ASN G 12 -21.10 59.53 -9.02
N LYS G 13 -21.05 60.06 -7.79
CA LYS G 13 -19.77 60.48 -7.24
C LYS G 13 -18.86 59.28 -7.05
N ILE G 14 -19.40 58.19 -6.50
N ILE G 14 -19.40 58.17 -6.56
CA ILE G 14 -18.65 56.96 -6.34
CA ILE G 14 -18.57 56.99 -6.35
C ILE G 14 -18.17 56.44 -7.70
C ILE G 14 -18.19 56.35 -7.69
N LEU G 15 -19.10 56.38 -8.67
CA LEU G 15 -18.74 55.95 -10.01
C LEU G 15 -17.60 56.78 -10.58
N GLY G 16 -17.66 58.10 -10.39
CA GLY G 16 -16.55 58.95 -10.82
C GLY G 16 -15.21 58.55 -10.21
N ASN G 17 -15.21 58.18 -8.92
CA ASN G 17 -13.98 57.73 -8.29
C ASN G 17 -13.47 56.44 -8.92
N GLU G 18 -14.39 55.53 -9.21
CA GLU G 18 -14.05 54.26 -9.83
C GLU G 18 -13.49 54.45 -11.24
N LEU G 19 -14.05 55.40 -11.99
CA LEU G 19 -13.60 55.62 -13.37
C LEU G 19 -12.20 56.21 -13.39
N ILE G 20 -11.86 57.05 -12.40
CA ILE G 20 -10.48 57.50 -12.25
C ILE G 20 -9.59 56.31 -11.95
N ALA G 21 -9.99 55.50 -10.97
CA ALA G 21 -9.19 54.37 -10.51
C ALA G 21 -8.97 53.36 -11.62
N ILE G 22 -10.00 53.10 -12.44
CA ILE G 22 -9.84 52.19 -13.57
C ILE G 22 -8.65 52.60 -14.43
N ASN G 23 -8.66 53.88 -14.85
CA ASN G 23 -7.61 54.38 -15.74
C ASN G 23 -6.25 54.46 -15.04
N GLN G 24 -6.24 54.93 -13.80
CA GLN G 24 -4.99 55.04 -13.06
C GLN G 24 -4.36 53.67 -12.82
N TYR G 25 -5.16 52.71 -12.37
CA TYR G 25 -4.59 51.39 -12.12
C TYR G 25 -4.19 50.71 -13.43
N PHE G 26 -4.94 50.93 -14.51
CA PHE G 26 -4.58 50.29 -15.76
C PHE G 26 -3.26 50.85 -16.32
N LEU G 27 -3.12 52.17 -16.32
CA LEU G 27 -1.86 52.76 -16.79
C LEU G 27 -0.69 52.31 -15.91
N HIS G 28 -0.83 52.39 -14.58
CA HIS G 28 0.22 51.89 -13.70
C HIS G 28 0.57 50.45 -14.03
N SER G 29 -0.43 49.59 -14.20
CA SER G 29 -0.18 48.21 -14.55
C SER G 29 0.72 48.11 -15.78
N ARG G 30 0.35 48.83 -16.83
CA ARG G 30 1.09 48.73 -18.08
C ARG G 30 2.46 49.38 -17.98
N MET G 31 2.61 50.39 -17.12
CA MET G 31 3.94 50.94 -16.85
C MET G 31 4.83 49.90 -16.16
N TRP G 32 4.29 49.27 -15.11
CA TRP G 32 5.09 48.25 -14.43
C TRP G 32 5.45 47.11 -15.37
N ASN G 33 4.51 46.71 -16.25
CA ASN G 33 4.82 45.68 -17.24
C ASN G 33 5.92 46.14 -18.19
N ASP G 34 5.85 47.37 -18.66
CA ASP G 34 6.86 47.86 -19.60
C ASP G 34 8.25 47.84 -18.98
N TRP G 35 8.36 48.09 -17.67
CA TRP G 35 9.63 48.09 -16.94
C TRP G 35 10.08 46.70 -16.51
N GLY G 36 9.33 45.66 -16.82
CA GLY G 36 9.71 44.31 -16.45
C GLY G 36 9.26 43.88 -15.08
N LEU G 37 8.45 44.66 -14.40
CA LEU G 37 7.99 44.31 -13.06
C LEU G 37 6.60 43.67 -13.17
N LYS G 38 6.61 42.42 -13.62
CA LYS G 38 5.37 41.82 -14.13
C LYS G 38 4.47 41.37 -12.99
N ARG G 39 5.01 41.07 -11.81
CA ARG G 39 4.14 40.74 -10.69
C ARG G 39 3.36 41.97 -10.22
N LEU G 40 4.00 43.14 -10.19
CA LEU G 40 3.24 44.35 -9.93
C LEU G 40 2.27 44.63 -11.06
N GLY G 41 2.72 44.48 -12.31
CA GLY G 41 1.86 44.76 -13.43
C GLY G 41 0.60 43.91 -13.41
N ALA G 42 0.74 42.62 -13.13
CA ALA G 42 -0.40 41.73 -13.10
C ALA G 42 -1.34 42.06 -11.95
N HIS G 43 -0.80 42.29 -10.75
CA HIS G 43 -1.65 42.59 -9.61
C HIS G 43 -2.42 43.90 -9.83
N GLU G 44 -1.74 44.89 -10.41
CA GLU G 44 -2.38 46.17 -10.65
C GLU G 44 -3.43 46.06 -11.74
N TYR G 45 -3.22 45.18 -12.72
CA TYR G 45 -4.25 44.90 -13.70
C TYR G 45 -5.51 44.38 -13.03
N HIS G 46 -5.36 43.41 -12.15
CA HIS G 46 -6.51 42.85 -11.44
C HIS G 46 -7.20 43.89 -10.59
N GLU G 47 -6.46 44.87 -10.06
CA GLU G 47 -7.12 45.93 -9.29
C GLU G 47 -7.95 46.80 -10.22
N SER G 48 -7.43 47.06 -11.41
CA SER G 48 -8.19 47.82 -12.40
C SER G 48 -9.48 47.09 -12.76
N ILE G 49 -9.38 45.77 -13.01
CA ILE G 49 -10.54 44.95 -13.32
C ILE G 49 -11.58 45.02 -12.20
N ASP G 50 -11.14 44.90 -10.95
CA ASP G 50 -12.10 44.98 -9.85
CA ASP G 50 -12.09 44.98 -9.86
C ASP G 50 -12.85 46.31 -9.88
N GLU G 51 -12.16 47.42 -10.14
CA GLU G 51 -12.84 48.71 -10.20
C GLU G 51 -13.80 48.79 -11.39
N MET G 52 -13.47 48.12 -12.50
CA MET G 52 -14.40 48.04 -13.63
C MET G 52 -15.68 47.32 -13.22
N LYS G 53 -15.53 46.23 -12.46
CA LYS G 53 -16.69 45.50 -11.98
C LYS G 53 -17.52 46.37 -11.05
N HIS G 54 -16.86 47.12 -10.15
CA HIS G 54 -17.63 48.00 -9.25
C HIS G 54 -18.37 49.05 -10.07
N ALA G 55 -17.70 49.61 -11.08
CA ALA G 55 -18.35 50.63 -11.88
C ALA G 55 -19.57 50.08 -12.58
N ASP G 56 -19.45 48.85 -13.10
CA ASP G 56 -20.58 48.19 -13.75
C ASP G 56 -21.76 48.15 -12.80
N LYS G 57 -21.54 47.68 -11.57
CA LYS G 57 -22.66 47.56 -10.63
C LYS G 57 -23.24 48.94 -10.28
N LEU G 58 -22.39 49.97 -10.18
CA LEU G 58 -22.91 51.29 -9.89
C LEU G 58 -23.78 51.78 -11.03
N ILE G 59 -23.33 51.57 -12.25
CA ILE G 59 -24.11 51.98 -13.42
C ILE G 59 -25.47 51.26 -13.44
N GLU G 60 -25.46 49.96 -13.19
CA GLU G 60 -26.71 49.19 -13.19
C GLU G 60 -27.65 49.72 -12.12
N ARG G 61 -27.11 50.03 -10.94
CA ARG G 61 -27.95 50.53 -9.86
C ARG G 61 -28.54 51.89 -10.20
N ILE G 62 -27.73 52.80 -10.74
CA ILE G 62 -28.24 54.13 -11.07
C ILE G 62 -29.36 54.02 -12.09
N LEU G 63 -29.18 53.18 -13.12
CA LEU G 63 -30.22 53.04 -14.13
C LEU G 63 -31.50 52.45 -13.52
N PHE G 64 -31.35 51.45 -12.65
CA PHE G 64 -32.52 50.90 -11.97
C PHE G 64 -33.28 51.99 -11.25
N LEU G 65 -32.56 52.91 -10.59
CA LEU G 65 -33.16 54.01 -9.82
C LEU G 65 -33.60 55.17 -10.71
N GLU G 66 -33.49 55.00 -12.03
CA GLU G 66 -33.99 55.98 -13.00
C GLU G 66 -33.18 57.26 -12.96
N GLY G 67 -31.88 57.12 -12.74
CA GLY G 67 -30.94 58.21 -12.84
C GLY G 67 -30.09 58.03 -14.09
N LEU G 68 -29.27 59.04 -14.36
CA LEU G 68 -28.40 59.03 -15.51
C LEU G 68 -26.98 58.77 -15.06
N PRO G 69 -26.37 57.65 -15.43
CA PRO G 69 -24.99 57.43 -15.01
C PRO G 69 -24.05 58.36 -15.77
N ASN G 70 -23.11 58.95 -15.04
CA ASN G 70 -22.21 59.97 -15.59
C ASN G 70 -20.87 59.30 -15.88
N LEU G 71 -20.63 58.94 -17.15
CA LEU G 71 -19.32 58.44 -17.58
C LEU G 71 -18.51 59.47 -18.34
N GLN G 72 -18.98 60.71 -18.39
CA GLN G 72 -18.38 61.79 -19.15
C GLN G 72 -17.31 62.52 -18.36
N ASP G 73 -17.58 62.82 -17.09
CA ASP G 73 -16.68 63.61 -16.27
C ASP G 73 -15.64 62.67 -15.67
N LEU G 74 -14.39 62.89 -16.04
CA LEU G 74 -13.28 62.11 -15.53
C LEU G 74 -12.39 63.06 -14.73
N GLY G 75 -12.33 62.84 -13.43
CA GLY G 75 -11.41 63.55 -12.55
C GLY G 75 -9.94 63.25 -12.80
N LYS G 76 -9.11 63.83 -11.95
CA LYS G 76 -7.67 63.87 -12.16
C LYS G 76 -7.00 62.54 -11.86
N LEU G 77 -6.30 61.98 -12.85
CA LEU G 77 -5.46 60.81 -12.63
C LEU G 77 -4.21 61.14 -11.82
N LEU G 78 -3.89 60.30 -10.84
CA LEU G 78 -2.71 60.46 -9.99
C LEU G 78 -1.69 59.43 -10.44
N ILE G 79 -0.84 59.80 -11.38
CA ILE G 79 0.08 58.87 -12.01
C ILE G 79 1.46 59.08 -11.39
N GLY G 80 2.07 58.00 -10.92
CA GLY G 80 3.40 58.11 -10.37
C GLY G 80 4.48 58.00 -11.43
N GLU G 81 5.71 58.31 -11.03
CA GLU G 81 6.84 58.25 -11.94
C GLU G 81 7.79 57.10 -11.63
N ASN G 82 7.72 56.57 -10.41
CA ASN G 82 8.44 55.38 -10.01
C ASN G 82 7.51 54.55 -9.13
N THR G 83 7.99 53.39 -8.70
CA THR G 83 7.13 52.42 -8.03
C THR G 83 6.59 52.96 -6.71
N GLN G 84 7.45 53.55 -5.89
CA GLN G 84 7.00 54.06 -4.60
CA GLN G 84 6.97 54.03 -4.60
C GLN G 84 5.92 55.12 -4.79
N GLU G 85 6.09 56.00 -5.77
CA GLU G 85 5.12 57.05 -6.00
C GLU G 85 3.82 56.48 -6.51
N MET G 86 3.91 55.53 -7.44
CA MET G 86 2.71 54.94 -8.01
C MET G 86 1.87 54.31 -6.94
N LEU G 87 2.49 53.57 -6.02
CA LEU G 87 1.77 52.94 -4.92
C LEU G 87 1.15 53.97 -3.99
N GLN G 88 1.87 55.08 -3.74
CA GLN G 88 1.32 56.12 -2.87
C GLN G 88 0.15 56.86 -3.55
N CYS G 89 0.24 57.08 -4.87
CA CYS G 89 -0.87 57.67 -5.61
C CYS G 89 -2.11 56.78 -5.57
N ASP G 90 -1.93 55.46 -5.73
CA ASP G 90 -3.07 54.56 -5.58
C ASP G 90 -3.67 54.68 -4.18
N LEU G 91 -2.81 54.71 -3.16
CA LEU G 91 -3.31 54.83 -1.80
C LEU G 91 -4.03 56.15 -1.58
N ASN G 92 -3.51 57.25 -2.13
CA ASN G 92 -4.21 58.51 -1.97
C ASN G 92 -5.57 58.46 -2.64
N LEU G 93 -5.66 57.84 -3.82
CA LEU G 93 -6.96 57.71 -4.48
C LEU G 93 -7.93 56.89 -3.62
N GLU G 94 -7.46 55.75 -3.10
CA GLU G 94 -8.33 54.85 -2.33
C GLU G 94 -8.83 55.51 -1.05
N LEU G 95 -7.99 56.31 -0.40
CA LEU G 95 -8.43 56.99 0.80
C LEU G 95 -9.52 58.01 0.48
N LYS G 96 -9.37 58.75 -0.61
CA LYS G 96 -10.47 59.60 -1.06
C LYS G 96 -11.71 58.77 -1.35
N ALA G 97 -11.53 57.61 -2.01
CA ALA G 97 -12.66 56.77 -2.40
C ALA G 97 -13.46 56.29 -1.19
N THR G 98 -12.78 55.81 -0.16
CA THR G 98 -13.48 55.27 1.00
C THR G 98 -14.18 56.36 1.80
N LYS G 99 -13.65 57.58 1.76
CA LYS G 99 -14.33 58.70 2.40
C LYS G 99 -15.69 58.94 1.76
N ASP G 100 -15.68 59.08 0.44
CA ASP G 100 -16.91 59.25 -0.31
C ASP G 100 -17.87 58.08 -0.11
N LEU G 101 -17.33 56.85 -0.01
CA LEU G 101 -18.19 55.69 0.17
C LEU G 101 -18.95 55.79 1.48
N ARG G 102 -18.26 56.17 2.56
CA ARG G 102 -18.90 56.24 3.87
C ARG G 102 -19.98 57.30 3.88
N GLU G 103 -19.69 58.46 3.29
CA GLU G 103 -20.68 59.54 3.26
C GLU G 103 -21.91 59.14 2.45
N ALA G 104 -21.71 58.43 1.35
CA ALA G 104 -22.82 57.91 0.58
C ALA G 104 -23.61 56.88 1.38
N ILE G 105 -22.92 56.01 2.12
CA ILE G 105 -23.66 55.06 2.95
C ILE G 105 -24.51 55.80 3.97
N VAL G 106 -23.96 56.85 4.59
CA VAL G 106 -24.75 57.60 5.55
C VAL G 106 -26.04 58.10 4.92
N HIS G 107 -25.94 58.63 3.71
CA HIS G 107 -27.16 59.18 3.11
C HIS G 107 -28.13 58.07 2.71
N CYS G 108 -27.62 56.95 2.17
CA CYS G 108 -28.49 55.83 1.85
C CYS G 108 -29.29 55.39 3.06
N GLU G 109 -28.61 55.26 4.20
CA GLU G 109 -29.27 54.86 5.44
C GLU G 109 -30.35 55.85 5.82
N GLN G 110 -30.07 57.14 5.68
CA GLN G 110 -31.02 58.15 6.14
C GLN G 110 -32.33 58.08 5.35
N VAL G 111 -32.25 57.81 4.04
CA VAL G 111 -33.46 57.75 3.22
C VAL G 111 -33.92 56.31 3.00
N HIS G 112 -33.40 55.36 3.76
CA HIS G 112 -33.88 53.97 3.74
C HIS G 112 -33.63 53.27 2.40
N ASP G 113 -32.58 53.65 1.67
CA ASP G 113 -32.20 52.92 0.47
C ASP G 113 -31.17 51.86 0.90
N TYR G 114 -31.69 50.81 1.51
CA TYR G 114 -30.85 49.80 2.13
C TYR G 114 -30.14 48.93 1.12
N VAL G 115 -30.72 48.77 -0.07
CA VAL G 115 -30.05 47.97 -1.10
C VAL G 115 -28.85 48.72 -1.65
N SER G 116 -29.01 50.03 -1.92
CA SER G 116 -27.85 50.83 -2.34
C SER G 116 -26.76 50.81 -1.28
N ARG G 117 -27.14 50.94 0.00
CA ARG G 117 -26.14 50.84 1.07
C ARG G 117 -25.38 49.53 1.00
N ASP G 118 -26.09 48.41 0.86
CA ASP G 118 -25.45 47.09 0.80
C ASP G 118 -24.44 47.00 -0.34
N LEU G 119 -24.80 47.50 -1.53
CA LEU G 119 -23.86 47.56 -2.64
C LEU G 119 -22.63 48.38 -2.30
N LEU G 120 -22.83 49.56 -1.69
CA LEU G 120 -21.72 50.42 -1.34
C LEU G 120 -20.85 49.79 -0.27
N LYS G 121 -21.46 49.08 0.68
CA LYS G 121 -20.68 48.38 1.68
C LYS G 121 -19.76 47.35 1.03
N ASP G 122 -20.30 46.58 0.07
CA ASP G 122 -19.49 45.55 -0.60
C ASP G 122 -18.34 46.16 -1.36
N ILE G 123 -18.58 47.29 -2.03
CA ILE G 123 -17.50 48.02 -2.68
C ILE G 123 -16.49 48.48 -1.65
N LEU G 124 -16.99 48.98 -0.51
CA LEU G 124 -16.13 49.47 0.56
C LEU G 124 -15.22 48.37 1.08
N GLU G 125 -15.75 47.16 1.22
CA GLU G 125 -14.93 46.01 1.60
C GLU G 125 -13.80 45.78 0.60
N SER G 126 -14.09 45.90 -0.69
N SER G 126 -14.10 45.91 -0.69
CA SER G 126 -13.06 45.72 -1.70
CA SER G 126 -13.06 45.72 -1.70
C SER G 126 -12.02 46.84 -1.66
C SER G 126 -12.03 46.83 -1.66
N GLU G 127 -12.46 48.08 -1.46
CA GLU G 127 -11.51 49.18 -1.41
C GLU G 127 -10.61 49.06 -0.17
N GLU G 128 -11.15 48.60 0.95
CA GLU G 128 -10.33 48.42 2.15
C GLU G 128 -9.31 47.29 1.97
N GLU G 129 -9.71 46.20 1.28
CA GLU G 129 -8.72 45.19 0.89
C GLU G 129 -7.60 45.81 0.04
N HIS G 130 -7.94 46.70 -0.89
CA HIS G 130 -6.88 47.32 -1.70
C HIS G 130 -5.98 48.21 -0.84
N ILE G 131 -6.55 48.95 0.11
CA ILE G 131 -5.72 49.76 1.00
C ILE G 131 -4.77 48.88 1.79
N ASP G 132 -5.28 47.78 2.34
CA ASP G 132 -4.41 46.81 3.03
C ASP G 132 -3.24 46.41 2.13
N TYR G 133 -3.53 46.06 0.88
CA TYR G 133 -2.48 45.68 -0.05
C TYR G 133 -1.45 46.79 -0.21
N LEU G 134 -1.91 48.00 -0.52
CA LEU G 134 -0.99 49.11 -0.75
C LEU G 134 -0.15 49.42 0.49
N GLU G 135 -0.79 49.58 1.64
CA GLU G 135 -0.02 49.89 2.84
C GLU G 135 1.00 48.79 3.11
N THR G 136 0.63 47.56 2.80
CA THR G 136 1.54 46.45 3.00
C THR G 136 2.75 46.54 2.07
N GLN G 137 2.51 46.88 0.80
CA GLN G 137 3.61 47.04 -0.14
C GLN G 137 4.56 48.15 0.30
N LEU G 138 4.01 49.29 0.69
CA LEU G 138 4.86 50.39 1.13
C LEU G 138 5.71 49.97 2.33
N GLY G 139 5.12 49.23 3.26
CA GLY G 139 5.89 48.76 4.40
C GLY G 139 6.97 47.78 3.98
N LEU G 140 6.66 46.90 3.03
CA LEU G 140 7.64 45.91 2.60
C LEU G 140 8.84 46.57 1.97
N ILE G 141 8.61 47.68 1.27
CA ILE G 141 9.73 48.43 0.72
C ILE G 141 10.66 48.87 1.83
N GLN G 142 10.10 49.23 2.99
CA GLN G 142 10.95 49.66 4.10
C GLN G 142 11.66 48.49 4.75
N LYS G 143 10.99 47.33 4.84
CA LYS G 143 11.55 46.16 5.51
C LYS G 143 12.62 45.43 4.68
N VAL G 144 12.41 45.25 3.38
CA VAL G 144 13.34 44.49 2.57
C VAL G 144 14.22 45.37 1.71
N GLY G 145 13.98 46.67 1.68
CA GLY G 145 14.69 47.53 0.75
C GLY G 145 14.02 47.59 -0.61
N LEU G 146 14.22 48.70 -1.31
CA LEU G 146 13.53 48.87 -2.58
C LEU G 146 14.05 47.92 -3.65
N GLU G 147 15.37 47.71 -3.71
CA GLU G 147 15.94 46.83 -4.71
C GLU G 147 15.40 45.40 -4.56
N ASN G 148 15.42 44.86 -3.34
CA ASN G 148 14.79 43.55 -3.11
C ASN G 148 13.31 43.59 -3.46
N TYR G 149 12.63 44.67 -3.05
CA TYR G 149 11.19 44.75 -3.30
C TYR G 149 10.90 44.66 -4.80
N LEU G 150 11.59 45.46 -5.61
CA LEU G 150 11.41 45.38 -7.04
C LEU G 150 11.83 44.03 -7.60
N GLN G 151 12.92 43.45 -7.08
CA GLN G 151 13.35 42.14 -7.54
C GLN G 151 12.23 41.12 -7.35
N SER G 152 11.59 41.13 -6.19
CA SER G 152 10.51 40.21 -5.90
C SER G 152 9.25 40.44 -6.74
N HIS G 153 9.18 41.51 -7.54
CA HIS G 153 8.00 41.72 -8.37
C HIS G 153 8.33 41.72 -9.85
N MET G 154 9.51 41.20 -10.21
CA MET G 154 9.87 41.02 -11.61
C MET G 154 9.05 39.92 -12.27
N HIS G 155 8.91 38.78 -11.59
CA HIS G 155 8.36 37.56 -12.18
C HIS G 155 7.02 37.22 -11.54
N GLU G 156 6.13 36.62 -12.33
CA GLU G 156 4.81 36.19 -11.81
C GLU G 156 4.89 34.83 -11.13
N MET H 1 -4.88 -42.13 7.05
CA MET H 1 -5.73 -42.50 8.22
C MET H 1 -6.39 -43.85 7.99
N LYS H 2 -5.98 -44.87 8.75
CA LYS H 2 -6.45 -46.21 8.45
C LYS H 2 -7.95 -46.29 8.63
N GLY H 3 -8.67 -46.61 7.55
CA GLY H 3 -10.12 -46.71 7.58
C GLY H 3 -10.65 -48.12 7.79
N ASP H 4 -11.97 -48.20 7.97
CA ASP H 4 -12.64 -49.49 8.11
C ASP H 4 -12.59 -50.29 6.80
N LYS H 5 -12.17 -51.55 6.87
CA LYS H 5 -11.99 -52.35 5.65
C LYS H 5 -13.29 -52.51 4.89
N LYS H 6 -14.40 -52.68 5.60
CA LYS H 6 -15.66 -52.85 4.90
C LYS H 6 -16.13 -51.53 4.29
N VAL H 7 -15.89 -50.40 4.96
CA VAL H 7 -16.19 -49.11 4.35
C VAL H 7 -15.47 -48.97 3.01
N ILE H 8 -14.15 -49.24 3.01
CA ILE H 8 -13.35 -49.13 1.78
C ILE H 8 -13.92 -50.04 0.69
N GLN H 9 -14.37 -51.23 1.06
CA GLN H 9 -14.96 -52.13 0.08
C GLN H 9 -16.25 -51.53 -0.49
N HIS H 10 -17.04 -50.86 0.36
CA HIS H 10 -18.22 -50.16 -0.11
C HIS H 10 -17.83 -49.04 -1.06
N LEU H 11 -16.81 -48.27 -0.70
CA LEU H 11 -16.41 -47.14 -1.53
C LEU H 11 -15.95 -47.63 -2.90
N ASN H 12 -15.21 -48.75 -2.92
CA ASN H 12 -14.77 -49.33 -4.17
C ASN H 12 -15.94 -49.85 -5.01
N LYS H 13 -16.97 -50.39 -4.37
CA LYS H 13 -18.17 -50.79 -5.09
C LYS H 13 -18.89 -49.58 -5.73
N ILE H 14 -19.02 -48.49 -4.97
CA ILE H 14 -19.63 -47.26 -5.50
C ILE H 14 -18.79 -46.73 -6.63
N LEU H 15 -17.46 -46.68 -6.42
CA LEU H 15 -16.55 -46.28 -7.49
C LEU H 15 -16.77 -47.14 -8.71
N GLY H 16 -16.84 -48.46 -8.51
CA GLY H 16 -17.17 -49.35 -9.63
C GLY H 16 -18.41 -48.90 -10.38
N ASN H 17 -19.45 -48.51 -9.64
CA ASN H 17 -20.70 -48.06 -10.26
C ASN H 17 -20.49 -46.77 -11.02
N GLU H 18 -19.69 -45.85 -10.47
CA GLU H 18 -19.47 -44.59 -11.15
C GLU H 18 -18.70 -44.82 -12.44
N LEU H 19 -17.75 -45.76 -12.41
CA LEU H 19 -16.95 -46.03 -13.59
C LEU H 19 -17.80 -46.57 -14.74
N ILE H 20 -18.72 -47.48 -14.45
CA ILE H 20 -19.68 -47.92 -15.46
C ILE H 20 -20.40 -46.71 -16.04
N ALA H 21 -20.91 -45.85 -15.16
CA ALA H 21 -21.76 -44.75 -15.58
C ALA H 21 -21.00 -43.73 -16.42
N ILE H 22 -19.75 -43.46 -16.06
CA ILE H 22 -18.92 -42.57 -16.86
C ILE H 22 -18.93 -43.02 -18.31
N ASN H 23 -18.61 -44.31 -18.53
CA ASN H 23 -18.44 -44.79 -19.89
C ASN H 23 -19.77 -44.93 -20.61
N GLN H 24 -20.81 -45.41 -19.92
CA GLN H 24 -22.14 -45.51 -20.50
C GLN H 24 -22.70 -44.16 -20.91
N TYR H 25 -22.58 -43.16 -20.02
CA TYR H 25 -23.10 -41.83 -20.36
C TYR H 25 -22.26 -41.17 -21.45
N PHE H 26 -20.95 -41.41 -21.45
CA PHE H 26 -20.14 -40.76 -22.47
C PHE H 26 -20.46 -41.33 -23.85
N LEU H 27 -20.64 -42.65 -23.94
CA LEU H 27 -21.00 -43.29 -25.20
C LEU H 27 -22.37 -42.84 -25.68
N HIS H 28 -23.36 -42.86 -24.78
CA HIS H 28 -24.69 -42.36 -25.13
C HIS H 28 -24.64 -40.93 -25.62
N SER H 29 -23.83 -40.07 -24.95
CA SER H 29 -23.69 -38.68 -25.38
C SER H 29 -23.18 -38.60 -26.81
N ARG H 30 -22.14 -39.36 -27.10
CA ARG H 30 -21.56 -39.28 -28.43
C ARG H 30 -22.46 -39.95 -29.47
N MET H 31 -23.24 -40.97 -29.10
CA MET H 31 -24.23 -41.49 -30.03
C MET H 31 -25.25 -40.42 -30.37
N TRP H 32 -25.76 -39.73 -29.35
CA TRP H 32 -26.76 -38.72 -29.57
C TRP H 32 -26.20 -37.59 -30.42
N ASN H 33 -24.93 -37.22 -30.20
CA ASN H 33 -24.36 -36.18 -31.06
C ASN H 33 -24.24 -36.65 -32.49
N ASP H 34 -23.77 -37.88 -32.68
CA ASP H 34 -23.68 -38.44 -34.02
C ASP H 34 -25.02 -38.43 -34.73
N TRP H 35 -26.12 -38.70 -34.00
CA TRP H 35 -27.46 -38.72 -34.59
C TRP H 35 -28.04 -37.32 -34.80
N GLY H 36 -27.31 -36.26 -34.45
CA GLY H 36 -27.85 -34.93 -34.57
C GLY H 36 -28.71 -34.47 -33.43
N LEU H 37 -28.75 -35.21 -32.33
CA LEU H 37 -29.56 -34.85 -31.17
C LEU H 37 -28.67 -34.18 -30.13
N LYS H 38 -28.24 -32.96 -30.48
CA LYS H 38 -27.14 -32.32 -29.76
C LYS H 38 -27.52 -31.89 -28.34
N ARG H 39 -28.79 -31.53 -28.11
CA ARG H 39 -29.21 -31.18 -26.75
C ARG H 39 -29.11 -32.39 -25.82
N LEU H 40 -29.54 -33.55 -26.30
CA LEU H 40 -29.35 -34.77 -25.52
C LEU H 40 -27.86 -35.07 -25.37
N GLY H 41 -27.10 -34.94 -26.45
CA GLY H 41 -25.68 -35.25 -26.36
C GLY H 41 -24.99 -34.38 -25.32
N ALA H 42 -25.32 -33.09 -25.28
CA ALA H 42 -24.67 -32.18 -24.35
C ALA H 42 -25.09 -32.49 -22.91
N HIS H 43 -26.39 -32.67 -22.68
CA HIS H 43 -26.83 -33.01 -21.34
C HIS H 43 -26.17 -34.30 -20.84
N GLU H 44 -26.11 -35.32 -21.71
CA GLU H 44 -25.54 -36.60 -21.33
C GLU H 44 -24.03 -36.49 -21.10
N TYR H 45 -23.36 -35.63 -21.87
CA TYR H 45 -21.97 -35.32 -21.60
C TYR H 45 -21.79 -34.78 -20.18
N HIS H 46 -22.66 -33.86 -19.80
CA HIS H 46 -22.52 -33.28 -18.46
C HIS H 46 -22.81 -34.31 -17.37
N GLU H 47 -23.74 -35.24 -17.63
CA GLU H 47 -23.94 -36.35 -16.70
C GLU H 47 -22.65 -37.16 -16.57
N SER H 48 -21.98 -37.45 -17.70
CA SER H 48 -20.73 -38.21 -17.64
C SER H 48 -19.70 -37.48 -16.78
N ILE H 49 -19.55 -36.17 -17.02
CA ILE H 49 -18.61 -35.34 -16.27
C ILE H 49 -18.93 -35.38 -14.79
N ASP H 50 -20.23 -35.31 -14.44
CA ASP H 50 -20.60 -35.36 -13.02
CA ASP H 50 -20.61 -35.36 -13.03
C ASP H 50 -20.17 -36.68 -12.37
N GLU H 51 -20.34 -37.81 -13.08
CA GLU H 51 -19.88 -39.07 -12.52
C GLU H 51 -18.36 -39.10 -12.43
N MET H 52 -17.67 -38.47 -13.37
CA MET H 52 -16.22 -38.41 -13.29
C MET H 52 -15.77 -37.69 -12.03
N LYS H 53 -16.46 -36.60 -11.67
CA LYS H 53 -16.12 -35.88 -10.45
C LYS H 53 -16.42 -36.72 -9.20
N HIS H 54 -17.54 -37.46 -9.19
CA HIS H 54 -17.79 -38.38 -8.08
C HIS H 54 -16.71 -39.45 -7.97
N ALA H 55 -16.28 -40.04 -9.09
CA ALA H 55 -15.25 -41.05 -9.03
C ALA H 55 -13.97 -40.46 -8.43
N ASP H 56 -13.63 -39.23 -8.82
CA ASP H 56 -12.45 -38.56 -8.27
C ASP H 56 -12.54 -38.45 -6.74
N LYS H 57 -13.68 -37.98 -6.22
CA LYS H 57 -13.79 -37.87 -4.77
C LYS H 57 -13.75 -39.24 -4.09
N LEU H 58 -14.33 -40.28 -4.70
CA LEU H 58 -14.23 -41.61 -4.11
C LEU H 58 -12.78 -42.10 -4.10
N ILE H 59 -12.06 -41.88 -5.20
CA ILE H 59 -10.67 -42.31 -5.28
C ILE H 59 -9.85 -41.63 -4.17
N GLU H 60 -10.00 -40.32 -4.06
CA GLU H 60 -9.29 -39.53 -3.07
C GLU H 60 -9.59 -40.01 -1.67
N ARG H 61 -10.86 -40.34 -1.41
CA ARG H 61 -11.25 -40.76 -0.07
C ARG H 61 -10.65 -42.13 0.24
N ILE H 62 -10.72 -43.07 -0.70
CA ILE H 62 -10.15 -44.39 -0.48
C ILE H 62 -8.65 -44.29 -0.20
N LEU H 63 -7.94 -43.44 -0.94
CA LEU H 63 -6.50 -43.29 -0.70
C LEU H 63 -6.22 -42.66 0.66
N PHE H 64 -6.98 -41.63 1.01
CA PHE H 64 -6.83 -41.08 2.36
C PHE H 64 -7.00 -42.17 3.42
N LEU H 65 -7.96 -43.07 3.24
CA LEU H 65 -8.21 -44.14 4.19
C LEU H 65 -7.26 -45.32 4.03
N GLU H 66 -6.22 -45.19 3.21
CA GLU H 66 -5.18 -46.18 3.04
C GLU H 66 -5.70 -47.46 2.38
N GLY H 67 -6.74 -47.34 1.56
CA GLY H 67 -7.17 -48.42 0.69
C GLY H 67 -6.58 -48.30 -0.70
N LEU H 68 -6.90 -49.29 -1.55
CA LEU H 68 -6.44 -49.29 -2.94
C LEU H 68 -7.65 -49.07 -3.84
N PRO H 69 -7.77 -47.92 -4.48
CA PRO H 69 -8.91 -47.71 -5.38
C PRO H 69 -8.86 -48.68 -6.56
N ASN H 70 -10.01 -49.25 -6.90
CA ASN H 70 -10.10 -50.26 -7.95
C ASN H 70 -10.64 -49.60 -9.22
N LEU H 71 -9.73 -49.28 -10.15
CA LEU H 71 -10.09 -48.75 -11.46
C LEU H 71 -9.97 -49.81 -12.54
N GLN H 72 -9.68 -51.05 -12.15
CA GLN H 72 -9.39 -52.13 -13.08
C GLN H 72 -10.64 -52.88 -13.49
N ASP H 73 -11.55 -53.12 -12.55
CA ASP H 73 -12.70 -53.99 -12.79
C ASP H 73 -13.85 -53.10 -13.28
N LEU H 74 -14.22 -53.28 -14.53
CA LEU H 74 -15.29 -52.52 -15.15
C LEU H 74 -16.48 -53.45 -15.35
N GLY H 75 -17.62 -53.11 -14.73
CA GLY H 75 -18.83 -53.88 -14.88
C GLY H 75 -19.51 -53.64 -16.25
N LYS H 76 -20.67 -54.27 -16.40
CA LYS H 76 -21.39 -54.29 -17.67
C LYS H 76 -21.98 -52.92 -17.97
N LEU H 77 -21.67 -52.40 -19.16
CA LEU H 77 -22.31 -51.20 -19.66
C LEU H 77 -23.67 -51.55 -20.24
N LEU H 78 -24.65 -50.70 -19.98
CA LEU H 78 -26.00 -50.85 -20.52
C LEU H 78 -26.14 -49.80 -21.61
N ILE H 79 -25.94 -50.22 -22.86
CA ILE H 79 -25.97 -49.33 -24.01
C ILE H 79 -27.28 -49.54 -24.74
N GLY H 80 -28.05 -48.47 -24.92
CA GLY H 80 -29.25 -48.56 -25.73
C GLY H 80 -28.96 -48.50 -27.23
N GLU H 81 -29.97 -48.86 -28.03
CA GLU H 81 -29.88 -48.74 -29.48
C GLU H 81 -30.74 -47.63 -30.03
N ASN H 82 -31.61 -47.03 -29.20
CA ASN H 82 -32.38 -45.85 -29.56
C ASN H 82 -32.54 -44.99 -28.31
N THR H 83 -33.02 -43.77 -28.49
CA THR H 83 -33.13 -42.82 -27.39
C THR H 83 -33.91 -43.42 -26.21
N GLN H 84 -35.08 -43.99 -26.50
CA GLN H 84 -35.91 -44.56 -25.45
CA GLN H 84 -35.92 -44.55 -25.45
C GLN H 84 -35.16 -45.60 -24.64
N GLU H 85 -34.48 -46.51 -25.31
CA GLU H 85 -33.76 -47.53 -24.54
C GLU H 85 -32.56 -46.94 -23.81
N MET H 86 -31.90 -45.97 -24.42
CA MET H 86 -30.72 -45.39 -23.79
C MET H 86 -31.09 -44.74 -22.47
N LEU H 87 -32.22 -44.02 -22.46
CA LEU H 87 -32.67 -43.36 -21.24
C LEU H 87 -33.03 -44.38 -20.18
N GLN H 88 -33.75 -45.44 -20.56
CA GLN H 88 -34.10 -46.47 -19.61
C GLN H 88 -32.87 -47.22 -19.10
N CYS H 89 -31.85 -47.40 -19.94
CA CYS H 89 -30.62 -48.04 -19.48
C CYS H 89 -29.90 -47.18 -18.45
N ASP H 90 -29.80 -45.87 -18.71
CA ASP H 90 -29.28 -44.96 -17.70
C ASP H 90 -30.09 -45.07 -16.42
N LEU H 91 -31.42 -45.09 -16.55
CA LEU H 91 -32.27 -45.14 -15.35
C LEU H 91 -32.08 -46.46 -14.60
N ASN H 92 -31.99 -47.58 -15.32
CA ASN H 92 -31.74 -48.86 -14.63
C ASN H 92 -30.42 -48.81 -13.88
N LEU H 93 -29.39 -48.22 -14.49
CA LEU H 93 -28.10 -48.12 -13.82
C LEU H 93 -28.19 -47.26 -12.57
N GLU H 94 -28.91 -46.13 -12.65
CA GLU H 94 -28.99 -45.20 -11.51
C GLU H 94 -29.70 -45.86 -10.34
N LEU H 95 -30.75 -46.63 -10.62
CA LEU H 95 -31.47 -47.31 -9.55
C LEU H 95 -30.58 -48.34 -8.84
N LYS H 96 -29.73 -49.05 -9.59
CA LYS H 96 -28.72 -49.88 -8.91
C LYS H 96 -27.75 -49.02 -8.12
N ALA H 97 -27.35 -47.89 -8.68
CA ALA H 97 -26.37 -47.03 -8.02
C ALA H 97 -26.89 -46.55 -6.68
N THR H 98 -28.15 -46.11 -6.63
CA THR H 98 -28.66 -45.56 -5.37
C THR H 98 -28.88 -46.64 -4.32
N LYS H 99 -29.32 -47.84 -4.74
CA LYS H 99 -29.45 -48.95 -3.78
C LYS H 99 -28.11 -49.26 -3.12
N ASP H 100 -27.03 -49.27 -3.90
CA ASP H 100 -25.71 -49.52 -3.31
C ASP H 100 -25.26 -48.36 -2.43
N LEU H 101 -25.60 -47.12 -2.80
CA LEU H 101 -25.22 -45.99 -1.97
C LEU H 101 -25.87 -46.07 -0.60
N ARG H 102 -27.15 -46.44 -0.57
CA ARG H 102 -27.87 -46.53 0.69
C ARG H 102 -27.26 -47.60 1.59
N GLU H 103 -26.89 -48.75 1.02
CA GLU H 103 -26.30 -49.80 1.84
C GLU H 103 -24.93 -49.39 2.36
N ALA H 104 -24.17 -48.62 1.57
CA ALA H 104 -22.89 -48.11 2.05
C ALA H 104 -23.06 -47.10 3.18
N ILE H 105 -24.04 -46.21 3.06
CA ILE H 105 -24.27 -45.23 4.11
C ILE H 105 -24.65 -45.93 5.42
N VAL H 106 -25.50 -46.96 5.34
CA VAL H 106 -25.82 -47.73 6.54
C VAL H 106 -24.54 -48.20 7.21
N HIS H 107 -23.61 -48.73 6.42
CA HIS H 107 -22.41 -49.27 7.05
C HIS H 107 -21.51 -48.16 7.61
N CYS H 108 -21.33 -47.07 6.87
CA CYS H 108 -20.60 -45.92 7.40
C CYS H 108 -21.17 -45.46 8.73
N GLU H 109 -22.50 -45.35 8.82
CA GLU H 109 -23.11 -44.91 10.07
C GLU H 109 -22.77 -45.89 11.20
N GLN H 110 -22.79 -47.20 10.92
CA GLN H 110 -22.62 -48.17 12.01
C GLN H 110 -21.22 -48.11 12.59
N VAL H 111 -20.23 -47.83 11.74
CA VAL H 111 -18.85 -47.77 12.17
C VAL H 111 -18.39 -46.34 12.43
N HIS H 112 -19.31 -45.37 12.41
CA HIS H 112 -19.04 -43.98 12.77
C HIS H 112 -18.10 -43.28 11.78
N ASP H 113 -18.07 -43.71 10.53
CA ASP H 113 -17.31 -42.99 9.50
C ASP H 113 -18.25 -41.95 8.90
N TYR H 114 -18.40 -40.86 9.63
CA TYR H 114 -19.42 -39.88 9.31
C TYR H 114 -19.02 -39.05 8.11
N VAL H 115 -17.72 -38.91 7.85
CA VAL H 115 -17.27 -38.17 6.67
C VAL H 115 -17.53 -38.99 5.40
N SER H 116 -17.28 -40.29 5.43
CA SER H 116 -17.61 -41.08 4.25
C SER H 116 -19.10 -41.08 4.02
N ARG H 117 -19.90 -41.12 5.10
CA ARG H 117 -21.35 -41.02 4.94
C ARG H 117 -21.72 -39.73 4.22
N ASP H 118 -21.08 -38.61 4.60
CA ASP H 118 -21.45 -37.32 4.04
C ASP H 118 -21.10 -37.25 2.56
N LEU H 119 -19.94 -37.78 2.19
CA LEU H 119 -19.58 -37.88 0.77
C LEU H 119 -20.62 -38.68 0.00
N LEU H 120 -20.98 -39.86 0.52
CA LEU H 120 -21.93 -40.73 -0.15
C LEU H 120 -23.32 -40.09 -0.21
N LYS H 121 -23.70 -39.35 0.83
CA LYS H 121 -24.99 -38.68 0.79
C LYS H 121 -25.01 -37.61 -0.31
N ASP H 122 -23.89 -36.88 -0.46
CA ASP H 122 -23.83 -35.88 -1.52
C ASP H 122 -23.92 -36.53 -2.90
N ILE H 123 -23.24 -37.68 -3.10
CA ILE H 123 -23.32 -38.37 -4.37
C ILE H 123 -24.74 -38.85 -4.61
N LEU H 124 -25.37 -39.39 -3.56
CA LEU H 124 -26.75 -39.84 -3.65
C LEU H 124 -27.70 -38.72 -4.08
N GLU H 125 -27.52 -37.50 -3.54
CA GLU H 125 -28.32 -36.37 -3.97
C GLU H 125 -28.15 -36.11 -5.46
N SER H 126 -26.93 -36.26 -5.95
N SER H 126 -26.93 -36.25 -5.96
CA SER H 126 -26.66 -36.10 -7.38
CA SER H 126 -26.71 -36.09 -7.40
C SER H 126 -27.34 -37.21 -8.18
C SER H 126 -27.41 -37.21 -8.16
N GLU H 127 -27.26 -38.45 -7.70
CA GLU H 127 -27.90 -39.56 -8.43
C GLU H 127 -29.43 -39.42 -8.42
N GLU H 128 -30.02 -38.96 -7.30
CA GLU H 128 -31.47 -38.74 -7.30
C GLU H 128 -31.88 -37.63 -8.25
N GLU H 129 -31.06 -36.58 -8.41
CA GLU H 129 -31.38 -35.56 -9.41
C GLU H 129 -31.28 -36.15 -10.82
N HIS H 130 -30.35 -37.08 -11.04
CA HIS H 130 -30.27 -37.74 -12.33
C HIS H 130 -31.49 -38.62 -12.57
N ILE H 131 -31.94 -39.33 -11.54
CA ILE H 131 -33.15 -40.13 -11.68
C ILE H 131 -34.34 -39.23 -12.02
N ASP H 132 -34.49 -38.11 -11.29
CA ASP H 132 -35.52 -37.12 -11.63
C ASP H 132 -35.47 -36.74 -13.11
N TYR H 133 -34.30 -36.32 -13.60
CA TYR H 133 -34.16 -36.00 -15.03
C TYR H 133 -34.61 -37.14 -15.93
N LEU H 134 -34.11 -38.35 -15.68
CA LEU H 134 -34.40 -39.49 -16.56
C LEU H 134 -35.90 -39.83 -16.55
N GLU H 135 -36.49 -39.97 -15.35
CA GLU H 135 -37.93 -40.18 -15.28
C GLU H 135 -38.69 -39.08 -16.02
N THR H 136 -38.23 -37.83 -15.89
CA THR H 136 -38.93 -36.72 -16.54
C THR H 136 -38.84 -36.83 -18.05
N GLN H 137 -37.68 -37.23 -18.59
CA GLN H 137 -37.56 -37.35 -20.04
C GLN H 137 -38.50 -38.44 -20.58
N LEU H 138 -38.56 -39.56 -19.87
CA LEU H 138 -39.42 -40.66 -20.30
C LEU H 138 -40.89 -40.29 -20.17
N GLY H 139 -41.24 -39.47 -19.18
CA GLY H 139 -42.60 -38.95 -19.12
C GLY H 139 -42.90 -38.00 -20.26
N LEU H 140 -41.92 -37.15 -20.61
CA LEU H 140 -42.14 -36.22 -21.71
C LEU H 140 -42.36 -36.94 -23.02
N ILE H 141 -41.59 -38.01 -23.27
CA ILE H 141 -41.81 -38.79 -24.49
C ILE H 141 -43.27 -39.21 -24.62
N GLN H 142 -43.89 -39.63 -23.52
CA GLN H 142 -45.30 -39.99 -23.55
C GLN H 142 -46.20 -38.77 -23.76
N LYS H 143 -45.88 -37.64 -23.13
CA LYS H 143 -46.77 -36.47 -23.21
C LYS H 143 -46.70 -35.81 -24.57
N VAL H 144 -45.50 -35.65 -25.15
CA VAL H 144 -45.38 -34.91 -26.39
C VAL H 144 -45.20 -35.81 -27.61
N GLY H 145 -45.01 -37.10 -27.41
CA GLY H 145 -44.70 -37.98 -28.54
C GLY H 145 -43.21 -37.99 -28.84
N LEU H 146 -42.75 -39.12 -29.42
CA LEU H 146 -41.31 -39.33 -29.60
C LEU H 146 -40.74 -38.37 -30.63
N GLU H 147 -41.45 -38.18 -31.74
CA GLU H 147 -40.97 -37.29 -32.80
C GLU H 147 -40.81 -35.86 -32.27
N ASN H 148 -41.79 -35.36 -31.53
CA ASN H 148 -41.61 -34.02 -30.93
C ASN H 148 -40.47 -34.01 -29.90
N TYR H 149 -40.44 -35.03 -29.02
CA TYR H 149 -39.40 -35.08 -28.00
C TYR H 149 -38.01 -35.04 -28.65
N LEU H 150 -37.82 -35.82 -29.71
CA LEU H 150 -36.54 -35.85 -30.39
C LEU H 150 -36.27 -34.52 -31.09
N GLN H 151 -37.25 -33.99 -31.82
CA GLN H 151 -37.13 -32.66 -32.41
C GLN H 151 -36.65 -31.61 -31.41
N SER H 152 -37.22 -31.63 -30.20
CA SER H 152 -36.85 -30.64 -29.18
C SER H 152 -35.43 -30.83 -28.69
N HIS H 153 -34.75 -31.91 -29.07
CA HIS H 153 -33.40 -32.17 -28.58
C HIS H 153 -32.39 -32.17 -29.72
N MET H 154 -32.77 -31.64 -30.88
CA MET H 154 -31.83 -31.51 -31.98
C MET H 154 -30.83 -30.39 -31.73
N HIS H 155 -31.30 -29.21 -31.32
CA HIS H 155 -30.47 -28.03 -31.15
C HIS H 155 -30.25 -27.74 -29.67
N GLU H 156 -29.09 -27.16 -29.37
CA GLU H 156 -28.77 -26.78 -28.00
C GLU H 156 -29.49 -25.52 -27.52
N MET I 1 -4.36 50.73 8.09
CA MET I 1 -5.30 51.90 7.97
C MET I 1 -5.70 52.29 9.39
N LYS I 2 -5.57 53.56 9.76
CA LYS I 2 -5.73 53.92 11.16
C LYS I 2 -7.20 53.80 11.55
N GLY I 3 -7.51 52.88 12.43
CA GLY I 3 -8.88 52.70 12.85
C GLY I 3 -9.24 53.55 14.07
N ASP I 4 -10.53 53.61 14.35
CA ASP I 4 -11.05 54.34 15.52
C ASP I 4 -10.66 53.63 16.83
N LYS I 5 -10.19 54.41 17.80
CA LYS I 5 -9.64 53.83 19.03
C LYS I 5 -10.70 53.03 19.79
N LYS I 6 -11.90 53.56 19.91
CA LYS I 6 -12.95 52.82 20.60
C LYS I 6 -13.44 51.59 19.81
N VAL I 7 -13.45 51.65 18.48
CA VAL I 7 -13.74 50.43 17.69
C VAL I 7 -12.76 49.33 18.08
N ILE I 8 -11.46 49.64 18.04
CA ILE I 8 -10.46 48.63 18.41
C ILE I 8 -10.70 48.10 19.82
N GLN I 9 -11.06 48.99 20.76
CA GLN I 9 -11.42 48.52 22.10
C GLN I 9 -12.61 47.59 22.08
N HIS I 10 -13.64 47.94 21.31
CA HIS I 10 -14.79 47.03 21.16
C HIS I 10 -14.35 45.72 20.51
N LEU I 11 -13.51 45.80 19.47
CA LEU I 11 -13.07 44.57 18.82
C LEU I 11 -12.28 43.68 19.79
N ASN I 12 -11.44 44.28 20.65
CA ASN I 12 -10.71 43.48 21.63
C ASN I 12 -11.65 42.90 22.67
N LYS I 13 -12.74 43.59 23.00
CA LYS I 13 -13.71 43.01 23.93
C LYS I 13 -14.41 41.79 23.33
N ILE I 14 -14.88 41.90 22.08
CA ILE I 14 -15.49 40.74 21.41
C ILE I 14 -14.49 39.59 21.37
N LEU I 15 -13.26 39.88 20.99
CA LEU I 15 -12.21 38.87 20.95
C LEU I 15 -12.03 38.23 22.31
N GLY I 16 -11.97 39.06 23.37
CA GLY I 16 -11.92 38.52 24.72
C GLY I 16 -13.04 37.55 25.00
N ASN I 17 -14.26 37.88 24.56
CA ASN I 17 -15.34 36.92 24.72
C ASN I 17 -15.09 35.65 23.92
N GLU I 18 -14.60 35.78 22.68
CA GLU I 18 -14.35 34.59 21.88
C GLU I 18 -13.28 33.71 22.52
N LEU I 19 -12.25 34.32 23.10
CA LEU I 19 -11.18 33.54 23.73
C LEU I 19 -11.69 32.74 24.92
N ILE I 20 -12.62 33.32 25.68
CA ILE I 20 -13.27 32.55 26.74
C ILE I 20 -14.04 31.39 26.15
N ALA I 21 -14.83 31.67 25.09
CA ALA I 21 -15.70 30.63 24.53
C ALA I 21 -14.88 29.48 23.97
N ILE I 22 -13.80 29.79 23.25
CA ILE I 22 -12.95 28.73 22.69
C ILE I 22 -12.58 27.72 23.77
N ASN I 23 -12.00 28.21 24.86
CA ASN I 23 -11.56 27.33 25.94
C ASN I 23 -12.74 26.64 26.62
N GLN I 24 -13.81 27.38 26.90
CA GLN I 24 -14.96 26.80 27.57
C GLN I 24 -15.59 25.68 26.74
N TYR I 25 -15.82 25.94 25.44
CA TYR I 25 -16.38 24.92 24.56
C TYR I 25 -15.39 23.76 24.33
N PHE I 26 -14.10 24.06 24.21
CA PHE I 26 -13.17 22.95 24.02
C PHE I 26 -13.13 22.03 25.23
N LEU I 27 -13.13 22.60 26.43
CA LEU I 27 -13.15 21.77 27.64
C LEU I 27 -14.45 20.99 27.76
N HIS I 28 -15.60 21.65 27.59
CA HIS I 28 -16.87 20.94 27.62
C HIS I 28 -16.91 19.79 26.60
N SER I 29 -16.39 20.04 25.40
CA SER I 29 -16.33 18.98 24.40
C SER I 29 -15.57 17.77 24.94
N ARG I 30 -14.40 18.00 25.53
CA ARG I 30 -13.56 16.87 25.93
C ARG I 30 -14.11 16.17 27.16
N MET I 31 -14.82 16.90 28.03
CA MET I 31 -15.52 16.28 29.13
C MET I 31 -16.63 15.35 28.62
N TRP I 32 -17.43 15.85 27.66
CA TRP I 32 -18.48 15.02 27.08
C TRP I 32 -17.88 13.79 26.40
N ASN I 33 -16.79 13.96 25.65
CA ASN I 33 -16.12 12.80 25.05
C ASN I 33 -15.63 11.82 26.11
N ASP I 34 -15.05 12.34 27.20
CA ASP I 34 -14.59 11.45 28.28
C ASP I 34 -15.74 10.66 28.89
N TRP I 35 -16.90 11.29 29.02
CA TRP I 35 -18.07 10.61 29.56
C TRP I 35 -18.78 9.70 28.56
N GLY I 36 -18.28 9.59 27.33
CA GLY I 36 -18.94 8.78 26.33
C GLY I 36 -20.12 9.44 25.68
N LEU I 37 -20.32 10.75 25.86
CA LEU I 37 -21.42 11.45 25.21
C LEU I 37 -20.89 12.10 23.93
N LYS I 38 -20.56 11.23 22.95
CA LYS I 38 -19.68 11.62 21.87
C LYS I 38 -20.36 12.58 20.89
N ARG I 39 -21.68 12.52 20.79
CA ARG I 39 -22.35 13.45 19.89
C ARG I 39 -22.34 14.86 20.45
N LEU I 40 -22.52 14.99 21.77
CA LEU I 40 -22.34 16.31 22.40
C LEU I 40 -20.90 16.76 22.28
N GLY I 41 -19.96 15.84 22.53
CA GLY I 41 -18.56 16.23 22.41
C GLY I 41 -18.22 16.72 21.01
N ALA I 42 -18.73 16.03 19.99
CA ALA I 42 -18.40 16.46 18.63
C ALA I 42 -19.07 17.77 18.29
N HIS I 43 -20.33 17.94 18.66
CA HIS I 43 -20.98 19.21 18.36
C HIS I 43 -20.30 20.37 19.08
N GLU I 44 -19.92 20.16 20.34
CA GLU I 44 -19.28 21.22 21.10
C GLU I 44 -17.89 21.52 20.57
N TYR I 45 -17.19 20.50 20.06
CA TYR I 45 -15.93 20.74 19.35
C TYR I 45 -16.10 21.69 18.18
N HIS I 46 -17.10 21.46 17.33
CA HIS I 46 -17.33 22.37 16.20
C HIS I 46 -17.73 23.77 16.68
N GLU I 47 -18.44 23.88 17.81
CA GLU I 47 -18.70 25.19 18.38
C GLU I 47 -17.38 25.89 18.73
N SER I 48 -16.45 25.16 19.34
CA SER I 48 -15.16 25.75 19.69
C SER I 48 -14.39 26.18 18.45
N ILE I 49 -14.38 25.35 17.41
CA ILE I 49 -13.69 25.71 16.17
C ILE I 49 -14.29 26.98 15.59
N ASP I 50 -15.61 27.09 15.63
CA ASP I 50 -16.23 28.28 15.05
CA ASP I 50 -16.28 28.28 15.10
C ASP I 50 -15.82 29.54 15.82
N GLU I 51 -15.66 29.46 17.14
CA GLU I 51 -15.15 30.61 17.90
C GLU I 51 -13.71 30.91 17.55
N MET I 52 -12.92 29.86 17.30
CA MET I 52 -11.56 30.05 16.83
C MET I 52 -11.52 30.85 15.53
N LYS I 53 -12.41 30.51 14.58
CA LYS I 53 -12.42 31.22 13.30
C LYS I 53 -12.83 32.68 13.51
N HIS I 54 -13.82 32.91 14.39
CA HIS I 54 -14.19 34.30 14.73
C HIS I 54 -13.02 35.08 15.34
N ALA I 55 -12.31 34.46 16.28
CA ALA I 55 -11.19 35.16 16.91
C ALA I 55 -10.14 35.48 15.87
N ASP I 56 -9.88 34.55 14.94
CA ASP I 56 -8.96 34.81 13.84
C ASP I 56 -9.37 36.08 13.10
N LYS I 57 -10.63 36.18 12.69
CA LYS I 57 -11.00 37.34 11.89
C LYS I 57 -10.90 38.61 12.71
N LEU I 58 -11.25 38.56 14.00
CA LEU I 58 -11.14 39.75 14.84
C LEU I 58 -9.70 40.22 14.95
N ILE I 59 -8.78 39.28 15.19
CA ILE I 59 -7.36 39.59 15.25
C ILE I 59 -6.88 40.22 13.94
N GLU I 60 -7.27 39.65 12.83
CA GLU I 60 -6.85 40.19 11.53
C GLU I 60 -7.36 41.61 11.33
N ARG I 61 -8.62 41.86 11.69
CA ARG I 61 -9.21 43.19 11.58
C ARG I 61 -8.53 44.19 12.54
N ILE I 62 -8.25 43.77 13.78
CA ILE I 62 -7.60 44.68 14.73
C ILE I 62 -6.24 45.11 14.19
N LEU I 63 -5.47 44.16 13.65
CA LEU I 63 -4.17 44.50 13.09
C LEU I 63 -4.27 45.36 11.86
N PHE I 64 -5.25 45.08 10.99
CA PHE I 64 -5.39 45.94 9.84
C PHE I 64 -5.66 47.39 10.27
N LEU I 65 -6.44 47.58 11.34
CA LEU I 65 -6.76 48.90 11.86
C LEU I 65 -5.64 49.49 12.73
N GLU I 66 -4.49 48.80 12.80
CA GLU I 66 -3.29 49.28 13.48
C GLU I 66 -3.46 49.29 14.99
N GLY I 67 -4.33 48.40 15.50
CA GLY I 67 -4.45 48.15 16.91
C GLY I 67 -3.65 46.92 17.32
N LEU I 68 -3.67 46.69 18.63
CA LEU I 68 -2.91 45.59 19.23
C LEU I 68 -3.91 44.57 19.74
N PRO I 69 -4.01 43.40 19.10
CA PRO I 69 -4.99 42.42 19.57
C PRO I 69 -4.58 41.90 20.92
N ASN I 70 -5.56 41.77 21.81
CA ASN I 70 -5.28 41.37 23.18
C ASN I 70 -5.64 39.90 23.33
N LEU I 71 -4.63 39.05 23.31
CA LEU I 71 -4.76 37.64 23.60
C LEU I 71 -4.23 37.29 24.99
N GLN I 72 -3.79 38.30 25.74
CA GLN I 72 -3.22 38.05 27.06
C GLN I 72 -4.28 37.92 28.14
N ASP I 73 -5.35 38.70 28.05
CA ASP I 73 -6.34 38.71 29.12
C ASP I 73 -7.41 37.68 28.80
N LEU I 74 -7.65 36.78 29.76
CA LEU I 74 -8.63 35.72 29.65
C LEU I 74 -9.61 35.89 30.80
N GLY I 75 -10.88 36.08 30.47
CA GLY I 75 -11.93 36.16 31.46
C GLY I 75 -12.31 34.81 32.07
N LYS I 76 -13.39 34.84 32.86
CA LYS I 76 -13.78 33.67 33.63
C LYS I 76 -14.47 32.63 32.74
N LEU I 77 -13.95 31.40 32.75
CA LEU I 77 -14.60 30.29 32.09
C LEU I 77 -15.75 29.80 32.95
N LEU I 78 -16.90 29.55 32.34
CA LEU I 78 -18.05 29.01 33.06
C LEU I 78 -18.10 27.52 32.75
N ILE I 79 -17.55 26.69 33.64
CA ILE I 79 -17.46 25.25 33.44
C ILE I 79 -18.53 24.58 34.28
N GLY I 80 -19.41 23.86 33.65
CA GLY I 80 -20.39 23.10 34.40
C GLY I 80 -19.82 21.78 34.89
N GLU I 81 -20.57 21.14 35.78
CA GLU I 81 -20.22 19.85 36.35
C GLU I 81 -21.04 18.70 35.80
N ASN I 82 -22.09 19.00 35.04
CA ASN I 82 -22.94 18.00 34.41
C ASN I 82 -23.58 18.64 33.18
N THR I 83 -24.27 17.81 32.38
CA THR I 83 -24.68 18.24 31.03
C THR I 83 -25.63 19.43 31.07
N GLN I 84 -26.63 19.39 31.96
CA GLN I 84 -27.53 20.53 32.09
C GLN I 84 -26.78 21.81 32.41
N GLU I 85 -25.84 21.75 33.38
CA GLU I 85 -25.10 22.94 33.79
C GLU I 85 -24.19 23.44 32.70
N MET I 86 -23.51 22.52 32.01
CA MET I 86 -22.62 22.91 30.92
C MET I 86 -23.38 23.64 29.81
N LEU I 87 -24.54 23.10 29.42
CA LEU I 87 -25.36 23.77 28.42
C LEU I 87 -25.81 25.13 28.91
N GLN I 88 -26.20 25.24 30.18
CA GLN I 88 -26.62 26.55 30.68
C GLN I 88 -25.45 27.50 30.77
N CYS I 89 -24.27 26.99 31.13
CA CYS I 89 -23.07 27.84 31.14
C CYS I 89 -22.76 28.40 29.76
N ASP I 90 -22.80 27.55 28.71
CA ASP I 90 -22.61 28.02 27.34
C ASP I 90 -23.63 29.11 27.00
N LEU I 91 -24.89 28.89 27.38
CA LEU I 91 -25.92 29.86 27.04
C LEU I 91 -25.69 31.20 27.76
N ASN I 92 -25.30 31.15 29.04
CA ASN I 92 -24.98 32.37 29.77
C ASN I 92 -23.85 33.16 29.09
N LEU I 93 -22.79 32.47 28.72
CA LEU I 93 -21.70 33.10 27.97
C LEU I 93 -22.22 33.72 26.67
N GLU I 94 -23.05 32.99 25.93
CA GLU I 94 -23.47 33.49 24.61
C GLU I 94 -24.35 34.74 24.76
N LEU I 95 -25.18 34.80 25.79
CA LEU I 95 -26.02 35.97 26.00
C LEU I 95 -25.18 37.20 26.35
N LYS I 96 -24.10 37.01 27.12
CA LYS I 96 -23.17 38.12 27.33
C LYS I 96 -22.45 38.49 26.04
N ALA I 97 -22.07 37.49 25.25
CA ALA I 97 -21.39 37.78 24.00
C ALA I 97 -22.28 38.62 23.06
N THR I 98 -23.56 38.29 22.96
CA THR I 98 -24.40 39.00 22.00
C THR I 98 -24.75 40.40 22.49
N LYS I 99 -24.87 40.58 23.81
CA LYS I 99 -24.98 41.93 24.35
C LYS I 99 -23.79 42.77 23.92
N ASP I 100 -22.57 42.22 24.05
CA ASP I 100 -21.40 43.00 23.69
C ASP I 100 -21.29 43.23 22.18
N LEU I 101 -21.70 42.24 21.38
CA LEU I 101 -21.70 42.44 19.93
C LEU I 101 -22.64 43.58 19.50
N ARG I 102 -23.85 43.64 20.06
CA ARG I 102 -24.76 44.73 19.70
C ARG I 102 -24.18 46.10 20.06
N GLU I 103 -23.55 46.23 21.24
CA GLU I 103 -22.94 47.52 21.62
C GLU I 103 -21.78 47.85 20.71
N ALA I 104 -21.03 46.85 20.26
CA ALA I 104 -19.93 47.11 19.34
C ALA I 104 -20.45 47.55 17.96
N ILE I 105 -21.49 46.88 17.47
CA ILE I 105 -22.11 47.28 16.21
C ILE I 105 -22.58 48.73 16.25
N VAL I 106 -23.32 49.12 17.31
CA VAL I 106 -23.72 50.53 17.45
C VAL I 106 -22.54 51.46 17.20
N HIS I 107 -21.42 51.19 17.87
CA HIS I 107 -20.31 52.14 17.77
C HIS I 107 -19.66 52.11 16.40
N CYS I 108 -19.50 50.92 15.80
CA CYS I 108 -18.99 50.88 14.44
C CYS I 108 -19.84 51.75 13.53
N GLU I 109 -21.18 51.62 13.65
CA GLU I 109 -22.09 52.40 12.81
C GLU I 109 -21.83 53.89 12.97
N GLN I 110 -21.70 54.35 14.23
CA GLN I 110 -21.55 55.78 14.49
C GLN I 110 -20.24 56.35 13.97
N VAL I 111 -19.15 55.58 13.96
CA VAL I 111 -17.92 56.09 13.36
C VAL I 111 -17.76 55.65 11.90
N HIS I 112 -18.81 55.09 11.30
CA HIS I 112 -18.82 54.78 9.87
C HIS I 112 -17.84 53.67 9.53
N ASP I 113 -17.55 52.79 10.49
CA ASP I 113 -16.69 51.64 10.20
C ASP I 113 -17.58 50.47 9.80
N TYR I 114 -18.10 50.58 8.58
CA TYR I 114 -19.15 49.68 8.10
C TYR I 114 -18.59 48.29 7.84
N VAL I 115 -17.28 48.18 7.56
CA VAL I 115 -16.69 46.85 7.36
C VAL I 115 -16.58 46.11 8.69
N SER I 116 -16.12 46.78 9.76
CA SER I 116 -16.12 46.14 11.07
C SER I 116 -17.54 45.77 11.49
N ARG I 117 -18.52 46.64 11.19
CA ARG I 117 -19.91 46.31 11.52
C ARG I 117 -20.33 45.01 10.83
N ASP I 118 -19.96 44.86 9.56
CA ASP I 118 -20.37 43.67 8.80
C ASP I 118 -19.75 42.41 9.38
N LEU I 119 -18.47 42.49 9.76
CA LEU I 119 -17.82 41.37 10.45
C LEU I 119 -18.57 41.00 11.73
N LEU I 120 -18.87 42.00 12.56
CA LEU I 120 -19.55 41.74 13.83
C LEU I 120 -20.95 41.20 13.61
N LYS I 121 -21.63 41.70 12.58
CA LYS I 121 -22.96 41.16 12.29
C LYS I 121 -22.89 39.69 11.91
N ASP I 122 -21.88 39.30 11.12
CA ASP I 122 -21.74 37.88 10.79
C ASP I 122 -21.44 37.05 12.04
N ILE I 123 -20.57 37.55 12.92
CA ILE I 123 -20.31 36.85 14.17
C ILE I 123 -21.58 36.76 15.01
N LEU I 124 -22.36 37.83 15.06
CA LEU I 124 -23.62 37.79 15.80
C LEU I 124 -24.57 36.75 15.24
N GLU I 125 -24.67 36.64 13.91
CA GLU I 125 -25.52 35.59 13.34
C GLU I 125 -25.08 34.22 13.83
N SER I 126 -23.77 33.99 13.87
N SER I 126 -23.78 33.98 13.85
CA SER I 126 -23.29 32.70 14.35
CA SER I 126 -23.28 32.71 14.35
C SER I 126 -23.60 32.52 15.83
C SER I 126 -23.63 32.52 15.83
N GLU I 127 -23.46 33.57 16.63
CA GLU I 127 -23.75 33.43 18.05
C GLU I 127 -25.25 33.19 18.27
N GLU I 128 -26.13 33.83 17.48
CA GLU I 128 -27.56 33.53 17.66
C GLU I 128 -27.92 32.13 17.20
N GLU I 129 -27.20 31.57 16.23
CA GLU I 129 -27.42 30.17 15.91
C GLU I 129 -27.00 29.27 17.07
N HIS I 130 -25.92 29.62 17.76
CA HIS I 130 -25.51 28.78 18.89
C HIS I 130 -26.52 28.86 20.04
N ILE I 131 -27.07 30.05 20.27
CA ILE I 131 -28.12 30.25 21.27
C ILE I 131 -29.34 29.40 20.93
N ASP I 132 -29.78 29.44 19.67
CA ASP I 132 -30.87 28.58 19.26
C ASP I 132 -30.55 27.11 19.57
N TYR I 133 -29.35 26.65 19.23
CA TYR I 133 -28.99 25.27 19.54
C TYR I 133 -29.07 25.01 21.03
N LEU I 134 -28.56 25.94 21.85
CA LEU I 134 -28.50 25.72 23.29
C LEU I 134 -29.89 25.69 23.91
N GLU I 135 -30.71 26.67 23.57
CA GLU I 135 -32.10 26.68 24.06
C GLU I 135 -32.85 25.43 23.63
N THR I 136 -32.57 24.96 22.42
CA THR I 136 -33.24 23.75 21.94
C THR I 136 -32.80 22.52 22.74
N GLN I 137 -31.51 22.37 23.01
CA GLN I 137 -31.06 21.23 23.82
C GLN I 137 -31.70 21.26 25.21
N LEU I 138 -31.73 22.43 25.83
CA LEU I 138 -32.33 22.55 27.17
C LEU I 138 -33.79 22.20 27.12
N GLY I 139 -34.50 22.62 26.07
CA GLY I 139 -35.89 22.24 25.95
C GLY I 139 -36.07 20.75 25.68
N LEU I 140 -35.16 20.17 24.92
CA LEU I 140 -35.29 18.74 24.65
C LEU I 140 -35.15 17.94 25.94
N ILE I 141 -34.27 18.40 26.84
CA ILE I 141 -34.07 17.67 28.09
C ILE I 141 -35.40 17.59 28.86
N GLN I 142 -36.20 18.66 28.77
CA GLN I 142 -37.51 18.69 29.42
C GLN I 142 -38.51 17.81 28.69
N LYS I 143 -38.45 17.79 27.36
CA LYS I 143 -39.46 17.05 26.62
C LYS I 143 -39.20 15.54 26.63
N VAL I 144 -37.95 15.10 26.47
CA VAL I 144 -37.70 13.67 26.36
C VAL I 144 -37.19 13.08 27.65
N GLY I 145 -36.87 13.91 28.64
CA GLY I 145 -36.24 13.46 29.87
C GLY I 145 -34.73 13.41 29.77
N LEU I 146 -34.06 13.59 30.90
CA LEU I 146 -32.61 13.71 30.87
C LEU I 146 -31.95 12.40 30.41
N GLU I 147 -32.47 11.25 30.85
CA GLU I 147 -31.83 9.98 30.52
C GLU I 147 -31.91 9.68 29.02
N ASN I 148 -33.08 9.91 28.40
CA ASN I 148 -33.18 9.80 26.95
C ASN I 148 -32.31 10.84 26.26
N TYR I 149 -32.33 12.08 26.73
CA TYR I 149 -31.53 13.11 26.07
C TYR I 149 -30.09 12.65 25.99
N LEU I 150 -29.58 12.14 27.09
CA LEU I 150 -28.17 11.75 27.10
C LEU I 150 -27.95 10.52 26.22
N GLN I 151 -28.85 9.55 26.30
CA GLN I 151 -28.80 8.37 25.45
C GLN I 151 -28.65 8.76 23.98
N SER I 152 -29.42 9.76 23.55
CA SER I 152 -29.41 10.20 22.17
C SER I 152 -28.13 10.93 21.78
N HIS I 153 -27.27 11.27 22.74
CA HIS I 153 -26.01 11.94 22.44
C HIS I 153 -24.79 11.07 22.76
N MET I 154 -25.00 9.75 22.89
CA MET I 154 -23.88 8.83 23.10
C MET I 154 -23.07 8.62 21.82
N HIS I 155 -23.74 8.44 20.68
CA HIS I 155 -23.07 8.00 19.46
C HIS I 155 -23.03 9.13 18.45
N GLU I 156 -21.90 9.24 17.74
CA GLU I 156 -21.71 10.29 16.75
C GLU I 156 -22.31 9.84 15.41
N MET J 1 -20.91 -42.52 -42.57
CA MET J 1 -20.06 -42.94 -43.74
C MET J 1 -19.51 -44.33 -43.43
N LYS J 2 -19.61 -45.27 -44.36
CA LYS J 2 -19.28 -46.65 -44.05
C LYS J 2 -17.76 -46.77 -44.00
N GLY J 3 -17.21 -46.97 -42.80
CA GLY J 3 -15.78 -47.06 -42.66
C GLY J 3 -15.27 -48.46 -42.99
N ASP J 4 -13.97 -48.53 -43.26
CA ASP J 4 -13.30 -49.83 -43.38
C ASP J 4 -13.37 -50.60 -42.06
N LYS J 5 -13.77 -51.87 -42.12
CA LYS J 5 -13.96 -52.65 -40.90
C LYS J 5 -12.66 -52.73 -40.10
N LYS J 6 -11.55 -52.90 -40.78
CA LYS J 6 -10.27 -53.04 -40.10
C LYS J 6 -9.77 -51.71 -39.56
N VAL J 7 -10.04 -50.59 -40.24
CA VAL J 7 -9.76 -49.29 -39.62
C VAL J 7 -10.47 -49.20 -38.29
N ILE J 8 -11.75 -49.58 -38.29
CA ILE J 8 -12.53 -49.46 -37.06
C ILE J 8 -11.95 -50.35 -35.98
N GLN J 9 -11.49 -51.55 -36.33
CA GLN J 9 -10.81 -52.37 -35.35
C GLN J 9 -9.59 -51.67 -34.79
N HIS J 10 -8.76 -51.07 -35.66
CA HIS J 10 -7.59 -50.35 -35.18
C HIS J 10 -8.00 -49.21 -34.26
N LEU J 11 -9.03 -48.46 -34.63
CA LEU J 11 -9.43 -47.31 -33.82
C LEU J 11 -9.91 -47.76 -32.44
N ASN J 12 -10.59 -48.90 -32.38
CA ASN J 12 -11.01 -49.47 -31.11
C ASN J 12 -9.83 -49.97 -30.30
N LYS J 13 -8.77 -50.44 -30.96
CA LYS J 13 -7.58 -50.85 -30.20
C LYS J 13 -6.86 -49.64 -29.61
N ILE J 14 -6.70 -48.57 -30.39
CA ILE J 14 -6.13 -47.33 -29.86
C ILE J 14 -7.01 -46.79 -28.75
N LEU J 15 -8.33 -46.81 -28.96
CA LEU J 15 -9.24 -46.36 -27.90
C LEU J 15 -9.02 -47.18 -26.64
N GLY J 16 -8.88 -48.50 -26.80
CA GLY J 16 -8.62 -49.35 -25.66
C GLY J 16 -7.39 -48.95 -24.88
N ASN J 17 -6.30 -48.64 -25.61
CA ASN J 17 -5.08 -48.13 -24.99
C ASN J 17 -5.34 -46.82 -24.24
N GLU J 18 -6.11 -45.92 -24.83
CA GLU J 18 -6.39 -44.66 -24.18
C GLU J 18 -7.19 -44.87 -22.90
N LEU J 19 -8.12 -45.81 -22.91
CA LEU J 19 -8.94 -46.04 -21.71
C LEU J 19 -8.10 -46.56 -20.55
N ILE J 20 -7.12 -47.43 -20.84
CA ILE J 20 -6.16 -47.85 -19.84
C ILE J 20 -5.39 -46.65 -19.31
N ALA J 21 -4.88 -45.83 -20.21
CA ALA J 21 -4.07 -44.68 -19.83
C ALA J 21 -4.86 -43.69 -18.97
N ILE J 22 -6.11 -43.37 -19.35
CA ILE J 22 -6.95 -42.50 -18.53
C ILE J 22 -6.92 -42.94 -17.07
N ASN J 23 -7.20 -44.23 -16.84
CA ASN J 23 -7.37 -44.74 -15.49
C ASN J 23 -6.04 -44.85 -14.76
N GLN J 24 -5.02 -45.34 -15.44
CA GLN J 24 -3.70 -45.44 -14.83
C GLN J 24 -3.17 -44.06 -14.46
N TYR J 25 -3.22 -43.10 -15.40
CA TYR J 25 -2.73 -41.76 -15.10
C TYR J 25 -3.57 -41.10 -14.02
N PHE J 26 -4.88 -41.37 -14.02
CA PHE J 26 -5.70 -40.68 -13.03
C PHE J 26 -5.36 -41.21 -11.66
N LEU J 27 -5.22 -42.52 -11.53
CA LEU J 27 -4.88 -43.11 -10.24
C LEU J 27 -3.48 -42.69 -9.80
N HIS J 28 -2.51 -42.70 -10.72
CA HIS J 28 -1.19 -42.22 -10.34
C HIS J 28 -1.24 -40.78 -9.86
N SER J 29 -2.02 -39.92 -10.55
CA SER J 29 -2.17 -38.53 -10.13
C SER J 29 -2.65 -38.41 -8.69
N ARG J 30 -3.71 -39.15 -8.36
CA ARG J 30 -4.29 -39.04 -7.04
C ARG J 30 -3.40 -39.68 -5.97
N MET J 31 -2.61 -40.70 -6.33
CA MET J 31 -1.59 -41.23 -5.39
C MET J 31 -0.55 -40.16 -5.07
N TRP J 32 -0.02 -39.51 -6.13
CA TRP J 32 0.96 -38.44 -5.94
C TRP J 32 0.36 -37.32 -5.10
N ASN J 33 -0.90 -36.97 -5.32
CA ASN J 33 -1.48 -35.92 -4.53
C ASN J 33 -1.61 -36.35 -3.08
N ASP J 34 -2.02 -37.59 -2.84
CA ASP J 34 -2.14 -38.07 -1.47
C ASP J 34 -0.80 -38.09 -0.74
N TRP J 35 0.29 -38.29 -1.47
CA TRP J 35 1.64 -38.30 -0.89
C TRP J 35 2.25 -36.91 -0.78
N GLY J 36 1.53 -35.88 -1.21
CA GLY J 36 2.04 -34.52 -1.13
C GLY J 36 2.94 -34.14 -2.26
N LEU J 37 3.01 -34.94 -3.32
CA LEU J 37 3.80 -34.58 -4.48
C LEU J 37 2.88 -33.92 -5.50
N LYS J 38 2.39 -32.70 -5.14
CA LYS J 38 1.29 -32.08 -5.88
C LYS J 38 1.68 -31.67 -7.30
N ARG J 39 2.94 -31.39 -7.55
CA ARG J 39 3.30 -30.99 -8.92
C ARG J 39 3.27 -32.19 -9.84
N LEU J 40 3.72 -33.37 -9.37
CA LEU J 40 3.55 -34.59 -10.13
C LEU J 40 2.07 -34.93 -10.26
N GLY J 41 1.31 -34.75 -9.18
CA GLY J 41 -0.11 -35.05 -9.25
C GLY J 41 -0.85 -34.22 -10.28
N ALA J 42 -0.53 -32.93 -10.35
CA ALA J 42 -1.21 -32.05 -11.31
C ALA J 42 -0.75 -32.36 -12.72
N HIS J 43 0.54 -32.65 -12.90
CA HIS J 43 1.02 -32.94 -14.25
C HIS J 43 0.40 -34.24 -14.78
N GLU J 44 0.29 -35.24 -13.91
CA GLU J 44 -0.26 -36.53 -14.30
C GLU J 44 -1.77 -36.42 -14.48
N TYR J 45 -2.43 -35.53 -13.72
CA TYR J 45 -3.84 -35.23 -13.94
C TYR J 45 -4.04 -34.69 -15.35
N HIS J 46 -3.18 -33.76 -15.77
CA HIS J 46 -3.30 -33.22 -17.11
C HIS J 46 -2.98 -34.26 -18.18
N GLU J 47 -2.06 -35.20 -17.91
CA GLU J 47 -1.86 -36.32 -18.85
C GLU J 47 -3.14 -37.13 -18.98
N SER J 48 -3.82 -37.40 -17.87
CA SER J 48 -5.07 -38.17 -17.90
C SER J 48 -6.11 -37.47 -18.77
N ILE J 49 -6.28 -36.16 -18.54
CA ILE J 49 -7.24 -35.36 -19.30
C ILE J 49 -6.91 -35.42 -20.77
N ASP J 50 -5.63 -35.32 -21.12
CA ASP J 50 -5.26 -35.38 -22.51
CA ASP J 50 -5.21 -35.41 -22.50
C ASP J 50 -5.68 -36.72 -23.14
N GLU J 51 -5.57 -37.81 -22.38
CA GLU J 51 -5.99 -39.10 -22.90
C GLU J 51 -7.51 -39.17 -23.02
N MET J 52 -8.23 -38.53 -22.09
CA MET J 52 -9.69 -38.45 -22.20
C MET J 52 -10.10 -37.76 -23.49
N LYS J 53 -9.41 -36.68 -23.85
CA LYS J 53 -9.74 -35.98 -25.08
C LYS J 53 -9.45 -36.85 -26.32
N HIS J 54 -8.30 -37.55 -26.34
CA HIS J 54 -8.04 -38.50 -27.41
C HIS J 54 -9.14 -39.55 -27.50
N ALA J 55 -9.56 -40.11 -26.35
CA ALA J 55 -10.61 -41.12 -26.35
C ALA J 55 -11.89 -40.58 -26.98
N ASP J 56 -12.21 -39.32 -26.69
CA ASP J 56 -13.39 -38.66 -27.21
C ASP J 56 -13.33 -38.60 -28.73
N LYS J 57 -12.19 -38.14 -29.28
CA LYS J 57 -12.07 -38.03 -30.74
C LYS J 57 -12.14 -39.41 -31.41
N LEU J 58 -11.56 -40.42 -30.77
CA LEU J 58 -11.65 -41.79 -31.33
C LEU J 58 -13.09 -42.29 -31.34
N ILE J 59 -13.79 -42.13 -30.22
CA ILE J 59 -15.19 -42.51 -30.15
C ILE J 59 -15.99 -41.82 -31.24
N GLU J 60 -15.76 -40.53 -31.44
CA GLU J 60 -16.53 -39.76 -32.42
C GLU J 60 -16.24 -40.26 -33.83
N ARG J 61 -14.96 -40.45 -34.14
CA ARG J 61 -14.55 -41.00 -35.44
C ARG J 61 -15.17 -42.37 -35.71
N ILE J 62 -15.11 -43.27 -34.72
CA ILE J 62 -15.66 -44.61 -34.90
C ILE J 62 -17.16 -44.52 -35.23
N LEU J 63 -17.89 -43.70 -34.47
CA LEU J 63 -19.33 -43.57 -34.69
C LEU J 63 -19.64 -42.98 -36.05
N PHE J 64 -18.86 -41.98 -36.48
CA PHE J 64 -19.02 -41.42 -37.82
C PHE J 64 -18.84 -42.51 -38.87
N LEU J 65 -17.84 -43.39 -38.67
CA LEU J 65 -17.54 -44.47 -39.59
C LEU J 65 -18.52 -45.64 -39.43
N GLU J 66 -19.53 -45.49 -38.59
CA GLU J 66 -20.62 -46.45 -38.41
C GLU J 66 -20.13 -47.73 -37.77
N GLY J 67 -19.08 -47.63 -36.95
CA GLY J 67 -18.66 -48.68 -36.06
C GLY J 67 -19.22 -48.51 -34.64
N LEU J 68 -18.91 -49.50 -33.80
CA LEU J 68 -19.28 -49.48 -32.39
C LEU J 68 -18.05 -49.23 -31.54
N PRO J 69 -17.97 -48.10 -30.85
CA PRO J 69 -16.85 -47.86 -29.92
C PRO J 69 -16.90 -48.83 -28.76
N ASN J 70 -15.77 -49.45 -28.46
CA ASN J 70 -15.69 -50.44 -27.40
C ASN J 70 -15.16 -49.73 -26.14
N LEU J 71 -16.06 -49.39 -25.22
CA LEU J 71 -15.69 -48.85 -23.92
C LEU J 71 -15.83 -49.88 -22.81
N GLN J 72 -16.10 -51.14 -23.14
CA GLN J 72 -16.43 -52.18 -22.17
C GLN J 72 -15.19 -52.94 -21.72
N ASP J 73 -14.29 -53.22 -22.65
CA ASP J 73 -13.10 -53.99 -22.34
C ASP J 73 -12.04 -53.00 -21.88
N LEU J 74 -11.49 -53.28 -20.71
CA LEU J 74 -10.44 -52.47 -20.10
C LEU J 74 -9.25 -53.37 -19.86
N GLY J 75 -8.14 -53.10 -20.53
CA GLY J 75 -6.93 -53.86 -20.37
C GLY J 75 -6.28 -53.60 -19.02
N LYS J 76 -5.05 -54.11 -18.88
CA LYS J 76 -4.38 -54.15 -17.59
C LYS J 76 -3.75 -52.80 -17.25
N LEU J 77 -4.16 -52.20 -16.14
CA LEU J 77 -3.48 -51.01 -15.66
C LEU J 77 -2.12 -51.40 -15.10
N LEU J 78 -1.10 -50.56 -15.34
CA LEU J 78 0.24 -50.75 -14.77
C LEU J 78 0.42 -49.71 -13.69
N ILE J 79 0.20 -50.10 -12.43
CA ILE J 79 0.22 -49.17 -11.30
C ILE J 79 1.50 -49.35 -10.52
N GLY J 80 2.31 -48.32 -10.46
CA GLY J 80 3.50 -48.41 -9.65
C GLY J 80 3.21 -48.29 -8.16
N GLU J 81 4.23 -48.61 -7.36
CA GLU J 81 4.13 -48.52 -5.91
C GLU J 81 4.98 -47.39 -5.34
N ASN J 82 5.81 -46.73 -6.16
CA ASN J 82 6.55 -45.55 -5.79
C ASN J 82 6.80 -44.72 -7.05
N THR J 83 7.40 -43.54 -6.89
CA THR J 83 7.42 -42.58 -8.00
C THR J 83 8.17 -43.14 -9.20
N GLN J 84 9.34 -43.73 -8.97
CA GLN J 84 10.14 -44.29 -10.08
C GLN J 84 9.37 -45.38 -10.84
N GLU J 85 8.72 -46.28 -10.11
CA GLU J 85 7.97 -47.34 -10.77
C GLU J 85 6.76 -46.78 -11.53
N MET J 86 6.11 -45.76 -10.96
CA MET J 86 4.91 -45.20 -11.58
C MET J 86 5.26 -44.54 -12.92
N LEU J 87 6.37 -43.80 -12.95
CA LEU J 87 6.85 -43.20 -14.19
C LEU J 87 7.22 -44.28 -15.20
N GLN J 88 7.92 -45.33 -14.77
CA GLN J 88 8.33 -46.36 -15.71
C GLN J 88 7.12 -47.13 -16.21
N CYS J 89 6.12 -47.34 -15.35
CA CYS J 89 4.84 -47.92 -15.77
C CYS J 89 4.17 -47.07 -16.84
N ASP J 90 4.14 -45.76 -16.64
CA ASP J 90 3.55 -44.87 -17.63
C ASP J 90 4.31 -45.01 -18.94
N LEU J 91 5.64 -45.01 -18.87
CA LEU J 91 6.46 -45.13 -20.06
C LEU J 91 6.23 -46.45 -20.78
N ASN J 92 6.17 -47.56 -20.04
CA ASN J 92 5.90 -48.84 -20.70
C ASN J 92 4.57 -48.81 -21.45
N LEU J 93 3.54 -48.21 -20.84
CA LEU J 93 2.25 -48.08 -21.52
C LEU J 93 2.36 -47.22 -22.76
N GLU J 94 3.08 -46.10 -22.67
CA GLU J 94 3.19 -45.22 -23.83
C GLU J 94 3.93 -45.92 -24.98
N LEU J 95 4.94 -46.71 -24.65
CA LEU J 95 5.68 -47.41 -25.71
C LEU J 95 4.81 -48.46 -26.42
N LYS J 96 3.95 -49.16 -25.68
CA LYS J 96 2.96 -50.01 -26.34
C LYS J 96 2.00 -49.18 -27.19
N ALA J 97 1.57 -48.03 -26.67
CA ALA J 97 0.58 -47.20 -27.35
C ALA J 97 1.11 -46.68 -28.67
N THR J 98 2.38 -46.29 -28.72
CA THR J 98 2.88 -45.71 -29.94
C THR J 98 3.14 -46.79 -31.00
N LYS J 99 3.50 -48.00 -30.55
CA LYS J 99 3.62 -49.14 -31.46
C LYS J 99 2.28 -49.42 -32.14
N ASP J 100 1.20 -49.44 -31.36
CA ASP J 100 -0.11 -49.69 -31.93
C ASP J 100 -0.56 -48.55 -32.83
N LEU J 101 -0.19 -47.31 -32.48
CA LEU J 101 -0.55 -46.17 -33.32
C LEU J 101 0.13 -46.24 -34.69
N ARG J 102 1.41 -46.60 -34.69
CA ARG J 102 2.13 -46.75 -35.95
C ARG J 102 1.49 -47.82 -36.82
N GLU J 103 1.12 -48.96 -36.22
CA GLU J 103 0.47 -50.03 -37.00
C GLU J 103 -0.89 -49.58 -37.52
N ALA J 104 -1.65 -48.84 -36.70
CA ALA J 104 -2.93 -48.33 -37.16
C ALA J 104 -2.75 -47.34 -38.31
N ILE J 105 -1.74 -46.47 -38.22
CA ILE J 105 -1.51 -45.51 -39.28
C ILE J 105 -1.19 -46.23 -40.60
N VAL J 106 -0.37 -47.28 -40.53
CA VAL J 106 -0.04 -48.07 -41.72
C VAL J 106 -1.29 -48.55 -42.41
N HIS J 107 -2.19 -49.14 -41.64
CA HIS J 107 -3.40 -49.65 -42.25
C HIS J 107 -4.28 -48.54 -42.80
N CYS J 108 -4.47 -47.44 -42.05
CA CYS J 108 -5.28 -46.34 -42.57
C CYS J 108 -4.75 -45.86 -43.92
N GLU J 109 -3.43 -45.70 -44.04
CA GLU J 109 -2.82 -45.27 -45.29
C GLU J 109 -3.11 -46.25 -46.42
N GLN J 110 -3.00 -47.56 -46.13
CA GLN J 110 -3.16 -48.57 -47.18
C GLN J 110 -4.57 -48.66 -47.72
N VAL J 111 -5.58 -48.29 -46.93
CA VAL J 111 -6.97 -48.28 -47.39
C VAL J 111 -7.46 -46.85 -47.66
N HIS J 112 -6.55 -45.87 -47.69
CA HIS J 112 -6.85 -44.51 -48.13
C HIS J 112 -7.77 -43.74 -47.16
N ASP J 113 -7.77 -44.12 -45.88
CA ASP J 113 -8.57 -43.37 -44.88
C ASP J 113 -7.62 -42.34 -44.27
N TYR J 114 -7.41 -41.28 -45.04
CA TYR J 114 -6.39 -40.30 -44.72
C TYR J 114 -6.80 -39.40 -43.56
N VAL J 115 -8.10 -39.27 -43.30
CA VAL J 115 -8.54 -38.46 -42.17
C VAL J 115 -8.31 -39.21 -40.86
N SER J 116 -8.65 -40.51 -40.81
CA SER J 116 -8.27 -41.32 -39.66
C SER J 116 -6.77 -41.32 -39.44
N ARG J 117 -5.99 -41.44 -40.52
CA ARG J 117 -4.55 -41.35 -40.37
C ARG J 117 -4.14 -40.04 -39.72
N ASP J 118 -4.77 -38.94 -40.11
CA ASP J 118 -4.37 -37.65 -39.57
C ASP J 118 -4.73 -37.54 -38.08
N LEU J 119 -5.91 -38.01 -37.70
CA LEU J 119 -6.24 -38.12 -36.28
C LEU J 119 -5.19 -38.90 -35.51
N LEU J 120 -4.85 -40.10 -35.99
CA LEU J 120 -3.89 -40.92 -35.27
C LEU J 120 -2.51 -40.27 -35.22
N LYS J 121 -2.14 -39.55 -36.26
CA LYS J 121 -0.83 -38.87 -36.24
C LYS J 121 -0.79 -37.80 -35.15
N ASP J 122 -1.87 -37.03 -35.01
CA ASP J 122 -1.95 -36.01 -33.96
C ASP J 122 -1.86 -36.64 -32.57
N ILE J 123 -2.55 -37.78 -32.37
CA ILE J 123 -2.45 -38.49 -31.10
C ILE J 123 -1.03 -38.99 -30.87
N LEU J 124 -0.38 -39.50 -31.93
CA LEU J 124 0.99 -39.99 -31.80
C LEU J 124 1.93 -38.86 -31.42
N GLU J 125 1.69 -37.66 -31.95
CA GLU J 125 2.50 -36.51 -31.58
C GLU J 125 2.36 -36.23 -30.08
N SER J 126 1.14 -36.36 -29.55
N SER J 126 1.14 -36.33 -29.55
CA SER J 126 0.89 -36.15 -28.13
CA SER J 126 0.95 -36.14 -28.11
C SER J 126 1.49 -37.26 -27.27
C SER J 126 1.60 -37.26 -27.31
N GLU J 127 1.45 -38.51 -27.77
CA GLU J 127 2.06 -39.60 -27.04
C GLU J 127 3.58 -39.48 -27.03
N GLU J 128 4.18 -39.03 -28.14
CA GLU J 128 5.63 -38.85 -28.17
C GLU J 128 6.08 -37.70 -27.28
N GLU J 129 5.26 -36.65 -27.16
CA GLU J 129 5.51 -35.64 -26.14
C GLU J 129 5.49 -36.22 -24.74
N HIS J 130 4.55 -37.14 -24.47
CA HIS J 130 4.47 -37.76 -23.16
C HIS J 130 5.67 -38.67 -22.91
N ILE J 131 6.16 -39.34 -23.96
CA ILE J 131 7.37 -40.14 -23.80
C ILE J 131 8.55 -39.26 -23.45
N ASP J 132 8.69 -38.13 -24.12
CA ASP J 132 9.76 -37.17 -23.82
C ASP J 132 9.70 -36.73 -22.35
N TYR J 133 8.52 -36.32 -21.90
CA TYR J 133 8.34 -35.97 -20.49
C TYR J 133 8.83 -37.09 -19.57
N LEU J 134 8.33 -38.32 -19.77
CA LEU J 134 8.67 -39.45 -18.91
C LEU J 134 10.16 -39.76 -18.95
N GLU J 135 10.74 -39.87 -20.14
CA GLU J 135 12.17 -40.12 -20.23
C GLU J 135 12.94 -39.04 -19.49
N THR J 136 12.47 -37.81 -19.59
CA THR J 136 13.19 -36.69 -19.01
C THR J 136 13.13 -36.76 -17.49
N GLN J 137 11.97 -37.15 -16.94
CA GLN J 137 11.83 -37.27 -15.49
C GLN J 137 12.73 -38.37 -14.97
N LEU J 138 12.76 -39.50 -15.67
CA LEU J 138 13.56 -40.61 -15.20
C LEU J 138 15.03 -40.25 -15.28
N GLY J 139 15.43 -39.50 -16.31
CA GLY J 139 16.80 -39.00 -16.36
C GLY J 139 17.11 -37.98 -15.27
N LEU J 140 16.16 -37.12 -14.95
CA LEU J 140 16.38 -36.14 -13.89
C LEU J 140 16.58 -36.80 -12.54
N ILE J 141 15.82 -37.88 -12.27
CA ILE J 141 16.03 -38.60 -11.03
C ILE J 141 17.48 -39.03 -10.91
N GLN J 142 18.08 -39.46 -12.01
CA GLN J 142 19.49 -39.86 -11.94
C GLN J 142 20.39 -38.66 -11.79
N LYS J 143 20.03 -37.52 -12.37
CA LYS J 143 20.96 -36.40 -12.35
C LYS J 143 20.92 -35.63 -11.02
N VAL J 144 19.74 -35.45 -10.42
CA VAL J 144 19.62 -34.64 -9.21
C VAL J 144 19.38 -35.51 -7.97
N GLY J 145 19.21 -36.81 -8.14
CA GLY J 145 18.92 -37.70 -7.01
C GLY J 145 17.44 -37.76 -6.71
N LEU J 146 17.01 -38.90 -6.14
CA LEU J 146 15.57 -39.08 -5.92
C LEU J 146 15.03 -38.08 -4.91
N GLU J 147 15.76 -37.84 -3.82
CA GLU J 147 15.24 -36.94 -2.79
C GLU J 147 15.03 -35.52 -3.31
N ASN J 148 15.98 -34.99 -4.08
CA ASN J 148 15.79 -33.67 -4.69
C ASN J 148 14.66 -33.71 -5.73
N TYR J 149 14.62 -34.78 -6.52
CA TYR J 149 13.61 -34.87 -7.57
C TYR J 149 12.23 -34.79 -6.93
N LEU J 150 12.01 -35.57 -5.87
CA LEU J 150 10.74 -35.52 -5.21
C LEU J 150 10.51 -34.16 -4.57
N GLN J 151 11.55 -33.60 -3.97
CA GLN J 151 11.41 -32.28 -3.34
C GLN J 151 10.90 -31.27 -4.37
N SER J 152 11.47 -31.30 -5.58
CA SER J 152 11.10 -30.35 -6.60
C SER J 152 9.67 -30.55 -7.10
N HIS J 153 9.00 -31.63 -6.71
CA HIS J 153 7.63 -31.88 -7.17
C HIS J 153 6.63 -31.85 -6.03
N MET J 154 7.01 -31.24 -4.90
CA MET J 154 6.08 -31.14 -3.79
C MET J 154 5.04 -30.05 -4.02
N HIS J 155 5.48 -28.89 -4.52
CA HIS J 155 4.64 -27.71 -4.66
C HIS J 155 4.38 -27.40 -6.13
N GLU J 156 3.12 -27.09 -6.45
CA GLU J 156 2.79 -26.58 -7.77
C GLU J 156 3.35 -25.16 -7.93
N MET K 1 -33.00 -22.14 23.84
CA MET K 1 -33.66 -23.45 23.64
C MET K 1 -32.88 -24.51 24.43
N LYS K 2 -33.37 -24.93 25.59
CA LYS K 2 -32.54 -25.74 26.47
C LYS K 2 -32.16 -27.04 25.79
N GLY K 3 -30.87 -27.29 25.71
CA GLY K 3 -30.38 -28.50 25.08
C GLY K 3 -30.32 -29.68 26.04
N ASP K 4 -29.94 -30.83 25.47
CA ASP K 4 -29.68 -32.03 26.24
C ASP K 4 -28.44 -31.84 27.09
N LYS K 5 -28.52 -32.24 28.37
CA LYS K 5 -27.39 -32.07 29.28
C LYS K 5 -26.13 -32.75 28.75
N LYS K 6 -26.24 -34.00 28.32
CA LYS K 6 -25.02 -34.70 27.93
C LYS K 6 -24.53 -34.25 26.55
N VAL K 7 -25.43 -33.83 25.66
CA VAL K 7 -24.98 -33.14 24.45
C VAL K 7 -24.08 -31.97 24.83
N ILE K 8 -24.56 -31.11 25.73
CA ILE K 8 -23.76 -29.96 26.11
C ILE K 8 -22.41 -30.39 26.66
N GLN K 9 -22.38 -31.47 27.46
CA GLN K 9 -21.10 -31.92 28.00
C GLN K 9 -20.18 -32.41 26.88
N HIS K 10 -20.74 -33.09 25.90
CA HIS K 10 -19.94 -33.45 24.74
C HIS K 10 -19.42 -32.21 24.01
N LEU K 11 -20.29 -31.21 23.76
CA LEU K 11 -19.80 -30.02 23.08
C LEU K 11 -18.68 -29.36 23.86
N ASN K 12 -18.77 -29.37 25.20
CA ASN K 12 -17.70 -28.78 26.00
C ASN K 12 -16.42 -29.60 25.94
N LYS K 13 -16.53 -30.92 25.92
CA LYS K 13 -15.32 -31.72 25.74
C LYS K 13 -14.66 -31.41 24.39
N ILE K 14 -15.45 -31.35 23.32
CA ILE K 14 -14.86 -31.02 22.02
C ILE K 14 -14.28 -29.62 22.04
N LEU K 15 -14.99 -28.67 22.68
CA LEU K 15 -14.44 -27.32 22.85
C LEU K 15 -13.11 -27.35 23.57
N GLY K 16 -12.99 -28.17 24.62
CA GLY K 16 -11.72 -28.26 25.33
C GLY K 16 -10.59 -28.76 24.46
N ASN K 17 -10.89 -29.75 23.61
CA ASN K 17 -9.93 -30.19 22.59
C ASN K 17 -9.51 -29.06 21.66
N GLU K 18 -10.48 -28.33 21.11
CA GLU K 18 -10.14 -27.18 20.25
C GLU K 18 -9.27 -26.16 20.99
N LEU K 19 -9.55 -25.90 22.27
CA LEU K 19 -8.76 -24.92 23.00
C LEU K 19 -7.31 -25.37 23.16
N ILE K 20 -7.10 -26.65 23.45
CA ILE K 20 -5.74 -27.17 23.45
C ILE K 20 -5.12 -26.95 22.08
N ALA K 21 -5.86 -27.29 21.02
CA ALA K 21 -5.28 -27.23 19.67
C ALA K 21 -4.95 -25.80 19.28
N ILE K 22 -5.79 -24.82 19.67
CA ILE K 22 -5.48 -23.43 19.36
C ILE K 22 -4.09 -23.08 19.86
N ASN K 23 -3.83 -23.31 21.15
CA ASN K 23 -2.56 -22.91 21.73
C ASN K 23 -1.41 -23.74 21.21
N GLN K 24 -1.61 -25.04 21.03
CA GLN K 24 -0.49 -25.88 20.60
C GLN K 24 -0.05 -25.48 19.19
N TYR K 25 -1.02 -25.27 18.30
CA TYR K 25 -0.68 -24.90 16.92
C TYR K 25 -0.14 -23.50 16.88
N PHE K 26 -0.70 -22.59 17.69
CA PHE K 26 -0.15 -21.24 17.69
C PHE K 26 1.30 -21.24 18.15
N LEU K 27 1.63 -22.00 19.19
CA LEU K 27 3.02 -22.03 19.66
C LEU K 27 3.93 -22.68 18.62
N HIS K 28 3.50 -23.81 18.06
CA HIS K 28 4.28 -24.44 16.99
C HIS K 28 4.49 -23.48 15.82
N SER K 29 3.46 -22.75 15.45
CA SER K 29 3.61 -21.78 14.36
C SER K 29 4.74 -20.81 14.67
N ARG K 30 4.69 -20.22 15.86
CA ARG K 30 5.68 -19.20 16.18
C ARG K 30 7.06 -19.80 16.41
N MET K 31 7.13 -21.03 16.91
CA MET K 31 8.41 -21.73 16.95
C MET K 31 9.00 -21.89 15.54
N TRP K 32 8.21 -22.40 14.60
CA TRP K 32 8.75 -22.51 13.24
C TRP K 32 9.15 -21.15 12.68
N ASN K 33 8.35 -20.09 12.94
CA ASN K 33 8.75 -18.76 12.46
C ASN K 33 10.07 -18.35 13.05
N ASP K 34 10.21 -18.50 14.38
CA ASP K 34 11.48 -18.18 15.03
C ASP K 34 12.64 -18.94 14.40
N TRP K 35 12.43 -20.18 13.97
CA TRP K 35 13.54 -20.94 13.36
C TRP K 35 13.77 -20.59 11.90
N GLY K 36 12.96 -19.74 11.29
CA GLY K 36 13.21 -19.39 9.90
C GLY K 36 12.45 -20.23 8.89
N LEU K 37 11.52 -21.04 9.36
CA LEU K 37 10.74 -21.95 8.54
C LEU K 37 9.34 -21.34 8.37
N LYS K 38 9.29 -20.27 7.59
CA LYS K 38 8.11 -19.42 7.60
C LYS K 38 6.92 -20.06 6.90
N ARG K 39 7.16 -20.94 5.92
CA ARG K 39 6.04 -21.62 5.27
C ARG K 39 5.35 -22.59 6.22
N LEU K 40 6.12 -23.33 7.03
CA LEU K 40 5.54 -24.12 8.13
C LEU K 40 4.83 -23.22 9.13
N GLY K 41 5.48 -22.11 9.51
CA GLY K 41 4.84 -21.20 10.47
C GLY K 41 3.49 -20.69 9.97
N ALA K 42 3.45 -20.28 8.69
CA ALA K 42 2.21 -19.77 8.13
C ALA K 42 1.15 -20.85 8.08
N HIS K 43 1.51 -22.06 7.65
CA HIS K 43 0.51 -23.11 7.56
C HIS K 43 -0.02 -23.47 8.95
N GLU K 44 0.87 -23.60 9.94
CA GLU K 44 0.41 -23.93 11.29
C GLU K 44 -0.41 -22.78 11.89
N TYR K 45 -0.08 -21.55 11.54
CA TYR K 45 -0.89 -20.41 11.98
C TYR K 45 -2.32 -20.55 11.45
N HIS K 46 -2.46 -20.97 10.20
CA HIS K 46 -3.80 -21.12 9.63
C HIS K 46 -4.52 -22.30 10.24
N GLU K 47 -3.81 -23.35 10.64
CA GLU K 47 -4.46 -24.41 11.40
C GLU K 47 -4.96 -23.87 12.74
N SER K 48 -4.17 -23.05 13.42
CA SER K 48 -4.63 -22.49 14.68
C SER K 48 -5.89 -21.65 14.50
N ILE K 49 -5.91 -20.78 13.48
CA ILE K 49 -7.10 -19.98 13.19
C ILE K 49 -8.30 -20.87 12.92
N ASP K 50 -8.12 -21.98 12.18
CA ASP K 50 -9.22 -22.91 11.96
CA ASP K 50 -9.23 -22.91 11.96
C ASP K 50 -9.83 -23.39 13.27
N GLU K 51 -8.97 -23.76 14.23
CA GLU K 51 -9.51 -24.24 15.51
C GLU K 51 -10.21 -23.11 16.24
N MET K 52 -9.69 -21.88 16.14
CA MET K 52 -10.39 -20.75 16.73
C MET K 52 -11.80 -20.63 16.17
N LYS K 53 -11.97 -20.83 14.86
CA LYS K 53 -13.30 -20.69 14.28
C LYS K 53 -14.22 -21.82 14.74
N HIS K 54 -13.71 -23.06 14.81
CA HIS K 54 -14.48 -24.15 15.39
C HIS K 54 -14.89 -23.82 16.84
N ALA K 55 -13.93 -23.38 17.66
CA ALA K 55 -14.22 -23.04 19.07
C ALA K 55 -15.34 -22.01 19.15
N ASP K 56 -15.30 -21.00 18.26
CA ASP K 56 -16.34 -19.98 18.23
C ASP K 56 -17.70 -20.59 17.94
N LYS K 57 -17.76 -21.47 16.94
CA LYS K 57 -19.04 -22.09 16.63
C LYS K 57 -19.54 -22.98 17.78
N LEU K 58 -18.63 -23.65 18.47
CA LEU K 58 -19.03 -24.48 19.61
C LEU K 58 -19.56 -23.62 20.77
N ILE K 59 -18.84 -22.54 21.11
CA ILE K 59 -19.28 -21.57 22.12
C ILE K 59 -20.67 -21.05 21.79
N GLU K 60 -20.92 -20.73 20.51
CA GLU K 60 -22.22 -20.18 20.13
C GLU K 60 -23.32 -21.20 20.27
N ARG K 61 -23.06 -22.44 19.84
CA ARG K 61 -24.05 -23.50 19.97
C ARG K 61 -24.37 -23.79 21.44
N ILE K 62 -23.34 -23.86 22.29
CA ILE K 62 -23.55 -24.16 23.72
C ILE K 62 -24.41 -23.08 24.36
N LEU K 63 -24.10 -21.82 24.10
CA LEU K 63 -24.89 -20.73 24.64
C LEU K 63 -26.33 -20.77 24.13
N PHE K 64 -26.52 -21.11 22.86
CA PHE K 64 -27.87 -21.20 22.32
C PHE K 64 -28.67 -22.26 23.03
N LEU K 65 -28.01 -23.36 23.39
CA LEU K 65 -28.61 -24.47 24.12
C LEU K 65 -28.68 -24.22 25.62
N GLU K 66 -28.29 -23.03 26.06
CA GLU K 66 -28.43 -22.60 27.44
C GLU K 66 -27.47 -23.32 28.37
N GLY K 67 -26.35 -23.83 27.83
CA GLY K 67 -25.25 -24.30 28.64
C GLY K 67 -24.21 -23.23 28.87
N LEU K 68 -23.22 -23.58 29.70
CA LEU K 68 -22.09 -22.71 29.96
C LEU K 68 -20.86 -23.22 29.21
N PRO K 69 -20.32 -22.44 28.28
CA PRO K 69 -19.10 -22.85 27.58
C PRO K 69 -17.90 -22.80 28.50
N ASN K 70 -17.14 -23.90 28.57
CA ASN K 70 -16.02 -23.99 29.49
C ASN K 70 -14.77 -23.52 28.78
N LEU K 71 -14.35 -22.28 29.02
CA LEU K 71 -13.05 -21.81 28.56
C LEU K 71 -12.02 -21.78 29.66
N GLN K 72 -12.33 -22.31 30.84
CA GLN K 72 -11.44 -22.19 32.00
C GLN K 72 -10.44 -23.32 32.07
N ASP K 73 -10.90 -24.55 31.82
CA ASP K 73 -10.04 -25.73 31.91
C ASP K 73 -9.36 -25.92 30.56
N LEU K 74 -8.05 -25.98 30.59
CA LEU K 74 -7.23 -26.23 29.43
C LEU K 74 -6.48 -27.53 29.69
N GLY K 75 -6.67 -28.51 28.81
CA GLY K 75 -5.93 -29.75 28.88
C GLY K 75 -4.46 -29.58 28.54
N LYS K 76 -3.76 -30.71 28.50
CA LYS K 76 -2.32 -30.71 28.32
C LYS K 76 -1.93 -30.41 26.87
N LEU K 77 -1.05 -29.44 26.68
CA LEU K 77 -0.52 -29.13 25.37
C LEU K 77 0.64 -30.06 25.05
N LEU K 78 0.70 -30.51 23.81
CA LEU K 78 1.73 -31.44 23.34
C LEU K 78 2.69 -30.65 22.47
N ILE K 79 3.79 -30.19 23.05
CA ILE K 79 4.72 -29.32 22.35
C ILE K 79 5.94 -30.14 21.96
N GLY K 80 6.26 -30.12 20.69
CA GLY K 80 7.44 -30.84 20.23
C GLY K 80 8.69 -30.01 20.37
N GLU K 81 9.83 -30.67 20.22
CA GLU K 81 11.12 -29.97 20.27
C GLU K 81 11.74 -29.83 18.90
N ASN K 82 11.22 -30.55 17.90
CA ASN K 82 11.72 -30.40 16.55
C ASN K 82 10.55 -30.66 15.60
N THR K 83 10.79 -30.36 14.33
CA THR K 83 9.69 -30.34 13.37
C THR K 83 8.92 -31.65 13.37
N GLN K 84 9.62 -32.76 13.29
CA GLN K 84 8.94 -34.05 13.20
C GLN K 84 8.09 -34.33 14.43
N GLU K 85 8.65 -34.10 15.63
CA GLU K 85 7.87 -34.29 16.87
C GLU K 85 6.70 -33.33 16.93
N MET K 86 6.89 -32.11 16.47
CA MET K 86 5.80 -31.13 16.48
C MET K 86 4.63 -31.61 15.63
N LEU K 87 4.92 -32.10 14.43
CA LEU K 87 3.85 -32.63 13.58
C LEU K 87 3.21 -33.86 14.22
N GLN K 88 4.01 -34.73 14.85
CA GLN K 88 3.41 -35.92 15.47
C GLN K 88 2.55 -35.54 16.67
N CYS K 89 3.00 -34.56 17.46
CA CYS K 89 2.17 -34.04 18.55
C CYS K 89 0.85 -33.49 18.01
N ASP K 90 0.89 -32.74 16.90
CA ASP K 90 -0.37 -32.30 16.30
C ASP K 90 -1.23 -33.51 15.91
N LEU K 91 -0.61 -34.50 15.28
CA LEU K 91 -1.38 -35.66 14.83
C LEU K 91 -2.00 -36.41 16.00
N ASN K 92 -1.21 -36.67 17.06
CA ASN K 92 -1.76 -37.31 18.24
C ASN K 92 -2.97 -36.57 18.77
N LEU K 93 -2.88 -35.24 18.82
CA LEU K 93 -3.99 -34.43 19.29
C LEU K 93 -5.20 -34.61 18.41
N GLU K 94 -5.00 -34.58 17.08
CA GLU K 94 -6.14 -34.69 16.16
C GLU K 94 -6.80 -36.05 16.27
N LEU K 95 -6.01 -37.09 16.46
CA LEU K 95 -6.60 -38.42 16.55
C LEU K 95 -7.44 -38.54 17.82
N LYS K 96 -7.02 -37.91 18.92
CA LYS K 96 -7.88 -37.83 20.08
C LYS K 96 -9.14 -37.02 19.77
N ALA K 97 -8.98 -35.90 19.07
CA ALA K 97 -10.12 -35.04 18.81
C ALA K 97 -11.19 -35.73 17.98
N THR K 98 -10.77 -36.53 16.98
CA THR K 98 -11.74 -37.17 16.09
C THR K 98 -12.45 -38.33 16.80
N LYS K 99 -11.74 -39.06 17.66
CA LYS K 99 -12.42 -40.03 18.52
C LYS K 99 -13.52 -39.34 19.34
N ASP K 100 -13.17 -38.23 20.02
CA ASP K 100 -14.17 -37.50 20.80
C ASP K 100 -15.32 -37.00 19.92
N LEU K 101 -15.02 -36.49 18.71
CA LEU K 101 -16.09 -36.03 17.84
C LEU K 101 -17.06 -37.16 17.50
N ARG K 102 -16.52 -38.35 17.27
CA ARG K 102 -17.36 -39.49 16.89
C ARG K 102 -18.34 -39.87 18.01
N GLU K 103 -17.83 -40.00 19.24
CA GLU K 103 -18.70 -40.29 20.37
C GLU K 103 -19.78 -39.24 20.52
N ALA K 104 -19.41 -37.97 20.38
CA ALA K 104 -20.40 -36.90 20.50
C ALA K 104 -21.48 -37.03 19.47
N ILE K 105 -21.10 -37.40 18.24
CA ILE K 105 -22.08 -37.53 17.19
C ILE K 105 -23.02 -38.69 17.48
N VAL K 106 -22.51 -39.81 18.01
CA VAL K 106 -23.44 -40.89 18.34
C VAL K 106 -24.51 -40.39 19.31
N HIS K 107 -24.10 -39.59 20.31
CA HIS K 107 -25.07 -39.18 21.32
C HIS K 107 -26.04 -38.14 20.77
N CYS K 108 -25.54 -37.16 20.01
CA CYS K 108 -26.44 -36.22 19.34
C CYS K 108 -27.50 -36.95 18.54
N GLU K 109 -27.09 -37.99 17.80
CA GLU K 109 -28.04 -38.75 17.00
C GLU K 109 -29.06 -39.43 17.89
N GLN K 110 -28.59 -40.03 18.98
CA GLN K 110 -29.48 -40.75 19.89
C GLN K 110 -30.54 -39.83 20.48
N VAL K 111 -30.18 -38.60 20.82
CA VAL K 111 -31.16 -37.69 21.44
C VAL K 111 -31.78 -36.75 20.40
N HIS K 112 -31.48 -36.94 19.13
CA HIS K 112 -32.14 -36.25 18.00
C HIS K 112 -31.74 -34.79 17.91
N ASP K 113 -30.53 -34.44 18.32
CA ASP K 113 -30.03 -33.08 18.17
C ASP K 113 -29.26 -33.04 16.84
N TYR K 114 -30.03 -33.04 15.77
CA TYR K 114 -29.45 -33.15 14.42
C TYR K 114 -28.64 -31.92 14.04
N VAL K 115 -29.01 -30.74 14.52
CA VAL K 115 -28.20 -29.56 14.25
C VAL K 115 -26.84 -29.68 14.93
N SER K 116 -26.81 -30.07 16.20
CA SER K 116 -25.51 -30.23 16.83
C SER K 116 -24.70 -31.33 16.12
N ARG K 117 -25.36 -32.42 15.72
CA ARG K 117 -24.67 -33.44 14.93
C ARG K 117 -24.02 -32.85 13.67
N ASP K 118 -24.78 -32.05 12.91
CA ASP K 118 -24.27 -31.46 11.66
C ASP K 118 -23.06 -30.55 11.92
N LEU K 119 -23.10 -29.74 12.97
CA LEU K 119 -21.95 -28.91 13.31
C LEU K 119 -20.72 -29.76 13.60
N LEU K 120 -20.90 -30.83 14.39
CA LEU K 120 -19.78 -31.69 14.71
C LEU K 120 -19.26 -32.42 13.48
N LYS K 121 -20.18 -32.89 12.62
CA LYS K 121 -19.76 -33.48 11.36
C LYS K 121 -18.87 -32.51 10.58
N ASP K 122 -19.27 -31.22 10.51
CA ASP K 122 -18.46 -30.25 9.78
C ASP K 122 -17.08 -30.08 10.42
N ILE K 123 -17.02 -30.01 11.77
CA ILE K 123 -15.71 -29.95 12.44
C ILE K 123 -14.91 -31.22 12.16
N LEU K 124 -15.57 -32.38 12.25
CA LEU K 124 -14.87 -33.63 11.96
C LEU K 124 -14.29 -33.65 10.55
N GLU K 125 -15.00 -33.06 9.58
CA GLU K 125 -14.41 -32.98 8.23
C GLU K 125 -13.14 -32.17 8.24
N SER K 126 -13.15 -31.02 8.92
N SER K 126 -13.14 -31.03 8.93
CA SER K 126 -11.96 -30.18 9.04
CA SER K 126 -11.94 -30.21 9.01
C SER K 126 -10.83 -30.93 9.74
C SER K 126 -10.82 -30.93 9.73
N GLU K 127 -11.14 -31.61 10.85
CA GLU K 127 -10.10 -32.34 11.57
C GLU K 127 -9.51 -33.48 10.71
N GLU K 128 -10.35 -34.17 9.92
CA GLU K 128 -9.80 -35.18 9.03
C GLU K 128 -8.95 -34.55 7.92
N GLU K 129 -9.30 -33.35 7.45
CA GLU K 129 -8.38 -32.65 6.54
C GLU K 129 -7.04 -32.37 7.20
N HIS K 130 -7.05 -31.96 8.46
CA HIS K 130 -5.79 -31.68 9.13
C HIS K 130 -4.97 -32.94 9.33
N ILE K 131 -5.64 -34.06 9.65
CA ILE K 131 -4.95 -35.32 9.76
C ILE K 131 -4.27 -35.67 8.44
N ASP K 132 -4.99 -35.47 7.33
CA ASP K 132 -4.40 -35.68 6.00
C ASP K 132 -3.14 -34.83 5.83
N TYR K 133 -3.24 -33.54 6.14
CA TYR K 133 -2.08 -32.67 5.99
C TYR K 133 -0.90 -33.19 6.83
N LEU K 134 -1.17 -33.56 8.09
CA LEU K 134 -0.10 -34.00 8.99
C LEU K 134 0.53 -35.31 8.54
N GLU K 135 -0.31 -36.31 8.26
CA GLU K 135 0.20 -37.58 7.76
C GLU K 135 1.07 -37.37 6.52
N THR K 136 0.64 -36.48 5.64
CA THR K 136 1.36 -36.24 4.40
C THR K 136 2.72 -35.56 4.66
N GLN K 137 2.76 -34.61 5.59
CA GLN K 137 4.03 -33.97 5.90
C GLN K 137 5.01 -34.99 6.47
N LEU K 138 4.52 -35.89 7.33
CA LEU K 138 5.38 -36.92 7.89
C LEU K 138 5.90 -37.85 6.81
N GLY K 139 5.06 -38.21 5.84
CA GLY K 139 5.52 -39.04 4.74
C GLY K 139 6.51 -38.33 3.84
N LEU K 140 6.29 -37.03 3.59
CA LEU K 140 7.23 -36.26 2.77
C LEU K 140 8.61 -36.20 3.40
N ILE K 141 8.65 -35.95 4.72
CA ILE K 141 9.93 -35.98 5.42
C ILE K 141 10.68 -37.28 5.12
N GLN K 142 9.95 -38.40 5.14
CA GLN K 142 10.58 -39.70 4.85
C GLN K 142 11.03 -39.77 3.39
N LYS K 143 10.20 -39.28 2.46
CA LYS K 143 10.53 -39.40 1.04
C LYS K 143 11.64 -38.44 0.60
N VAL K 144 11.61 -37.18 1.04
CA VAL K 144 12.60 -36.24 0.53
C VAL K 144 13.72 -35.99 1.55
N GLY K 145 13.60 -36.51 2.77
CA GLY K 145 14.56 -36.21 3.84
C GLY K 145 14.24 -34.92 4.57
N LEU K 146 14.59 -34.87 5.87
CA LEU K 146 14.24 -33.71 6.68
C LEU K 146 14.89 -32.44 6.13
N GLU K 147 16.17 -32.50 5.75
CA GLU K 147 16.83 -31.27 5.31
C GLU K 147 16.13 -30.66 4.10
N ASN K 148 15.77 -31.49 3.10
CA ASN K 148 15.04 -30.95 1.94
C ASN K 148 13.65 -30.50 2.35
N TYR K 149 12.99 -31.25 3.24
CA TYR K 149 11.65 -30.85 3.65
C TYR K 149 11.69 -29.46 4.30
N LEU K 150 12.64 -29.26 5.20
CA LEU K 150 12.76 -27.97 5.88
C LEU K 150 13.19 -26.88 4.91
N GLN K 151 14.10 -27.21 3.98
CA GLN K 151 14.48 -26.26 2.95
C GLN K 151 13.24 -25.75 2.22
N SER K 152 12.33 -26.67 1.87
CA SER K 152 11.13 -26.30 1.11
C SER K 152 10.13 -25.54 1.93
N HIS K 153 10.38 -25.35 3.22
CA HIS K 153 9.46 -24.63 4.06
C HIS K 153 10.08 -23.39 4.67
N MET K 154 11.23 -22.96 4.16
CA MET K 154 11.86 -21.74 4.65
C MET K 154 11.06 -20.51 4.25
N HIS K 155 10.61 -20.46 3.00
CA HIS K 155 10.03 -19.25 2.38
C HIS K 155 8.57 -19.49 2.08
N GLU K 156 7.74 -18.47 2.29
CA GLU K 156 6.31 -18.58 1.97
C GLU K 156 6.09 -18.56 0.46
N MET L 1 9.56 31.59 -59.09
CA MET L 1 8.95 32.82 -59.66
C MET L 1 9.99 33.92 -59.59
N LYS L 2 10.48 34.42 -60.71
CA LYS L 2 11.67 35.27 -60.68
C LYS L 2 11.39 36.57 -59.96
N GLY L 3 12.16 36.82 -58.90
CA GLY L 3 11.98 38.00 -58.09
C GLY L 3 12.81 39.18 -58.55
N ASP L 4 12.44 40.35 -58.03
CA ASP L 4 13.20 41.56 -58.26
C ASP L 4 14.60 41.42 -57.66
N LYS L 5 15.62 41.77 -58.45
CA LYS L 5 17.00 41.50 -58.04
C LYS L 5 17.34 42.20 -56.74
N LYS L 6 17.04 43.50 -56.63
CA LYS L 6 17.42 44.21 -55.42
C LYS L 6 16.60 43.76 -54.23
N VAL L 7 15.40 43.23 -54.44
CA VAL L 7 14.66 42.65 -53.32
C VAL L 7 15.43 41.47 -52.74
N ILE L 8 15.90 40.59 -53.63
CA ILE L 8 16.68 39.44 -53.19
C ILE L 8 17.93 39.89 -52.45
N GLN L 9 18.54 41.00 -52.88
CA GLN L 9 19.72 41.49 -52.15
C GLN L 9 19.36 41.91 -50.74
N HIS L 10 18.24 42.61 -50.59
CA HIS L 10 17.77 43.00 -49.25
C HIS L 10 17.52 41.76 -48.39
N LEU L 11 16.77 40.80 -48.93
CA LEU L 11 16.50 39.56 -48.20
C LEU L 11 17.80 38.91 -47.75
N ASN L 12 18.77 38.84 -48.65
CA ASN L 12 20.07 38.29 -48.27
C ASN L 12 20.75 39.15 -47.22
N LYS L 13 20.57 40.46 -47.31
CA LYS L 13 21.13 41.28 -46.24
C LYS L 13 20.43 40.98 -44.93
N ILE L 14 19.09 40.88 -44.95
CA ILE L 14 18.39 40.53 -43.72
C ILE L 14 18.89 39.18 -43.22
N LEU L 15 19.05 38.22 -44.15
CA LEU L 15 19.49 36.88 -43.76
C LEU L 15 20.83 36.92 -43.07
N GLY L 16 21.76 37.74 -43.56
CA GLY L 16 23.05 37.85 -42.89
C GLY L 16 22.94 38.33 -41.46
N ASN L 17 22.01 39.25 -41.19
CA ASN L 17 21.82 39.71 -39.83
C ASN L 17 21.31 38.59 -38.94
N GLU L 18 20.29 37.86 -39.43
CA GLU L 18 19.78 36.72 -38.69
C GLU L 18 20.89 35.70 -38.44
N LEU L 19 21.70 35.41 -39.46
CA LEU L 19 22.80 34.46 -39.29
C LEU L 19 23.79 34.94 -38.22
N ILE L 20 24.10 36.24 -38.20
CA ILE L 20 24.93 36.77 -37.11
C ILE L 20 24.25 36.54 -35.76
N ALA L 21 22.96 36.83 -35.69
CA ALA L 21 22.24 36.75 -34.42
C ALA L 21 22.19 35.31 -33.89
N ILE L 22 21.90 34.36 -34.77
CA ILE L 22 21.86 32.95 -34.38
C ILE L 22 23.08 32.64 -33.54
N ASN L 23 24.27 32.89 -34.11
CA ASN L 23 25.51 32.51 -33.43
C ASN L 23 25.75 33.36 -32.19
N GLN L 24 25.47 34.66 -32.28
CA GLN L 24 25.72 35.54 -31.15
C GLN L 24 24.87 35.14 -29.96
N TYR L 25 23.57 34.91 -30.20
CA TYR L 25 22.69 34.53 -29.09
C TYR L 25 22.98 33.12 -28.61
N PHE L 26 23.27 32.18 -29.54
CA PHE L 26 23.58 30.82 -29.10
C PHE L 26 24.81 30.82 -28.20
N LEU L 27 25.85 31.59 -28.57
CA LEU L 27 27.04 31.61 -27.73
C LEU L 27 26.77 32.30 -26.39
N HIS L 28 26.04 33.43 -26.39
CA HIS L 28 25.69 34.06 -25.12
C HIS L 28 24.89 33.10 -24.24
N SER L 29 23.97 32.35 -24.85
CA SER L 29 23.18 31.40 -24.10
C SER L 29 24.07 30.39 -23.41
N ARG L 30 25.00 29.80 -24.16
CA ARG L 30 25.88 28.80 -23.56
C ARG L 30 26.88 29.42 -22.60
N MET L 31 27.27 30.68 -22.80
CA MET L 31 28.08 31.33 -21.78
C MET L 31 27.31 31.50 -20.48
N TRP L 32 26.06 31.95 -20.56
CA TRP L 32 25.28 32.15 -19.34
C TRP L 32 25.05 30.82 -18.62
N ASN L 33 24.76 29.76 -19.37
CA ASN L 33 24.59 28.46 -18.74
C ASN L 33 25.85 28.02 -18.02
N ASP L 34 26.99 28.18 -18.67
CA ASP L 34 28.26 27.79 -18.03
C ASP L 34 28.49 28.59 -16.75
N TRP L 35 28.05 29.86 -16.72
CA TRP L 35 28.16 30.67 -15.51
C TRP L 35 27.08 30.36 -14.48
N GLY L 36 26.13 29.48 -14.79
CA GLY L 36 25.11 29.16 -13.82
C GLY L 36 23.91 30.09 -13.81
N LEU L 37 23.78 30.92 -14.83
CA LEU L 37 22.65 31.84 -14.95
C LEU L 37 21.66 31.22 -15.94
N LYS L 38 21.02 30.14 -15.48
CA LYS L 38 20.26 29.27 -16.37
C LYS L 38 19.02 29.94 -16.94
N ARG L 39 18.41 30.86 -16.20
CA ARG L 39 17.23 31.50 -16.78
C ARG L 39 17.63 32.37 -17.97
N LEU L 40 18.75 33.11 -17.85
CA LEU L 40 19.24 33.87 -18.98
C LEU L 40 19.62 32.95 -20.12
N GLY L 41 20.33 31.86 -19.80
CA GLY L 41 20.76 30.93 -20.83
C GLY L 41 19.60 30.39 -21.63
N ALA L 42 18.52 30.00 -20.94
CA ALA L 42 17.38 29.43 -21.64
C ALA L 42 16.69 30.48 -22.50
N HIS L 43 16.50 31.68 -21.95
CA HIS L 43 15.83 32.70 -22.73
C HIS L 43 16.61 33.03 -23.99
N GLU L 44 17.93 33.15 -23.85
CA GLU L 44 18.80 33.50 -24.96
C GLU L 44 18.89 32.36 -25.98
N TYR L 45 18.82 31.10 -25.53
CA TYR L 45 18.61 29.98 -26.44
C TYR L 45 17.34 30.16 -27.27
N HIS L 46 16.22 30.46 -26.63
CA HIS L 46 14.99 30.62 -27.39
C HIS L 46 15.08 31.79 -28.37
N GLU L 47 15.82 32.85 -28.02
CA GLU L 47 16.05 33.92 -29.00
C GLU L 47 16.82 33.39 -30.20
N SER L 48 17.88 32.61 -29.94
CA SER L 48 18.62 31.99 -31.03
C SER L 48 17.71 31.15 -31.91
N ILE L 49 16.86 30.33 -31.31
CA ILE L 49 15.97 29.49 -32.10
C ILE L 49 15.07 30.36 -32.97
N ASP L 50 14.57 31.47 -32.42
CA ASP L 50 13.67 32.32 -33.18
CA ASP L 50 13.66 32.31 -33.18
C ASP L 50 14.38 32.94 -34.37
N GLU L 51 15.65 33.31 -34.21
CA GLU L 51 16.41 33.80 -35.36
C GLU L 51 16.65 32.67 -36.35
N MET L 52 16.84 31.44 -35.87
CA MET L 52 16.97 30.30 -36.80
C MET L 52 15.70 30.14 -37.64
N LYS L 53 14.53 30.28 -37.01
CA LYS L 53 13.29 30.14 -37.75
C LYS L 53 13.10 31.29 -38.74
N HIS L 54 13.59 32.49 -38.40
CA HIS L 54 13.49 33.61 -39.32
C HIS L 54 14.40 33.40 -40.53
N ALA L 55 15.63 32.97 -40.28
CA ALA L 55 16.54 32.65 -41.38
C ALA L 55 15.93 31.58 -42.29
N ASP L 56 15.30 30.57 -41.69
CA ASP L 56 14.67 29.54 -42.49
C ASP L 56 13.69 30.15 -43.47
N LYS L 57 12.80 31.05 -43.00
CA LYS L 57 11.80 31.62 -43.89
C LYS L 57 12.44 32.49 -44.96
N LEU L 58 13.50 33.23 -44.61
CA LEU L 58 14.18 34.05 -45.60
C LEU L 58 14.84 33.19 -46.69
N ILE L 59 15.56 32.15 -46.26
CA ILE L 59 16.11 31.17 -47.20
C ILE L 59 15.04 30.64 -48.12
N GLU L 60 13.92 30.20 -47.55
CA GLU L 60 12.86 29.64 -48.37
C GLU L 60 12.31 30.68 -49.35
N ARG L 61 12.15 31.92 -48.90
CA ARG L 61 11.64 32.96 -49.79
C ARG L 61 12.63 33.26 -50.93
N ILE L 62 13.92 33.35 -50.59
CA ILE L 62 14.92 33.66 -51.59
C ILE L 62 14.93 32.59 -52.67
N LEU L 63 14.76 31.33 -52.28
CA LEU L 63 14.80 30.25 -53.26
C LEU L 63 13.58 30.29 -54.16
N PHE L 64 12.41 30.56 -53.58
CA PHE L 64 11.20 30.75 -54.39
C PHE L 64 11.39 31.84 -55.43
N LEU L 65 12.03 32.94 -55.02
CA LEU L 65 12.34 34.06 -55.92
C LEU L 65 13.51 33.75 -56.86
N GLU L 66 14.05 32.53 -56.78
CA GLU L 66 15.10 32.06 -57.67
C GLU L 66 16.38 32.86 -57.49
N GLY L 67 16.65 33.27 -56.26
CA GLY L 67 17.93 33.78 -55.88
C GLY L 67 18.72 32.75 -55.10
N LEU L 68 19.93 33.15 -54.72
CA LEU L 68 20.85 32.31 -53.97
C LEU L 68 20.99 32.82 -52.55
N PRO L 69 20.53 32.06 -51.55
CA PRO L 69 20.70 32.48 -50.15
C PRO L 69 22.16 32.44 -49.77
N ASN L 70 22.61 33.48 -49.09
CA ASN L 70 24.01 33.56 -48.71
C ASN L 70 24.12 33.09 -47.27
N LEU L 71 24.61 31.85 -47.10
CA LEU L 71 24.99 31.36 -45.78
C LEU L 71 26.50 31.35 -45.57
N GLN L 72 27.27 31.79 -46.56
CA GLN L 72 28.74 31.76 -46.52
C GLN L 72 29.32 32.96 -45.79
N ASP L 73 28.80 34.15 -46.06
CA ASP L 73 29.34 35.38 -45.50
C ASP L 73 28.72 35.63 -44.13
N LEU L 74 29.58 35.71 -43.13
CA LEU L 74 29.16 35.87 -41.76
C LEU L 74 29.78 37.16 -41.22
N GLY L 75 28.93 38.12 -40.89
CA GLY L 75 29.40 39.36 -40.33
C GLY L 75 29.98 39.18 -38.94
N LYS L 76 30.28 40.31 -38.31
CA LYS L 76 30.99 40.34 -37.05
C LYS L 76 30.05 40.08 -35.88
N LEU L 77 30.42 39.13 -35.03
CA LEU L 77 29.62 38.80 -33.87
C LEU L 77 29.97 39.74 -32.73
N LEU L 78 28.94 40.26 -32.07
CA LEU L 78 29.12 41.21 -30.99
C LEU L 78 29.00 40.43 -29.69
N ILE L 79 30.13 39.89 -29.24
CA ILE L 79 30.17 39.00 -28.08
C ILE L 79 30.64 39.80 -26.90
N GLY L 80 29.79 39.86 -25.88
CA GLY L 80 30.18 40.51 -24.65
C GLY L 80 30.82 39.53 -23.72
N GLU L 81 31.46 40.08 -22.70
CA GLU L 81 32.17 39.29 -21.70
C GLU L 81 31.49 39.34 -20.35
N ASN L 82 30.35 40.01 -20.22
CA ASN L 82 29.59 39.95 -18.97
C ASN L 82 28.12 40.28 -19.27
N THR L 83 27.27 40.03 -18.29
CA THR L 83 25.84 40.03 -18.56
C THR L 83 25.41 41.37 -19.15
N GLN L 84 25.75 42.47 -18.47
CA GLN L 84 25.28 43.76 -18.96
C GLN L 84 25.79 44.01 -20.38
N GLU L 85 27.06 43.71 -20.66
CA GLU L 85 27.61 43.90 -22.01
C GLU L 85 26.92 43.02 -23.04
N MET L 86 26.63 41.76 -22.67
CA MET L 86 26.03 40.84 -23.63
C MET L 86 24.64 41.32 -24.05
N LEU L 87 23.84 41.76 -23.08
CA LEU L 87 22.56 42.35 -23.45
C LEU L 87 22.76 43.56 -24.34
N GLN L 88 23.73 44.43 -24.00
CA GLN L 88 23.92 45.61 -24.84
C GLN L 88 24.34 45.22 -26.26
N CYS L 89 25.18 44.17 -26.41
CA CYS L 89 25.53 43.73 -27.75
C CYS L 89 24.33 43.20 -28.51
N ASP L 90 23.48 42.42 -27.84
CA ASP L 90 22.27 41.94 -28.51
C ASP L 90 21.44 43.12 -28.97
N LEU L 91 21.32 44.13 -28.11
CA LEU L 91 20.52 45.30 -28.45
C LEU L 91 21.11 46.04 -29.64
N ASN L 92 22.43 46.28 -29.61
CA ASN L 92 23.08 46.93 -30.75
C ASN L 92 22.82 46.17 -32.04
N LEU L 93 22.95 44.84 -32.01
CA LEU L 93 22.64 44.05 -33.21
C LEU L 93 21.18 44.22 -33.62
N GLU L 94 20.25 44.20 -32.66
CA GLU L 94 18.84 44.33 -33.04
C GLU L 94 18.54 45.67 -33.70
N LEU L 95 19.15 46.75 -33.18
CA LEU L 95 18.90 48.06 -33.75
C LEU L 95 19.47 48.16 -35.16
N LYS L 96 20.65 47.56 -35.39
CA LYS L 96 21.12 47.40 -36.77
C LYS L 96 20.10 46.61 -37.59
N ALA L 97 19.57 45.53 -37.02
CA ALA L 97 18.68 44.65 -37.77
C ALA L 97 17.40 45.35 -38.21
N THR L 98 16.79 46.11 -37.29
CA THR L 98 15.52 46.77 -37.59
C THR L 98 15.69 47.88 -38.62
N LYS L 99 16.78 48.64 -38.54
CA LYS L 99 17.07 49.61 -39.59
C LYS L 99 17.11 48.94 -40.96
N ASP L 100 17.82 47.81 -41.08
CA ASP L 100 17.87 47.15 -42.39
C ASP L 100 16.52 46.60 -42.80
N LEU L 101 15.74 46.07 -41.84
CA LEU L 101 14.42 45.59 -42.21
C LEU L 101 13.57 46.72 -42.80
N ARG L 102 13.61 47.90 -42.19
CA ARG L 102 12.80 49.00 -42.69
C ARG L 102 13.22 49.39 -44.11
N GLU L 103 14.53 49.53 -44.34
CA GLU L 103 15.00 49.83 -45.69
C GLU L 103 14.53 48.77 -46.68
N ALA L 104 14.57 47.48 -46.29
CA ALA L 104 14.10 46.43 -47.20
C ALA L 104 12.61 46.54 -47.49
N ILE L 105 11.83 46.91 -46.47
CA ILE L 105 10.39 47.03 -46.67
C ILE L 105 10.08 48.16 -47.65
N VAL L 106 10.77 49.31 -47.51
CA VAL L 106 10.60 50.40 -48.47
C VAL L 106 10.73 49.88 -49.89
N HIS L 107 11.79 49.12 -50.16
CA HIS L 107 12.01 48.67 -51.53
C HIS L 107 10.97 47.65 -51.96
N CYS L 108 10.61 46.69 -51.09
CA CYS L 108 9.54 45.77 -51.45
C CYS L 108 8.27 46.51 -51.83
N GLU L 109 7.95 47.57 -51.07
CA GLU L 109 6.74 48.33 -51.36
C GLU L 109 6.82 48.98 -52.75
N GLN L 110 7.97 49.57 -53.07
CA GLN L 110 8.14 50.25 -54.37
C GLN L 110 7.95 49.30 -55.55
N VAL L 111 8.53 48.09 -55.47
CA VAL L 111 8.45 47.15 -56.58
C VAL L 111 7.24 46.24 -56.49
N HIS L 112 6.37 46.43 -55.50
CA HIS L 112 5.09 45.75 -55.38
C HIS L 112 5.26 44.29 -54.93
N ASP L 113 6.33 43.98 -54.22
CA ASP L 113 6.52 42.62 -53.72
C ASP L 113 5.89 42.57 -52.33
N TYR L 114 4.57 42.48 -52.31
CA TYR L 114 3.85 42.66 -51.05
C TYR L 114 3.99 41.45 -50.14
N VAL L 115 4.22 40.28 -50.72
CA VAL L 115 4.43 39.08 -49.91
C VAL L 115 5.74 39.17 -49.15
N SER L 116 6.83 39.47 -49.86
CA SER L 116 8.09 39.69 -49.18
C SER L 116 7.96 40.75 -48.10
N ARG L 117 7.23 41.83 -48.40
CA ARG L 117 7.07 42.87 -47.39
C ARG L 117 6.43 42.29 -46.14
N ASP L 118 5.40 41.47 -46.35
CA ASP L 118 4.66 40.93 -45.22
C ASP L 118 5.54 40.04 -44.38
N LEU L 119 6.39 39.24 -45.02
CA LEU L 119 7.35 38.45 -44.30
C LEU L 119 8.31 39.32 -43.52
N LEU L 120 8.76 40.44 -44.11
CA LEU L 120 9.72 41.29 -43.39
C LEU L 120 9.04 42.01 -42.23
N LYS L 121 7.79 42.43 -42.41
CA LYS L 121 7.05 43.02 -41.31
C LYS L 121 6.91 42.04 -40.14
N ASP L 122 6.70 40.76 -40.44
CA ASP L 122 6.56 39.79 -39.36
C ASP L 122 7.87 39.67 -38.60
N ILE L 123 8.99 39.64 -39.33
CA ILE L 123 10.29 39.55 -38.68
C ILE L 123 10.53 40.80 -37.84
N LEU L 124 10.22 41.97 -38.40
CA LEU L 124 10.40 43.22 -37.67
C LEU L 124 9.63 43.22 -36.36
N GLU L 125 8.41 42.67 -36.38
CA GLU L 125 7.62 42.56 -35.15
C GLU L 125 8.34 41.72 -34.11
N SER L 126 8.92 40.59 -34.52
N SER L 126 8.91 40.59 -34.51
CA SER L 126 9.64 39.76 -33.56
CA SER L 126 9.65 39.76 -33.58
C SER L 126 10.89 40.48 -33.05
C SER L 126 10.88 40.49 -33.05
N GLU L 127 11.60 41.19 -33.94
CA GLU L 127 12.81 41.88 -33.50
C GLU L 127 12.47 43.07 -32.59
N GLU L 128 11.38 43.77 -32.87
CA GLU L 128 10.99 44.83 -31.93
C GLU L 128 10.61 44.23 -30.57
N GLU L 129 9.96 43.05 -30.54
CA GLU L 129 9.73 42.40 -29.25
C GLU L 129 11.06 42.07 -28.56
N HIS L 130 12.03 41.58 -29.33
CA HIS L 130 13.37 41.33 -28.78
C HIS L 130 13.96 42.60 -28.18
N ILE L 131 13.87 43.72 -28.91
CA ILE L 131 14.36 44.99 -28.38
C ILE L 131 13.65 45.33 -27.08
N ASP L 132 12.31 45.21 -27.07
CA ASP L 132 11.58 45.42 -25.83
C ASP L 132 12.19 44.61 -24.70
N TYR L 133 12.39 43.31 -24.95
CA TYR L 133 12.96 42.45 -23.93
C TYR L 133 14.29 43.00 -23.43
N LEU L 134 15.19 43.35 -24.35
CA LEU L 134 16.54 43.77 -23.96
C LEU L 134 16.52 45.09 -23.21
N GLU L 135 15.78 46.09 -23.73
CA GLU L 135 15.67 47.36 -23.01
C GLU L 135 15.13 47.12 -21.60
N THR L 136 14.08 46.31 -21.48
CA THR L 136 13.56 45.98 -20.17
C THR L 136 14.61 45.33 -19.27
N GLN L 137 15.44 44.42 -19.79
CA GLN L 137 16.46 43.81 -18.92
C GLN L 137 17.48 44.84 -18.45
N LEU L 138 17.96 45.67 -19.37
CA LEU L 138 18.92 46.70 -18.99
C LEU L 138 18.32 47.64 -17.96
N GLY L 139 17.06 48.03 -18.16
CA GLY L 139 16.38 48.81 -17.14
C GLY L 139 16.28 48.09 -15.82
N LEU L 140 15.93 46.80 -15.83
CA LEU L 140 15.83 46.11 -14.56
C LEU L 140 17.16 46.09 -13.83
N ILE L 141 18.27 45.94 -14.56
CA ILE L 141 19.57 45.90 -13.89
C ILE L 141 19.74 47.16 -13.04
N GLN L 142 19.33 48.31 -13.57
CA GLN L 142 19.45 49.53 -12.78
C GLN L 142 18.47 49.55 -11.61
N LYS L 143 17.25 49.05 -11.81
CA LYS L 143 16.25 49.19 -10.75
C LYS L 143 16.53 48.26 -9.57
N VAL L 144 16.90 47.01 -9.83
CA VAL L 144 17.08 46.03 -8.75
C VAL L 144 18.55 45.83 -8.37
N GLY L 145 19.47 46.29 -9.20
CA GLY L 145 20.87 46.08 -8.92
C GLY L 145 21.38 44.88 -9.70
N LEU L 146 22.65 44.94 -10.08
CA LEU L 146 23.22 43.85 -10.88
C LEU L 146 23.20 42.53 -10.10
N GLU L 147 23.57 42.56 -8.82
CA GLU L 147 23.63 41.32 -8.05
C GLU L 147 22.26 40.64 -7.99
N ASN L 148 21.23 41.42 -7.63
CA ASN L 148 19.86 40.88 -7.55
C ASN L 148 19.36 40.42 -8.92
N TYR L 149 19.68 41.18 -9.98
CA TYR L 149 19.25 40.78 -11.30
C TYR L 149 19.88 39.46 -11.68
N LEU L 150 21.13 39.24 -11.31
CA LEU L 150 21.75 37.96 -11.65
C LEU L 150 21.15 36.84 -10.82
N GLN L 151 20.95 37.11 -9.53
CA GLN L 151 20.35 36.14 -8.64
C GLN L 151 19.00 35.64 -9.16
N SER L 152 18.20 36.56 -9.69
CA SER L 152 16.89 36.25 -10.24
C SER L 152 16.98 35.48 -11.54
N HIS L 153 18.18 35.27 -12.08
CA HIS L 153 18.33 34.56 -13.33
C HIS L 153 19.19 33.31 -13.17
N MET L 154 19.44 32.86 -11.94
CA MET L 154 20.16 31.61 -11.72
C MET L 154 19.31 30.40 -12.07
N HIS L 155 18.07 30.35 -11.59
CA HIS L 155 17.21 29.20 -11.73
C HIS L 155 16.12 29.46 -12.78
N GLU L 156 15.73 28.40 -13.48
CA GLU L 156 14.70 28.54 -14.52
C GLU L 156 13.28 28.55 -13.94
#